data_7BOK
#
_entry.id   7BOK
#
_cell.length_a   1.00
_cell.length_b   1.00
_cell.length_c   1.00
_cell.angle_alpha   90.00
_cell.angle_beta   90.00
_cell.angle_gamma   90.00
#
_symmetry.space_group_name_H-M   'P 1'
#
loop_
_entity.id
_entity.type
_entity.pdbx_description
1 polymer 'Dyp-type peroxidase'
2 non-polymer 'PROTOPORPHYRIN IX CONTAINING FE'
#
_entity_poly.entity_id   1
_entity_poly.type   'polypeptide(L)'
_entity_poly.pdbx_seq_one_letter_code
;MPAPQPQPVLAPLTPAAVFLVATIDEGQEATVYDALPDISGLVRAIGFRDPAKRLSAITSIGSDAWDRLFSGPRPAELHP
FREIDGGRHHAPATPGDLLFHLRAESMDVCFELATKLVEAMSGAITIVDETHGFRFFDNRDLMGFVDGTENPDGNLAVVA
TQIGDEDPDFAGGCYVHVQKYLHDMASWNSLSVEEQERVIGRTKLDDIELDDDVKPANSHVALNVIEDEDGNELKIIRHN
MPFGEIGKGEFGTYYIGYSRTPSVTERMLDNMFIGDPPGNTDRILDFSTAITGGLFFTPTVDFLDDPPPLPSEDDRAEPA
SAPSADPVHTDGSLGIGSLKGTR
;
_entity_poly.pdbx_strand_id   A,B,C,D,E,F
#
# COMPACT_ATOMS: atom_id res chain seq x y z
N ALA A 3 -24.77 18.36 17.14
CA ALA A 3 -23.87 18.85 18.18
C ALA A 3 -23.36 17.80 19.20
N PRO A 4 -24.15 16.79 19.61
CA PRO A 4 -23.53 15.68 20.34
C PRO A 4 -22.70 14.81 19.41
N GLN A 5 -21.39 14.82 19.60
CA GLN A 5 -20.50 13.98 18.81
C GLN A 5 -20.48 12.59 19.43
N PRO A 6 -20.86 11.54 18.71
CA PRO A 6 -20.84 10.20 19.28
C PRO A 6 -19.42 9.64 19.32
N GLN A 7 -19.28 8.55 20.06
CA GLN A 7 -18.03 7.81 20.09
C GLN A 7 -17.84 7.08 18.77
N PRO A 8 -16.59 6.84 18.34
CA PRO A 8 -16.37 6.22 17.03
C PRO A 8 -16.76 4.75 16.98
N VAL A 9 -18.06 4.49 16.99
CA VAL A 9 -18.60 3.16 16.79
C VAL A 9 -18.85 2.90 15.32
N LEU A 10 -19.20 3.94 14.57
CA LEU A 10 -19.44 3.84 13.13
C LEU A 10 -18.10 3.86 12.38
N ALA A 11 -17.30 2.83 12.60
CA ALA A 11 -16.01 2.68 11.99
C ALA A 11 -15.93 1.31 11.34
N PRO A 12 -15.16 1.16 10.25
CA PRO A 12 -15.01 -0.15 9.63
C PRO A 12 -14.22 -1.11 10.52
N LEU A 13 -14.33 -2.39 10.21
CA LEU A 13 -13.63 -3.41 10.97
C LEU A 13 -12.13 -3.31 10.71
N THR A 14 -11.37 -3.31 11.78
CA THR A 14 -9.95 -3.12 11.71
C THR A 14 -9.21 -4.45 11.85
N PRO A 15 -8.01 -4.58 11.29
CA PRO A 15 -7.32 -5.87 11.36
C PRO A 15 -6.84 -6.28 12.75
N ALA A 16 -6.82 -5.38 13.71
CA ALA A 16 -6.46 -5.73 15.08
C ALA A 16 -7.36 -5.00 16.05
N ALA A 17 -7.62 -5.62 17.18
CA ALA A 17 -8.51 -5.05 18.17
C ALA A 17 -8.14 -5.57 19.55
N VAL A 18 -8.34 -4.74 20.56
CA VAL A 18 -8.10 -5.08 21.95
C VAL A 18 -9.35 -4.75 22.75
N PHE A 19 -9.91 -5.76 23.42
CA PHE A 19 -11.06 -5.59 24.28
C PHE A 19 -10.61 -5.70 25.73
N LEU A 20 -10.96 -4.71 26.54
CA LEU A 20 -10.57 -4.70 27.95
C LEU A 20 -11.73 -4.49 28.90
N VAL A 21 -12.12 -5.54 29.60
CA VAL A 21 -13.18 -5.47 30.59
C VAL A 21 -12.50 -5.35 31.95
N ALA A 22 -12.42 -4.14 32.48
CA ALA A 22 -11.76 -3.87 33.75
C ALA A 22 -12.80 -3.50 34.78
N THR A 23 -12.75 -4.14 35.93
CA THR A 23 -13.63 -3.82 37.04
C THR A 23 -12.92 -2.82 37.96
N ILE A 24 -13.69 -1.87 38.46
CA ILE A 24 -13.17 -0.79 39.29
C ILE A 24 -13.13 -1.24 40.74
N ASP A 25 -11.99 -1.01 41.40
CA ASP A 25 -11.84 -1.39 42.79
C ASP A 25 -12.66 -0.48 43.68
N GLU A 26 -12.89 -0.94 44.91
CA GLU A 26 -13.74 -0.21 45.86
C GLU A 26 -13.04 1.05 46.34
N GLY A 27 -13.76 2.17 46.28
CA GLY A 27 -13.22 3.43 46.77
C GLY A 27 -12.23 4.09 45.84
N GLN A 28 -12.21 3.67 44.58
CA GLN A 28 -11.31 4.26 43.60
C GLN A 28 -12.16 4.91 42.52
N GLU A 29 -13.11 5.73 42.95
CA GLU A 29 -14.02 6.40 42.01
C GLU A 29 -13.37 7.60 41.35
N ALA A 30 -12.74 8.48 42.16
CA ALA A 30 -12.16 9.70 41.63
C ALA A 30 -10.94 9.44 40.77
N THR A 31 -10.27 8.30 40.98
CA THR A 31 -9.13 7.95 40.15
C THR A 31 -9.56 7.65 38.71
N VAL A 32 -10.68 6.94 38.54
CA VAL A 32 -11.21 6.74 37.20
C VAL A 32 -11.86 8.02 36.68
N TYR A 33 -12.38 8.84 37.59
CA TYR A 33 -12.94 10.12 37.18
C TYR A 33 -11.88 11.09 36.66
N ASP A 34 -10.62 10.92 37.08
CA ASP A 34 -9.53 11.63 36.44
C ASP A 34 -9.30 11.15 35.02
N ALA A 35 -9.25 9.83 34.83
CA ALA A 35 -8.79 9.30 33.54
C ALA A 35 -9.88 9.36 32.48
N LEU A 36 -11.14 9.44 32.87
CA LEU A 36 -12.23 9.43 31.89
C LEU A 36 -12.28 10.63 30.95
N PRO A 37 -11.92 11.87 31.35
CA PRO A 37 -11.75 12.89 30.31
C PRO A 37 -10.44 12.77 29.55
N ASP A 38 -9.48 12.00 30.05
CA ASP A 38 -8.16 11.93 29.45
C ASP A 38 -8.08 10.93 28.30
N ILE A 39 -9.16 10.21 28.03
CA ILE A 39 -9.12 9.08 27.10
C ILE A 39 -9.03 9.56 25.66
N SER A 40 -9.87 10.52 25.27
CA SER A 40 -9.79 11.08 23.94
C SER A 40 -8.49 11.84 23.71
N GLY A 41 -7.94 12.45 24.76
CA GLY A 41 -6.62 13.05 24.65
C GLY A 41 -5.54 12.03 24.40
N LEU A 42 -5.61 10.88 25.09
CA LEU A 42 -4.66 9.81 24.84
C LEU A 42 -4.82 9.20 23.45
N VAL A 43 -6.06 9.13 22.95
CA VAL A 43 -6.30 8.60 21.61
C VAL A 43 -5.71 9.51 20.55
N ARG A 44 -6.00 10.81 20.65
CA ARG A 44 -5.41 11.77 19.72
C ARG A 44 -3.91 11.90 19.90
N ALA A 45 -3.39 11.58 21.08
CA ALA A 45 -1.96 11.65 21.31
C ALA A 45 -1.24 10.48 20.66
N ILE A 46 -1.77 9.28 20.83
CA ILE A 46 -1.05 8.10 20.36
C ILE A 46 -1.34 7.83 18.89
N GLY A 47 -2.61 7.84 18.50
CA GLY A 47 -2.97 7.48 17.13
C GLY A 47 -2.59 8.51 16.08
N PHE A 48 -2.17 9.70 16.49
CA PHE A 48 -1.67 10.65 15.50
C PHE A 48 -0.31 10.24 14.96
N ARG A 49 0.47 9.50 15.75
CA ARG A 49 1.56 8.72 15.19
C ARG A 49 0.97 7.65 14.28
N ASP A 50 1.27 7.73 12.97
CA ASP A 50 0.56 7.03 11.91
C ASP A 50 -0.94 7.28 11.97
N PRO A 51 -1.42 8.44 11.52
CA PRO A 51 -2.86 8.68 11.49
C PRO A 51 -3.60 7.82 10.48
N ALA A 52 -2.88 7.19 9.55
CA ALA A 52 -3.46 6.13 8.72
C ALA A 52 -3.27 4.76 9.36
N LYS A 53 -3.59 4.69 10.65
CA LYS A 53 -3.87 3.45 11.34
C LYS A 53 -5.23 3.46 11.99
N ARG A 54 -5.83 4.64 12.20
CA ARG A 54 -7.21 4.84 12.66
C ARG A 54 -7.43 4.22 14.04
N LEU A 55 -6.59 4.64 14.98
CA LEU A 55 -6.75 4.23 16.36
C LEU A 55 -7.98 4.90 16.94
N SER A 56 -8.91 4.09 17.43
CA SER A 56 -10.20 4.58 17.90
C SER A 56 -10.61 3.78 19.12
N ALA A 57 -10.73 4.44 20.26
CA ALA A 57 -11.19 3.81 21.48
C ALA A 57 -12.69 4.00 21.61
N ILE A 58 -13.36 3.01 22.17
CA ILE A 58 -14.77 3.11 22.51
C ILE A 58 -14.88 2.83 24.00
N THR A 59 -15.01 3.90 24.79
CA THR A 59 -15.21 3.79 26.22
C THR A 59 -16.65 3.39 26.49
N SER A 60 -16.82 2.40 27.34
CA SER A 60 -18.15 1.95 27.71
C SER A 60 -18.21 1.78 29.22
N ILE A 61 -19.39 2.03 29.79
CA ILE A 61 -19.58 2.05 31.24
C ILE A 61 -20.79 1.20 31.58
N GLY A 62 -20.62 0.27 32.51
CA GLY A 62 -21.71 -0.58 32.95
C GLY A 62 -22.62 0.13 33.95
N SER A 63 -23.47 -0.67 34.58
CA SER A 63 -24.47 -0.12 35.50
C SER A 63 -23.85 0.26 36.84
N ASP A 64 -23.05 -0.63 37.42
CA ASP A 64 -22.38 -0.35 38.69
C ASP A 64 -21.45 0.83 38.62
N ALA A 65 -20.66 0.92 37.54
CA ALA A 65 -19.82 2.09 37.35
C ALA A 65 -20.62 3.35 37.08
N TRP A 66 -21.85 3.23 36.58
CA TRP A 66 -22.68 4.42 36.42
C TRP A 66 -23.20 4.91 37.75
N ASP A 67 -23.68 4.00 38.61
CA ASP A 67 -24.17 4.43 39.91
C ASP A 67 -23.03 4.86 40.82
N ARG A 68 -21.82 4.36 40.60
CA ARG A 68 -20.70 4.84 41.39
C ARG A 68 -20.14 6.14 40.85
N LEU A 69 -19.82 6.19 39.56
CA LEU A 69 -19.06 7.29 38.98
C LEU A 69 -19.88 8.53 38.70
N PHE A 70 -21.12 8.39 38.24
CA PHE A 70 -21.87 9.52 37.72
C PHE A 70 -23.10 9.82 38.57
N SER A 71 -23.37 11.11 38.73
CA SER A 71 -24.57 11.59 39.38
C SER A 71 -25.56 12.06 38.31
N GLY A 72 -26.66 12.67 38.74
CA GLY A 72 -27.65 13.17 37.83
C GLY A 72 -28.51 12.07 37.25
N PRO A 73 -28.67 12.05 35.94
CA PRO A 73 -29.57 11.10 35.29
C PRO A 73 -28.93 9.73 35.17
N ARG A 74 -29.67 8.83 34.53
CA ARG A 74 -29.24 7.47 34.26
C ARG A 74 -29.80 7.10 32.90
N PRO A 75 -29.06 6.32 32.10
CA PRO A 75 -29.64 5.78 30.85
C PRO A 75 -30.81 4.87 31.17
N ALA A 76 -31.82 4.91 30.30
CA ALA A 76 -33.13 4.38 30.65
C ALA A 76 -33.11 2.86 30.74
N GLU A 77 -32.42 2.20 29.82
CA GLU A 77 -32.40 0.75 29.82
C GLU A 77 -31.08 0.18 30.30
N LEU A 78 -30.22 0.99 30.90
CA LEU A 78 -28.95 0.49 31.42
C LEU A 78 -29.20 -0.35 32.66
N HIS A 79 -28.84 -1.62 32.59
CA HIS A 79 -29.03 -2.56 33.68
C HIS A 79 -27.91 -3.59 33.60
N PRO A 80 -27.67 -4.35 34.68
CA PRO A 80 -26.73 -5.47 34.58
C PRO A 80 -27.20 -6.50 33.56
N PHE A 81 -26.23 -7.15 32.91
CA PHE A 81 -26.53 -8.07 31.83
C PHE A 81 -27.28 -9.28 32.35
N ARG A 82 -28.52 -9.44 31.86
CA ARG A 82 -29.40 -10.51 32.32
C ARG A 82 -28.83 -11.85 31.88
N GLU A 83 -28.41 -12.67 32.85
CA GLU A 83 -27.84 -13.97 32.55
C GLU A 83 -28.93 -14.89 32.01
N ILE A 84 -28.73 -15.41 30.81
CA ILE A 84 -29.74 -16.17 30.09
C ILE A 84 -29.48 -17.63 30.35
N ASP A 85 -30.23 -18.22 31.29
CA ASP A 85 -30.13 -19.64 31.60
C ASP A 85 -31.19 -20.37 30.79
N GLY A 86 -30.82 -20.73 29.56
CA GLY A 86 -31.74 -21.36 28.64
C GLY A 86 -31.98 -22.83 28.96
N GLY A 87 -32.45 -23.55 27.94
CA GLY A 87 -32.70 -24.97 28.12
C GLY A 87 -31.42 -25.78 28.24
N ARG A 88 -30.45 -25.51 27.37
CA ARG A 88 -29.18 -26.21 27.39
C ARG A 88 -27.98 -25.29 27.49
N HIS A 89 -28.01 -24.16 26.78
CA HIS A 89 -26.89 -23.22 26.77
C HIS A 89 -27.17 -22.06 27.70
N HIS A 90 -26.16 -21.69 28.48
CA HIS A 90 -26.27 -20.62 29.47
C HIS A 90 -25.37 -19.47 29.05
N ALA A 91 -25.87 -18.24 29.18
CA ALA A 91 -25.11 -17.05 28.84
C ALA A 91 -24.74 -16.32 30.12
N PRO A 92 -23.55 -16.54 30.67
CA PRO A 92 -23.21 -15.97 31.98
C PRO A 92 -22.89 -14.49 31.89
N ALA A 93 -22.73 -13.87 33.06
CA ALA A 93 -22.47 -12.44 33.18
C ALA A 93 -21.44 -12.23 34.29
N THR A 94 -20.18 -12.12 33.91
CA THR A 94 -19.15 -11.81 34.88
C THR A 94 -19.23 -10.32 35.24
N PRO A 95 -18.85 -9.95 36.47
CA PRO A 95 -18.78 -8.53 36.82
C PRO A 95 -17.69 -7.81 36.03
N GLY A 96 -18.11 -6.74 35.37
CA GLY A 96 -17.19 -5.85 34.70
C GLY A 96 -17.75 -4.44 34.68
N ASP A 97 -16.98 -3.49 35.22
CA ASP A 97 -17.51 -2.13 35.37
C ASP A 97 -17.46 -1.36 34.06
N LEU A 98 -16.27 -1.25 33.48
CA LEU A 98 -16.10 -0.50 32.26
C LEU A 98 -15.49 -1.36 31.17
N LEU A 99 -15.82 -1.02 29.92
CA LEU A 99 -15.28 -1.72 28.77
C LEU A 99 -14.46 -0.74 27.93
N PHE A 100 -13.23 -1.12 27.63
CA PHE A 100 -12.37 -0.40 26.70
C PHE A 100 -12.33 -1.19 25.41
N HIS A 101 -12.93 -0.65 24.36
CA HIS A 101 -12.90 -1.26 23.04
C HIS A 101 -11.93 -0.47 22.17
N LEU A 102 -10.82 -1.08 21.79
CA LEU A 102 -9.79 -0.44 21.01
C LEU A 102 -9.68 -1.11 19.66
N ARG A 103 -9.45 -0.31 18.62
CA ARG A 103 -9.42 -0.82 17.26
C ARG A 103 -8.49 0.03 16.43
N ALA A 104 -7.59 -0.60 15.68
CA ALA A 104 -6.74 0.09 14.72
C ALA A 104 -6.17 -0.90 13.72
N GLU A 105 -5.40 -0.37 12.77
CA GLU A 105 -4.85 -1.14 11.67
C GLU A 105 -3.79 -2.14 12.11
N SER A 106 -3.19 -1.95 13.28
CA SER A 106 -2.12 -2.83 13.75
C SER A 106 -2.30 -3.06 15.24
N MET A 107 -1.58 -4.08 15.74
CA MET A 107 -1.72 -4.48 17.13
C MET A 107 -1.02 -3.54 18.10
N ASP A 108 0.08 -2.91 17.66
CA ASP A 108 0.98 -2.21 18.57
C ASP A 108 0.36 -0.94 19.13
N VAL A 109 -0.35 -0.19 18.29
CA VAL A 109 -0.91 1.07 18.76
C VAL A 109 -2.11 0.84 19.66
N CYS A 110 -2.85 -0.26 19.45
CA CYS A 110 -3.88 -0.67 20.40
C CYS A 110 -3.25 -1.09 21.72
N PHE A 111 -2.13 -1.83 21.64
CA PHE A 111 -1.42 -2.25 22.85
C PHE A 111 -0.88 -1.06 23.62
N GLU A 112 -0.38 -0.05 22.93
CA GLU A 112 0.17 1.12 23.61
C GLU A 112 -0.92 2.00 24.20
N LEU A 113 -2.05 2.14 23.50
CA LEU A 113 -3.19 2.84 24.08
C LEU A 113 -3.72 2.13 25.31
N ALA A 114 -3.77 0.79 25.29
CA ALA A 114 -4.19 0.07 26.48
C ALA A 114 -3.15 0.14 27.58
N THR A 115 -1.87 0.22 27.23
CA THR A 115 -0.81 0.38 28.23
C THR A 115 -0.94 1.71 28.94
N LYS A 116 -1.21 2.77 28.19
CA LYS A 116 -1.44 4.08 28.78
C LYS A 116 -2.80 4.22 29.43
N LEU A 117 -3.75 3.31 29.15
CA LEU A 117 -5.08 3.46 29.72
C LEU A 117 -5.13 3.02 31.18
N VAL A 118 -4.57 1.85 31.51
CA VAL A 118 -4.68 1.38 32.88
C VAL A 118 -3.67 2.10 33.78
N GLU A 119 -2.61 2.64 33.20
CA GLU A 119 -1.62 3.35 33.99
C GLU A 119 -1.85 4.85 33.99
N ALA A 120 -2.98 5.30 33.47
CA ALA A 120 -3.55 6.59 33.81
C ALA A 120 -4.45 6.51 35.02
N MET A 121 -4.85 5.31 35.41
CA MET A 121 -5.67 5.04 36.59
C MET A 121 -5.07 3.88 37.38
N SER A 122 -3.77 3.95 37.61
CA SER A 122 -2.98 2.86 38.18
C SER A 122 -3.39 2.51 39.60
N GLY A 123 -3.78 1.26 39.82
CA GLY A 123 -4.22 0.78 41.10
C GLY A 123 -5.71 0.90 41.31
N ALA A 124 -6.41 1.61 40.43
CA ALA A 124 -7.85 1.78 40.58
C ALA A 124 -8.64 0.64 39.99
N ILE A 125 -8.07 -0.13 39.05
CA ILE A 125 -8.81 -1.16 38.35
C ILE A 125 -8.00 -2.46 38.34
N THR A 126 -8.74 -3.56 38.21
CA THR A 126 -8.18 -4.85 37.84
C THR A 126 -8.80 -5.28 36.53
N ILE A 127 -7.96 -5.66 35.57
CA ILE A 127 -8.41 -6.03 34.24
C ILE A 127 -8.94 -7.46 34.32
N VAL A 128 -10.25 -7.63 34.20
CA VAL A 128 -10.82 -8.96 34.32
C VAL A 128 -10.64 -9.75 33.04
N ASP A 129 -10.81 -9.12 31.89
CA ASP A 129 -10.80 -9.86 30.64
C ASP A 129 -9.85 -9.16 29.68
N GLU A 130 -8.92 -9.93 29.13
CA GLU A 130 -7.81 -9.46 28.29
C GLU A 130 -7.79 -10.32 27.04
N THR A 131 -8.30 -9.78 25.93
CA THR A 131 -8.25 -10.46 24.65
C THR A 131 -7.61 -9.55 23.62
N HIS A 132 -6.78 -10.13 22.77
CA HIS A 132 -6.17 -9.43 21.65
C HIS A 132 -6.80 -9.96 20.39
N GLY A 133 -7.89 -9.33 19.96
CA GLY A 133 -8.61 -9.80 18.80
C GLY A 133 -7.93 -9.44 17.50
N PHE A 134 -7.45 -10.44 16.78
CA PHE A 134 -6.91 -10.27 15.45
C PHE A 134 -8.02 -10.55 14.44
N ARG A 135 -7.68 -10.57 13.17
CA ARG A 135 -8.67 -10.62 12.10
C ARG A 135 -8.19 -11.57 11.02
N PHE A 136 -9.09 -12.44 10.55
CA PHE A 136 -8.76 -13.49 9.60
C PHE A 136 -8.64 -12.94 8.19
N PHE A 137 -8.62 -13.84 7.19
CA PHE A 137 -8.22 -13.48 5.83
C PHE A 137 -9.14 -12.46 5.17
N ASP A 138 -10.34 -12.87 4.79
CA ASP A 138 -11.35 -11.93 4.33
C ASP A 138 -12.44 -11.75 5.38
N ASN A 139 -12.03 -11.14 6.50
CA ASN A 139 -12.90 -10.83 7.65
C ASN A 139 -13.57 -12.05 8.23
N ARG A 140 -12.94 -13.22 8.11
CA ARG A 140 -13.58 -14.42 8.61
C ARG A 140 -13.40 -14.52 10.12
N ASP A 141 -14.07 -15.51 10.69
CA ASP A 141 -13.86 -15.90 12.06
C ASP A 141 -13.23 -17.29 12.07
N LEU A 142 -13.11 -17.87 13.27
CA LEU A 142 -12.51 -19.19 13.37
C LEU A 142 -13.42 -20.30 12.87
N MET A 143 -14.72 -20.03 12.77
CA MET A 143 -15.63 -21.01 12.17
C MET A 143 -15.37 -21.17 10.68
N GLY A 144 -14.79 -20.16 10.05
CA GLY A 144 -14.49 -20.18 8.64
C GLY A 144 -15.43 -19.34 7.81
N PHE A 145 -16.48 -18.82 8.41
CA PHE A 145 -17.44 -18.01 7.67
C PHE A 145 -17.05 -16.55 7.78
N VAL A 146 -17.39 -15.78 6.75
CA VAL A 146 -17.11 -14.35 6.77
C VAL A 146 -18.03 -13.70 7.80
N ASP A 147 -17.46 -12.90 8.69
CA ASP A 147 -18.14 -12.45 9.90
C ASP A 147 -18.48 -10.97 9.82
N GLY A 148 -19.75 -10.65 10.01
CA GLY A 148 -20.17 -9.26 10.13
C GLY A 148 -20.49 -8.57 8.82
N THR A 149 -20.99 -9.32 7.84
CA THR A 149 -21.24 -8.74 6.53
C THR A 149 -22.59 -8.06 6.43
N GLU A 150 -23.39 -8.07 7.48
CA GLU A 150 -24.72 -7.47 7.42
C GLU A 150 -24.85 -6.27 8.34
N ASN A 151 -23.73 -5.64 8.68
CA ASN A 151 -23.80 -4.37 9.38
C ASN A 151 -24.31 -3.28 8.44
N PRO A 152 -25.24 -2.45 8.88
CA PRO A 152 -25.76 -1.39 8.01
C PRO A 152 -24.78 -0.22 7.89
N ASP A 153 -25.14 0.71 7.00
CA ASP A 153 -24.32 1.88 6.74
C ASP A 153 -25.18 3.11 6.57
N GLY A 154 -24.65 4.25 6.98
CA GLY A 154 -25.36 5.50 6.74
C GLY A 154 -26.52 5.67 7.69
N ASN A 155 -27.68 6.02 7.13
CA ASN A 155 -28.85 6.35 7.92
C ASN A 155 -29.38 5.14 8.68
N LEU A 156 -29.43 3.98 8.02
CA LEU A 156 -29.84 2.72 8.64
C LEU A 156 -28.86 2.21 9.67
N ALA A 157 -27.70 2.85 9.82
CA ALA A 157 -26.77 2.54 10.89
C ALA A 157 -26.82 3.56 12.02
N VAL A 158 -26.97 4.86 11.71
CA VAL A 158 -26.97 5.85 12.79
C VAL A 158 -28.29 5.78 13.57
N VAL A 159 -29.41 5.49 12.89
CA VAL A 159 -30.62 5.23 13.65
C VAL A 159 -30.65 3.83 14.24
N ALA A 160 -29.74 2.94 13.82
CA ALA A 160 -29.62 1.64 14.48
C ALA A 160 -28.81 1.72 15.76
N THR A 161 -27.88 2.65 15.87
CA THR A 161 -26.99 2.72 17.01
C THR A 161 -27.21 3.95 17.87
N GLN A 162 -27.25 5.14 17.27
CA GLN A 162 -27.21 6.37 18.04
C GLN A 162 -28.60 6.70 18.58
N ILE A 163 -28.65 7.03 19.87
CA ILE A 163 -29.90 7.41 20.52
C ILE A 163 -30.26 8.83 20.12
N GLY A 164 -31.49 9.03 19.65
CA GLY A 164 -31.99 10.35 19.36
C GLY A 164 -32.47 11.06 20.62
N ASP A 165 -33.65 11.68 20.56
CA ASP A 165 -34.21 12.32 21.74
C ASP A 165 -35.34 11.49 22.36
N GLU A 166 -35.34 10.17 22.15
CA GLU A 166 -36.14 9.29 22.98
C GLU A 166 -35.56 9.19 24.38
N ASP A 167 -34.26 9.44 24.52
CA ASP A 167 -33.64 9.78 25.81
C ASP A 167 -32.77 11.00 25.56
N PRO A 168 -33.31 12.20 25.75
CA PRO A 168 -32.58 13.41 25.31
C PRO A 168 -31.40 13.77 26.19
N ASP A 169 -31.29 13.19 27.39
CA ASP A 169 -30.12 13.47 28.22
C ASP A 169 -28.91 12.68 27.73
N PHE A 170 -29.12 11.67 26.90
CA PHE A 170 -28.02 10.90 26.32
C PHE A 170 -28.22 10.77 24.82
N ALA A 171 -28.48 11.88 24.15
CA ALA A 171 -28.61 11.89 22.70
C ALA A 171 -27.26 11.56 22.08
N GLY A 172 -27.21 10.45 21.33
CA GLY A 172 -25.96 9.90 20.89
C GLY A 172 -25.40 8.97 21.93
N GLY A 173 -25.09 7.73 21.55
CA GLY A 173 -24.66 6.75 22.51
C GLY A 173 -25.36 5.43 22.33
N CYS A 174 -24.70 4.34 22.67
CA CYS A 174 -25.16 3.02 22.31
C CYS A 174 -25.22 2.15 23.56
N TYR A 175 -25.56 0.88 23.36
CA TYR A 175 -25.47 -0.12 24.41
C TYR A 175 -24.71 -1.33 23.87
N VAL A 176 -23.85 -1.90 24.70
CA VAL A 176 -22.87 -2.88 24.27
C VAL A 176 -23.18 -4.20 24.95
N HIS A 177 -23.11 -5.28 24.17
CA HIS A 177 -23.21 -6.63 24.71
C HIS A 177 -21.95 -7.38 24.30
N VAL A 178 -21.02 -7.52 25.22
CA VAL A 178 -19.86 -8.36 24.96
C VAL A 178 -20.17 -9.78 25.37
N GLN A 179 -19.66 -10.74 24.61
CA GLN A 179 -19.83 -12.15 24.91
C GLN A 179 -18.62 -12.88 24.35
N LYS A 180 -17.70 -13.25 25.22
CA LYS A 180 -16.48 -13.94 24.80
C LYS A 180 -16.80 -15.42 24.63
N TYR A 181 -16.89 -15.87 23.40
CA TYR A 181 -17.16 -17.28 23.14
C TYR A 181 -15.85 -18.06 23.06
N LEU A 182 -15.94 -19.36 23.29
CA LEU A 182 -14.78 -20.24 23.25
C LEU A 182 -15.12 -21.53 22.53
N HIS A 183 -15.67 -21.41 21.32
CA HIS A 183 -16.20 -22.57 20.60
C HIS A 183 -15.11 -23.58 20.22
N ASP A 184 -15.45 -24.85 20.38
CA ASP A 184 -14.51 -25.91 20.06
C ASP A 184 -14.41 -26.09 18.56
N MET A 185 -13.24 -26.53 18.12
CA MET A 185 -13.01 -26.81 16.71
C MET A 185 -12.96 -28.29 16.39
N ALA A 186 -12.95 -29.15 17.42
CA ALA A 186 -12.84 -30.59 17.16
C ALA A 186 -14.11 -31.13 16.53
N SER A 187 -15.27 -30.73 17.03
CA SER A 187 -16.54 -31.13 16.44
C SER A 187 -16.89 -30.31 15.21
N TRP A 188 -16.46 -29.04 15.18
CA TRP A 188 -16.79 -28.18 14.04
C TRP A 188 -16.00 -28.58 12.80
N ASN A 189 -14.74 -28.99 12.96
CA ASN A 189 -13.95 -29.37 11.79
C ASN A 189 -14.38 -30.71 11.22
N SER A 190 -14.79 -31.64 12.08
CA SER A 190 -15.28 -32.94 11.62
C SER A 190 -16.67 -32.82 10.98
N LEU A 191 -17.42 -31.79 11.36
CA LEU A 191 -18.67 -31.47 10.69
C LEU A 191 -18.40 -31.06 9.25
N SER A 192 -19.32 -31.47 8.37
CA SER A 192 -19.18 -31.19 6.96
C SER A 192 -19.68 -29.79 6.64
N VAL A 193 -19.40 -29.34 5.42
CA VAL A 193 -19.57 -27.92 5.11
C VAL A 193 -21.03 -27.55 4.95
N GLU A 194 -21.83 -28.41 4.34
CA GLU A 194 -23.25 -28.11 4.13
C GLU A 194 -24.03 -28.15 5.43
N GLU A 195 -23.51 -28.90 6.40
CA GLU A 195 -24.11 -28.96 7.71
C GLU A 195 -23.82 -27.61 8.37
N GLN A 196 -22.61 -27.10 8.16
CA GLN A 196 -22.23 -25.80 8.71
C GLN A 196 -22.99 -24.66 8.06
N GLU A 197 -23.42 -24.85 6.81
CA GLU A 197 -24.24 -23.84 6.18
C GLU A 197 -25.68 -23.92 6.68
N ARG A 198 -26.09 -25.09 7.15
CA ARG A 198 -27.35 -25.15 7.90
C ARG A 198 -27.22 -24.46 9.25
N VAL A 199 -26.02 -24.53 9.85
CA VAL A 199 -25.76 -23.82 11.10
C VAL A 199 -25.84 -22.32 10.90
N ILE A 200 -25.07 -21.79 9.95
CA ILE A 200 -24.95 -20.34 9.79
C ILE A 200 -26.20 -19.78 9.13
N GLY A 201 -26.56 -20.32 7.97
CA GLY A 201 -27.63 -19.78 7.15
C GLY A 201 -27.14 -19.11 5.88
N ARG A 202 -25.84 -18.92 5.73
CA ARG A 202 -25.22 -18.41 4.52
C ARG A 202 -24.16 -19.41 4.08
N THR A 203 -23.60 -19.20 2.89
CA THR A 203 -22.56 -20.10 2.42
C THR A 203 -21.23 -19.79 3.12
N LYS A 204 -20.24 -20.64 2.88
CA LYS A 204 -18.97 -20.49 3.57
C LYS A 204 -17.91 -19.79 2.74
N LEU A 205 -17.75 -20.17 1.48
CA LEU A 205 -16.67 -19.61 0.68
C LEU A 205 -17.01 -18.20 0.20
N ASP A 206 -18.19 -18.03 -0.39
CA ASP A 206 -18.57 -16.77 -0.99
C ASP A 206 -19.58 -15.97 -0.17
N ASP A 207 -20.13 -16.55 0.90
CA ASP A 207 -21.01 -15.89 1.86
C ASP A 207 -22.29 -15.35 1.20
N ILE A 208 -22.79 -16.09 0.23
CA ILE A 208 -24.12 -15.81 -0.31
C ILE A 208 -25.13 -16.29 0.73
N GLU A 209 -26.13 -15.46 0.99
CA GLU A 209 -27.23 -15.89 1.86
C GLU A 209 -28.03 -16.97 1.16
N LEU A 210 -28.46 -17.97 1.92
CA LEU A 210 -29.18 -19.09 1.35
C LEU A 210 -30.60 -18.68 0.98
N ASP A 211 -31.27 -19.56 0.23
CA ASP A 211 -32.66 -19.33 -0.12
C ASP A 211 -33.53 -19.40 1.11
N ASP A 212 -34.64 -18.65 1.08
CA ASP A 212 -35.49 -18.54 2.26
C ASP A 212 -36.18 -19.86 2.61
N ASP A 213 -36.48 -20.68 1.61
CA ASP A 213 -37.01 -22.00 1.93
C ASP A 213 -35.91 -22.99 2.27
N VAL A 214 -34.72 -22.82 1.69
CA VAL A 214 -33.61 -23.74 1.95
C VAL A 214 -33.01 -23.48 3.34
N LYS A 215 -33.02 -22.24 3.79
CA LYS A 215 -32.45 -21.87 5.10
C LYS A 215 -33.31 -22.42 6.23
N PRO A 216 -32.76 -23.21 7.14
CA PRO A 216 -33.56 -23.76 8.23
C PRO A 216 -33.94 -22.69 9.24
N ALA A 217 -34.93 -23.02 10.07
CA ALA A 217 -35.47 -22.05 11.01
C ALA A 217 -34.55 -21.82 12.20
N ASN A 218 -33.71 -22.79 12.53
CA ASN A 218 -32.81 -22.67 13.68
C ASN A 218 -31.42 -22.20 13.28
N SER A 219 -31.26 -21.68 12.08
CA SER A 219 -29.97 -21.14 11.66
C SER A 219 -29.72 -19.80 12.36
N HIS A 220 -28.44 -19.40 12.34
CA HIS A 220 -28.02 -18.18 13.00
C HIS A 220 -28.59 -16.94 12.32
N VAL A 221 -28.41 -16.85 11.00
CA VAL A 221 -28.97 -15.75 10.23
C VAL A 221 -30.49 -15.81 10.15
N ALA A 222 -31.09 -16.97 10.44
CA ALA A 222 -32.55 -17.08 10.50
C ALA A 222 -33.09 -16.55 11.81
N LEU A 223 -32.39 -16.81 12.91
CA LEU A 223 -32.89 -16.43 14.22
C LEU A 223 -32.53 -15.01 14.60
N ASN A 224 -31.43 -14.48 14.07
CA ASN A 224 -30.96 -13.19 14.55
C ASN A 224 -31.61 -12.00 13.84
N VAL A 225 -32.28 -12.24 12.72
CA VAL A 225 -33.00 -11.20 12.02
C VAL A 225 -34.24 -10.94 12.88
N ILE A 226 -34.56 -9.67 13.16
CA ILE A 226 -35.72 -9.38 13.99
C ILE A 226 -36.67 -8.50 13.19
N GLU A 227 -37.89 -8.97 13.02
CA GLU A 227 -38.94 -8.16 12.39
C GLU A 227 -39.77 -7.48 13.47
N ASP A 228 -40.15 -6.23 13.21
CA ASP A 228 -41.08 -5.54 14.08
C ASP A 228 -42.50 -5.74 13.58
N GLU A 229 -43.46 -5.12 14.25
CA GLU A 229 -44.85 -5.27 13.83
C GLU A 229 -45.22 -4.27 12.76
N ASP A 230 -44.52 -3.14 12.66
CA ASP A 230 -44.73 -2.23 11.54
C ASP A 230 -44.12 -2.74 10.24
N GLY A 231 -43.16 -3.66 10.31
CA GLY A 231 -42.54 -4.19 9.12
C GLY A 231 -41.06 -3.86 8.98
N ASN A 232 -40.57 -2.90 9.76
CA ASN A 232 -39.16 -2.54 9.70
C ASN A 232 -38.35 -3.51 10.56
N GLU A 233 -37.12 -3.80 10.11
CA GLU A 233 -36.26 -4.71 10.84
C GLU A 233 -35.27 -3.91 11.65
N LEU A 234 -34.97 -4.40 12.85
CA LEU A 234 -34.03 -3.73 13.75
C LEU A 234 -32.68 -4.40 13.61
N LYS A 235 -31.67 -3.60 13.28
CA LYS A 235 -30.32 -4.09 13.08
C LYS A 235 -29.39 -3.52 14.13
N ILE A 236 -28.36 -4.28 14.46
CA ILE A 236 -27.30 -3.82 15.34
C ILE A 236 -25.99 -3.85 14.55
N ILE A 237 -24.98 -3.19 15.08
CA ILE A 237 -23.64 -3.20 14.50
C ILE A 237 -22.73 -3.94 15.45
N ARG A 238 -22.07 -4.99 14.95
CA ARG A 238 -21.20 -5.83 15.75
C ARG A 238 -19.81 -5.86 15.15
N HIS A 239 -18.80 -5.60 15.98
CA HIS A 239 -17.41 -5.74 15.59
C HIS A 239 -16.80 -7.03 16.13
N ASN A 240 -17.33 -8.17 15.70
CA ASN A 240 -16.86 -9.45 16.22
C ASN A 240 -15.47 -9.76 15.69
N MET A 241 -14.51 -9.86 16.61
CA MET A 241 -13.14 -10.13 16.24
C MET A 241 -12.72 -11.46 16.84
N PRO A 242 -12.15 -12.37 16.05
CA PRO A 242 -11.66 -13.63 16.63
C PRO A 242 -10.39 -13.42 17.43
N PHE A 243 -10.25 -14.24 18.47
CA PHE A 243 -9.06 -14.30 19.30
C PHE A 243 -8.70 -15.77 19.46
N GLY A 244 -7.69 -16.06 20.25
CA GLY A 244 -7.46 -17.45 20.59
C GLY A 244 -6.05 -17.69 21.07
N GLU A 245 -5.90 -18.80 21.79
CA GLU A 245 -4.61 -19.24 22.30
C GLU A 245 -4.50 -20.73 22.02
N ILE A 246 -3.54 -21.11 21.17
CA ILE A 246 -3.40 -22.51 20.81
C ILE A 246 -2.71 -23.29 21.92
N GLY A 247 -1.98 -22.60 22.80
CA GLY A 247 -1.36 -23.25 23.94
C GLY A 247 -2.36 -23.83 24.92
N LYS A 248 -3.55 -23.24 25.00
CA LYS A 248 -4.68 -23.87 25.67
C LYS A 248 -5.65 -24.52 24.69
N GLY A 249 -5.38 -24.42 23.39
CA GLY A 249 -6.33 -24.92 22.42
C GLY A 249 -7.58 -24.08 22.28
N GLU A 250 -7.52 -22.81 22.65
CA GLU A 250 -8.68 -21.93 22.62
C GLU A 250 -8.83 -21.31 21.24
N PHE A 251 -10.06 -21.34 20.72
CA PHE A 251 -10.39 -20.71 19.44
C PHE A 251 -11.74 -20.03 19.63
N GLY A 252 -11.73 -18.73 19.92
CA GLY A 252 -12.94 -18.03 20.27
C GLY A 252 -13.14 -16.78 19.42
N THR A 253 -14.39 -16.34 19.37
CA THR A 253 -14.78 -15.14 18.65
C THR A 253 -15.38 -14.18 19.66
N TYR A 254 -14.70 -13.07 19.91
CA TYR A 254 -15.17 -12.09 20.88
C TYR A 254 -16.32 -11.32 20.27
N TYR A 255 -17.55 -11.73 20.56
CA TYR A 255 -18.73 -11.02 20.08
C TYR A 255 -18.88 -9.72 20.87
N ILE A 256 -19.16 -8.63 20.15
CA ILE A 256 -19.46 -7.36 20.79
C ILE A 256 -20.47 -6.60 19.94
N GLY A 257 -21.65 -6.33 20.50
CA GLY A 257 -22.71 -5.75 19.71
C GLY A 257 -23.18 -4.40 20.20
N TYR A 258 -23.15 -3.41 19.32
CA TYR A 258 -23.59 -2.06 19.63
C TYR A 258 -25.01 -1.86 19.12
N SER A 259 -25.85 -1.25 19.95
CA SER A 259 -27.26 -1.10 19.60
C SER A 259 -27.83 0.14 20.25
N ARG A 260 -28.93 0.62 19.68
CA ARG A 260 -29.62 1.78 20.21
C ARG A 260 -30.28 1.48 21.55
N THR A 261 -30.82 0.27 21.70
CA THR A 261 -31.45 -0.16 22.92
C THR A 261 -31.11 -1.64 23.17
N PRO A 262 -30.87 -2.01 24.42
CA PRO A 262 -30.52 -3.42 24.71
C PRO A 262 -31.67 -4.38 24.58
N SER A 263 -32.90 -3.90 24.38
CA SER A 263 -34.01 -4.80 24.11
C SER A 263 -33.83 -5.54 22.79
N VAL A 264 -33.19 -4.91 21.80
CA VAL A 264 -33.00 -5.54 20.50
C VAL A 264 -31.95 -6.64 20.62
N THR A 265 -30.81 -6.33 21.22
CA THR A 265 -29.76 -7.32 21.43
C THR A 265 -30.23 -8.44 22.36
N GLU A 266 -31.03 -8.10 23.36
CA GLU A 266 -31.53 -9.12 24.27
C GLU A 266 -32.59 -9.99 23.60
N ARG A 267 -33.35 -9.45 22.65
CA ARG A 267 -34.26 -10.29 21.90
C ARG A 267 -33.51 -11.18 20.92
N MET A 268 -32.38 -10.71 20.40
CA MET A 268 -31.52 -11.58 19.60
C MET A 268 -30.93 -12.71 20.43
N LEU A 269 -30.50 -12.39 21.66
CA LEU A 269 -29.99 -13.41 22.56
C LEU A 269 -31.09 -14.35 23.02
N ASP A 270 -32.33 -13.86 23.10
CA ASP A 270 -33.45 -14.73 23.40
C ASP A 270 -33.81 -15.62 22.23
N ASN A 271 -33.60 -15.13 21.01
CA ASN A 271 -33.76 -15.96 19.83
C ASN A 271 -32.64 -16.97 19.68
N MET A 272 -31.50 -16.74 20.32
CA MET A 272 -30.41 -17.69 20.27
C MET A 272 -30.47 -18.72 21.40
N PHE A 273 -30.41 -18.26 22.66
CA PHE A 273 -30.32 -19.19 23.79
C PHE A 273 -31.68 -19.76 24.15
N ILE A 274 -32.63 -18.89 24.51
CA ILE A 274 -34.00 -19.32 24.73
C ILE A 274 -34.62 -19.82 23.43
N GLY A 275 -34.25 -19.20 22.32
CA GLY A 275 -34.69 -19.65 21.02
C GLY A 275 -36.10 -19.19 20.71
N ASP A 276 -36.53 -19.53 19.51
CA ASP A 276 -37.92 -19.37 19.14
C ASP A 276 -38.76 -20.39 19.91
N PRO A 277 -40.04 -20.13 20.10
CA PRO A 277 -40.92 -21.18 20.61
C PRO A 277 -41.02 -22.37 19.67
N PRO A 278 -40.95 -22.20 18.30
CA PRO A 278 -40.64 -23.40 17.48
C PRO A 278 -39.21 -23.90 17.65
N GLY A 279 -38.22 -23.06 17.38
CA GLY A 279 -36.83 -23.48 17.48
C GLY A 279 -36.13 -22.94 18.70
N ASN A 280 -35.99 -23.77 19.74
CA ASN A 280 -35.58 -23.27 21.04
C ASN A 280 -34.07 -23.17 21.20
N THR A 281 -33.33 -23.59 20.19
CA THR A 281 -31.88 -23.57 20.24
C THR A 281 -31.35 -22.99 18.94
N ASP A 282 -30.32 -22.16 19.03
CA ASP A 282 -29.60 -21.70 17.84
C ASP A 282 -28.48 -22.69 17.55
N ARG A 283 -28.29 -22.96 16.25
CA ARG A 283 -27.42 -24.05 15.84
C ARG A 283 -25.95 -23.73 16.08
N ILE A 284 -25.58 -22.46 16.17
CA ILE A 284 -24.18 -22.13 16.48
C ILE A 284 -23.90 -22.30 17.97
N LEU A 285 -24.93 -22.33 18.81
CA LEU A 285 -24.72 -22.52 20.24
C LEU A 285 -24.48 -23.98 20.58
N ASP A 286 -24.73 -24.90 19.65
CA ASP A 286 -24.25 -26.27 19.79
C ASP A 286 -22.74 -26.35 19.84
N PHE A 287 -22.05 -25.37 19.25
CA PHE A 287 -20.60 -25.36 19.23
C PHE A 287 -20.00 -24.24 20.05
N SER A 288 -20.70 -23.12 20.18
CA SER A 288 -20.20 -21.95 20.88
C SER A 288 -20.79 -21.89 22.28
N THR A 289 -19.91 -21.87 23.28
CA THR A 289 -20.31 -21.68 24.67
C THR A 289 -19.78 -20.33 25.13
N ALA A 290 -20.68 -19.47 25.60
CA ALA A 290 -20.26 -18.18 26.10
C ALA A 290 -19.53 -18.33 27.43
N ILE A 291 -18.46 -17.55 27.58
CA ILE A 291 -17.65 -17.57 28.79
C ILE A 291 -17.90 -16.34 29.64
N THR A 292 -17.89 -15.16 29.03
CA THR A 292 -18.13 -13.91 29.73
C THR A 292 -19.41 -13.28 29.20
N GLY A 293 -19.75 -12.13 29.77
CA GLY A 293 -20.93 -11.40 29.35
C GLY A 293 -21.03 -10.08 30.10
N GLY A 294 -21.60 -9.07 29.47
CA GLY A 294 -21.74 -7.78 30.12
C GLY A 294 -22.54 -6.83 29.28
N LEU A 295 -23.30 -5.97 29.94
CA LEU A 295 -24.04 -4.90 29.28
C LEU A 295 -23.43 -3.57 29.71
N PHE A 296 -23.14 -2.72 28.73
CA PHE A 296 -22.46 -1.46 28.97
C PHE A 296 -23.19 -0.35 28.23
N PHE A 297 -22.66 0.86 28.37
CA PHE A 297 -23.24 2.04 27.74
C PHE A 297 -22.12 2.89 27.15
N THR A 298 -22.21 3.18 25.87
CA THR A 298 -21.30 4.18 25.32
C THR A 298 -21.91 5.56 25.56
N PRO A 299 -21.17 6.47 26.15
CA PRO A 299 -21.61 7.86 26.17
C PRO A 299 -21.10 8.58 24.93
N THR A 300 -21.38 9.88 24.83
CA THR A 300 -20.72 10.66 23.81
C THR A 300 -19.30 10.99 24.24
N VAL A 301 -18.48 11.45 23.28
CA VAL A 301 -17.16 11.93 23.66
C VAL A 301 -17.28 13.27 24.37
N ASP A 302 -18.35 14.01 24.10
CA ASP A 302 -18.65 15.20 24.87
C ASP A 302 -18.97 14.85 26.32
N PHE A 303 -19.60 13.69 26.54
CA PHE A 303 -19.91 13.24 27.89
C PHE A 303 -18.65 12.88 28.66
N LEU A 304 -17.63 12.38 27.98
CA LEU A 304 -16.34 12.20 28.65
C LEU A 304 -15.62 13.52 28.80
N ASP A 305 -15.84 14.45 27.87
CA ASP A 305 -15.25 15.77 27.97
C ASP A 305 -15.90 16.56 29.11
N ASP A 306 -17.21 16.46 29.24
CA ASP A 306 -17.97 17.11 30.30
C ASP A 306 -18.71 16.04 31.08
N PRO A 307 -18.03 15.39 32.02
CA PRO A 307 -18.70 14.42 32.87
C PRO A 307 -19.58 15.13 33.88
N PRO A 308 -20.68 14.52 34.30
CA PRO A 308 -21.45 15.05 35.42
C PRO A 308 -20.63 14.90 36.70
N PRO A 309 -20.89 15.75 37.70
CA PRO A 309 -20.04 15.75 38.90
C PRO A 309 -20.15 14.44 39.69
N LEU A 310 -19.06 14.09 40.35
CA LEU A 310 -18.96 12.81 41.05
C LEU A 310 -19.83 12.83 42.29
N PRO A 311 -20.81 11.91 42.43
CA PRO A 311 -21.68 11.85 43.59
C PRO A 311 -20.93 11.42 44.86
N ALA B 3 23.42 -26.29 -3.33
CA ALA B 3 22.43 -27.37 -3.35
C ALA B 3 21.68 -27.65 -2.02
N PRO B 4 22.32 -27.53 -0.85
CA PRO B 4 21.50 -27.52 0.38
C PRO B 4 20.76 -26.20 0.52
N GLN B 5 19.43 -26.27 0.41
CA GLN B 5 18.60 -25.08 0.59
C GLN B 5 18.35 -24.88 2.08
N PRO B 6 18.75 -23.76 2.66
CA PRO B 6 18.52 -23.54 4.08
C PRO B 6 17.09 -23.17 4.37
N GLN B 7 16.74 -23.21 5.65
CA GLN B 7 15.44 -22.75 6.09
C GLN B 7 15.38 -21.23 6.02
N PRO B 8 14.19 -20.64 5.81
CA PRO B 8 14.11 -19.19 5.65
C PRO B 8 14.38 -18.41 6.93
N VAL B 9 15.64 -18.39 7.35
CA VAL B 9 16.08 -17.57 8.47
C VAL B 9 16.53 -16.20 7.97
N LEU B 10 17.07 -16.14 6.75
CA LEU B 10 17.50 -14.88 6.15
C LEU B 10 16.30 -14.15 5.55
N ALA B 11 15.39 -13.73 6.42
CA ALA B 11 14.18 -13.03 6.04
C ALA B 11 14.08 -11.75 6.85
N PRO B 12 13.47 -10.70 6.31
CA PRO B 12 13.31 -9.47 7.10
C PRO B 12 12.31 -9.67 8.23
N LEU B 13 12.36 -8.73 9.19
CA LEU B 13 11.46 -8.79 10.33
C LEU B 13 10.04 -8.51 9.89
N THR B 14 9.13 -9.36 10.32
CA THR B 14 7.75 -9.28 9.90
C THR B 14 6.89 -8.65 10.99
N PRO B 15 5.78 -8.00 10.64
CA PRO B 15 4.97 -7.32 11.67
C PRO B 15 4.27 -8.25 12.65
N ALA B 16 4.18 -9.54 12.37
CA ALA B 16 3.60 -10.49 13.30
C ALA B 16 4.41 -11.77 13.31
N ALA B 17 4.43 -12.43 14.46
CA ALA B 17 5.22 -13.64 14.60
C ALA B 17 4.61 -14.51 15.69
N VAL B 18 4.73 -15.82 15.53
CA VAL B 18 4.26 -16.81 16.50
C VAL B 18 5.41 -17.75 16.81
N PHE B 19 5.76 -17.83 18.08
CA PHE B 19 6.79 -18.76 18.54
C PHE B 19 6.12 -19.89 19.30
N LEU B 20 6.42 -21.12 18.92
CA LEU B 20 5.86 -22.31 19.56
C LEU B 20 7.00 -23.18 20.06
N VAL B 21 7.05 -23.39 21.37
CA VAL B 21 7.96 -24.35 21.96
C VAL B 21 7.10 -25.51 22.46
N ALA B 22 7.04 -26.57 21.67
CA ALA B 22 6.24 -27.74 22.00
C ALA B 22 7.15 -28.90 22.36
N THR B 23 6.86 -29.54 23.49
CA THR B 23 7.60 -30.71 23.91
C THR B 23 6.85 -31.96 23.42
N ILE B 24 7.62 -32.95 22.99
CA ILE B 24 7.08 -34.17 22.40
C ILE B 24 6.78 -35.15 23.53
N ASP B 25 5.60 -35.75 23.48
CA ASP B 25 5.20 -36.72 24.50
C ASP B 25 5.95 -38.02 24.29
N GLU B 26 5.96 -38.85 25.34
CA GLU B 26 6.72 -40.09 25.33
C GLU B 26 6.08 -41.11 24.40
N GLY B 27 6.89 -41.70 23.53
CA GLY B 27 6.41 -42.73 22.63
C GLY B 27 5.61 -42.21 21.45
N GLN B 28 5.73 -40.92 21.15
CA GLN B 28 5.04 -40.31 20.02
C GLN B 28 6.04 -39.86 18.95
N GLU B 29 7.05 -40.68 18.72
CA GLU B 29 8.13 -40.31 17.82
C GLU B 29 7.70 -40.32 16.36
N ALA B 30 7.04 -41.41 15.94
CA ALA B 30 6.66 -41.56 14.53
C ALA B 30 5.55 -40.59 14.15
N THR B 31 4.77 -40.12 15.12
CA THR B 31 3.73 -39.13 14.82
C THR B 31 4.34 -37.79 14.42
N VAL B 32 5.41 -37.37 15.10
CA VAL B 32 6.11 -36.16 14.67
C VAL B 32 6.93 -36.46 13.42
N TYR B 33 7.39 -37.70 13.25
CA TYR B 33 8.11 -38.06 12.05
C TYR B 33 7.23 -38.04 10.81
N ASP B 34 5.91 -38.21 10.97
CA ASP B 34 4.99 -37.95 9.88
C ASP B 34 4.93 -36.46 9.53
N ALA B 35 4.79 -35.61 10.54
CA ALA B 35 4.49 -34.22 10.27
C ALA B 35 5.71 -33.41 9.84
N LEU B 36 6.91 -33.89 10.17
CA LEU B 36 8.13 -33.15 9.85
C LEU B 36 8.42 -32.98 8.36
N PRO B 37 8.12 -33.93 7.45
CA PRO B 37 8.18 -33.58 6.03
C PRO B 37 6.99 -32.77 5.54
N ASP B 38 5.91 -32.70 6.31
CA ASP B 38 4.69 -32.05 5.87
C ASP B 38 4.70 -30.54 6.11
N ILE B 39 5.74 -30.03 6.76
CA ILE B 39 5.73 -28.65 7.23
C ILE B 39 5.89 -27.67 6.09
N SER B 40 6.87 -27.91 5.21
CA SER B 40 7.03 -27.06 4.03
C SER B 40 5.85 -27.15 3.08
N GLY B 41 5.22 -28.33 3.01
CA GLY B 41 3.98 -28.44 2.26
C GLY B 41 2.86 -27.60 2.84
N LEU B 42 2.73 -27.60 4.16
CA LEU B 42 1.74 -26.74 4.80
C LEU B 42 2.04 -25.26 4.64
N VAL B 43 3.33 -24.90 4.63
CA VAL B 43 3.72 -23.51 4.45
C VAL B 43 3.38 -23.04 3.04
N ARG B 44 3.76 -23.82 2.03
CA ARG B 44 3.41 -23.49 0.65
C ARG B 44 1.91 -23.58 0.40
N ALA B 45 1.19 -24.38 1.20
CA ALA B 45 -0.25 -24.49 1.04
C ALA B 45 -0.97 -23.27 1.59
N ILE B 46 -0.58 -22.83 2.80
CA ILE B 46 -1.32 -21.76 3.44
C ILE B 46 -0.84 -20.40 2.95
N GLY B 47 0.48 -20.17 2.94
CA GLY B 47 1.01 -18.86 2.61
C GLY B 47 0.87 -18.47 1.15
N PHE B 48 0.50 -19.39 0.28
CA PHE B 48 0.24 -19.02 -1.10
C PHE B 48 -1.06 -18.24 -1.23
N ARG B 49 -2.01 -18.46 -0.32
CA ARG B 49 -3.07 -17.48 -0.11
C ARG B 49 -2.45 -16.21 0.43
N ASP B 50 -2.54 -15.11 -0.35
CA ASP B 50 -1.75 -13.90 -0.19
C ASP B 50 -0.25 -14.20 -0.14
N PRO B 51 0.38 -14.46 -1.28
CA PRO B 51 1.83 -14.67 -1.28
C PRO B 51 2.63 -13.43 -0.95
N ALA B 52 2.01 -12.25 -1.00
CA ALA B 52 2.61 -11.04 -0.43
C ALA B 52 2.20 -10.85 1.02
N LYS B 53 2.32 -11.94 1.78
CA LYS B 53 2.39 -11.90 3.23
C LYS B 53 3.64 -12.58 3.76
N ARG B 54 4.30 -13.42 2.95
CA ARG B 54 5.60 -14.02 3.22
C ARG B 54 5.56 -14.89 4.48
N LEU B 55 4.63 -15.84 4.47
CA LEU B 55 4.56 -16.81 5.55
C LEU B 55 5.75 -17.75 5.47
N SER B 56 6.53 -17.81 6.53
CA SER B 56 7.76 -18.58 6.55
C SER B 56 7.92 -19.22 7.91
N ALA B 57 7.93 -20.55 7.95
CA ALA B 57 8.15 -21.29 9.17
C ALA B 57 9.62 -21.62 9.30
N ILE B 58 10.11 -21.63 10.53
CA ILE B 58 11.46 -22.09 10.83
C ILE B 58 11.32 -23.23 11.83
N THR B 59 11.43 -24.45 11.34
CA THR B 59 11.41 -25.63 12.20
C THR B 59 12.75 -25.77 12.89
N SER B 60 12.71 -25.98 14.19
CA SER B 60 13.93 -26.17 14.96
C SER B 60 13.75 -27.37 15.88
N ILE B 61 14.85 -28.08 16.13
CA ILE B 61 14.82 -29.33 16.87
C ILE B 61 15.90 -29.28 17.95
N GLY B 62 15.51 -29.57 19.19
CA GLY B 62 16.45 -29.59 20.30
C GLY B 62 17.25 -30.88 20.34
N SER B 63 17.93 -31.07 21.47
CA SER B 63 18.83 -32.22 21.62
C SER B 63 18.06 -33.50 21.88
N ASP B 64 17.09 -33.46 22.80
CA ASP B 64 16.29 -34.64 23.12
C ASP B 64 15.48 -35.12 21.93
N ALA B 65 14.87 -34.18 21.19
CA ALA B 65 14.16 -34.57 19.98
C ALA B 65 15.10 -35.06 18.89
N TRP B 66 16.37 -34.67 18.93
CA TRP B 66 17.32 -35.22 17.96
C TRP B 66 17.69 -36.65 18.30
N ASP B 67 17.95 -36.94 19.58
CA ASP B 67 18.28 -38.31 19.95
C ASP B 67 17.05 -39.22 19.88
N ARG B 68 15.86 -38.66 20.00
CA ARG B 68 14.67 -39.50 19.84
C ARG B 68 14.33 -39.68 18.36
N LEU B 69 14.20 -38.58 17.62
CA LEU B 69 13.63 -38.60 16.28
C LEU B 69 14.59 -39.09 15.21
N PHE B 70 15.87 -38.71 15.28
CA PHE B 70 16.78 -38.92 14.17
C PHE B 70 17.88 -39.90 14.52
N SER B 71 18.25 -40.74 13.56
CA SER B 71 19.38 -41.63 13.65
C SER B 71 20.55 -41.05 12.87
N GLY B 72 21.62 -41.81 12.74
CA GLY B 72 22.77 -41.38 12.00
C GLY B 72 23.61 -40.39 12.77
N PRO B 73 23.96 -39.28 12.14
CA PRO B 73 24.86 -38.31 12.75
C PRO B 73 24.12 -37.43 13.77
N ARG B 74 24.87 -36.48 14.31
CA ARG B 74 24.36 -35.50 15.25
C ARG B 74 25.08 -34.19 14.97
N PRO B 75 24.41 -33.06 15.13
CA PRO B 75 25.12 -31.77 15.03
C PRO B 75 26.14 -31.65 16.14
N ALA B 76 27.27 -31.02 15.81
CA ALA B 76 28.47 -31.13 16.64
C ALA B 76 28.30 -30.42 17.98
N GLU B 77 27.70 -29.25 17.96
CA GLU B 77 27.54 -28.48 19.19
C GLU B 77 26.12 -28.49 19.71
N LEU B 78 25.27 -29.36 19.20
CA LEU B 78 23.90 -29.43 19.70
C LEU B 78 23.88 -30.07 21.08
N HIS B 79 23.44 -29.31 22.07
CA HIS B 79 23.37 -29.77 23.45
C HIS B 79 22.19 -29.07 24.11
N PRO B 80 21.74 -29.57 25.26
CA PRO B 80 20.73 -28.82 26.03
C PRO B 80 21.25 -27.46 26.45
N PHE B 81 20.34 -26.49 26.53
CA PHE B 81 20.70 -25.11 26.80
C PHE B 81 21.27 -24.98 28.20
N ARG B 82 22.54 -24.59 28.29
CA ARG B 82 23.25 -24.48 29.56
C ARG B 82 22.63 -23.37 30.39
N GLU B 83 22.00 -23.73 31.50
CA GLU B 83 21.38 -22.75 32.38
C GLU B 83 22.46 -21.91 33.05
N ILE B 84 22.42 -20.61 32.78
CA ILE B 84 23.40 -19.67 33.29
C ILE B 84 23.01 -19.07 34.63
N ASP B 85 23.55 -19.65 35.70
CA ASP B 85 23.28 -19.17 37.05
C ASP B 85 24.38 -18.19 37.41
N GLY B 86 24.17 -16.92 37.04
CA GLY B 86 25.16 -15.89 37.26
C GLY B 86 25.22 -15.42 38.69
N GLY B 87 25.76 -14.21 38.87
CA GLY B 87 25.86 -13.65 40.20
C GLY B 87 24.52 -13.21 40.75
N ARG B 88 23.72 -12.54 39.93
CA ARG B 88 22.40 -12.09 40.35
C ARG B 88 21.28 -12.56 39.43
N HIS B 89 21.50 -12.55 38.12
CA HIS B 89 20.50 -12.93 37.15
C HIS B 89 20.73 -14.36 36.68
N HIS B 90 19.66 -15.14 36.61
CA HIS B 90 19.72 -16.53 36.22
C HIS B 90 18.98 -16.71 34.90
N ALA B 91 19.57 -17.50 34.00
CA ALA B 91 18.97 -17.76 32.70
C ALA B 91 18.47 -19.21 32.67
N PRO B 92 17.20 -19.46 32.95
CA PRO B 92 16.73 -20.84 33.09
C PRO B 92 16.55 -21.52 31.74
N ALA B 93 16.28 -22.82 31.79
CA ALA B 93 16.13 -23.65 30.59
C ALA B 93 14.97 -24.62 30.83
N THR B 94 13.79 -24.25 30.35
CA THR B 94 12.66 -25.16 30.42
C THR B 94 12.81 -26.25 29.35
N PRO B 95 12.29 -27.45 29.61
CA PRO B 95 12.31 -28.48 28.56
C PRO B 95 11.41 -28.12 27.39
N GLY B 96 12.00 -28.13 26.21
CA GLY B 96 11.27 -27.96 24.97
C GLY B 96 11.95 -28.73 23.86
N ASP B 97 11.20 -29.61 23.21
CA ASP B 97 11.81 -30.49 22.22
C ASP B 97 12.03 -29.78 20.89
N LEU B 98 10.95 -29.25 20.32
CA LEU B 98 11.02 -28.59 19.02
C LEU B 98 10.51 -27.16 19.12
N LEU B 99 11.04 -26.31 18.25
CA LEU B 99 10.63 -24.92 18.17
C LEU B 99 10.03 -24.65 16.80
N PHE B 100 8.82 -24.11 16.78
CA PHE B 100 8.18 -23.63 15.56
C PHE B 100 8.25 -22.11 15.57
N HIS B 101 9.04 -21.55 14.67
CA HIS B 101 9.16 -20.10 14.52
C HIS B 101 8.41 -19.71 13.26
N LEU B 102 7.31 -18.97 13.43
CA LEU B 102 6.47 -18.56 12.32
C LEU B 102 6.49 -17.05 12.19
N ARG B 103 6.50 -16.57 10.95
CA ARG B 103 6.62 -15.14 10.69
C ARG B 103 5.90 -14.81 9.40
N ALA B 104 5.06 -13.78 9.43
CA ALA B 104 4.43 -13.25 8.22
C ALA B 104 3.94 -11.84 8.48
N GLU B 105 3.36 -11.25 7.43
CA GLU B 105 2.91 -9.86 7.45
C GLU B 105 1.71 -9.63 8.34
N SER B 106 0.97 -10.68 8.69
CA SER B 106 -0.23 -10.54 9.51
C SER B 106 -0.30 -11.68 10.51
N MET B 107 -1.17 -11.53 11.50
CA MET B 107 -1.27 -12.51 12.58
C MET B 107 -2.01 -13.76 12.15
N ASP B 108 -2.99 -13.62 11.24
CA ASP B 108 -3.94 -14.69 10.97
C ASP B 108 -3.31 -15.88 10.27
N VAL B 109 -2.41 -15.61 9.32
CA VAL B 109 -1.83 -16.71 8.56
C VAL B 109 -0.80 -17.46 9.41
N CYS B 110 -0.12 -16.77 10.33
CA CYS B 110 0.71 -17.45 11.32
C CYS B 110 -0.13 -18.29 12.26
N PHE B 111 -1.29 -17.77 12.67
CA PHE B 111 -2.21 -18.50 13.53
C PHE B 111 -2.75 -19.74 12.85
N GLU B 112 -3.05 -19.64 11.55
CA GLU B 112 -3.60 -20.78 10.84
C GLU B 112 -2.53 -21.83 10.54
N LEU B 113 -1.30 -21.40 10.25
CA LEU B 113 -0.21 -22.35 10.11
C LEU B 113 0.07 -23.07 11.43
N ALA B 114 0.01 -22.35 12.55
CA ALA B 114 0.19 -23.02 13.83
C ALA B 114 -1.00 -23.91 14.18
N THR B 115 -2.20 -23.55 13.73
CA THR B 115 -3.37 -24.39 13.94
C THR B 115 -3.23 -25.70 13.20
N LYS B 116 -2.76 -25.64 11.96
CA LYS B 116 -2.52 -26.85 11.18
C LYS B 116 -1.25 -27.58 11.60
N LEU B 117 -0.37 -26.94 12.37
CA LEU B 117 0.88 -27.61 12.73
C LEU B 117 0.69 -28.63 13.86
N VAL B 118 -0.02 -28.26 14.92
CA VAL B 118 -0.16 -29.18 16.03
C VAL B 118 -1.22 -30.24 15.73
N GLU B 119 -2.13 -29.95 14.82
CA GLU B 119 -3.17 -30.90 14.47
C GLU B 119 -2.81 -31.71 13.24
N ALA B 120 -1.58 -31.59 12.76
CA ALA B 120 -0.96 -32.59 11.91
C ALA B 120 -0.25 -33.66 12.73
N MET B 121 -0.02 -33.39 14.01
CA MET B 121 0.59 -34.32 14.96
C MET B 121 -0.21 -34.33 16.25
N SER B 122 -1.53 -34.46 16.12
CA SER B 122 -2.48 -34.31 17.22
C SER B 122 -2.30 -35.37 18.30
N GLY B 123 -2.08 -34.93 19.53
CA GLY B 123 -1.87 -35.81 20.64
C GLY B 123 -0.42 -36.17 20.88
N ALA B 124 0.46 -35.84 19.93
CA ALA B 124 1.87 -36.18 20.08
C ALA B 124 2.64 -35.15 20.87
N ILE B 125 2.15 -33.91 20.96
CA ILE B 125 2.88 -32.83 21.59
C ILE B 125 1.99 -32.08 22.57
N THR B 126 2.63 -31.45 23.55
CA THR B 126 2.01 -30.42 24.37
C THR B 126 2.79 -29.13 24.16
N ILE B 127 2.07 -28.05 23.87
CA ILE B 127 2.68 -26.76 23.58
C ILE B 127 3.05 -26.12 24.92
N VAL B 128 4.35 -26.04 25.19
CA VAL B 128 4.78 -25.50 26.47
C VAL B 128 4.72 -23.98 26.46
N ASP B 129 5.13 -23.35 25.37
CA ASP B 129 5.23 -21.90 25.36
C ASP B 129 4.49 -21.38 24.13
N GLU B 130 3.59 -20.43 24.36
CA GLU B 130 2.66 -19.88 23.38
C GLU B 130 2.74 -18.36 23.46
N THR B 131 3.46 -17.75 22.53
CA THR B 131 3.54 -16.30 22.45
C THR B 131 3.14 -15.85 21.06
N HIS B 132 2.41 -14.75 20.99
CA HIS B 132 2.03 -14.13 19.73
C HIS B 132 2.79 -12.82 19.64
N GLY B 133 3.98 -12.88 19.06
CA GLY B 133 4.82 -11.71 18.97
C GLY B 133 4.36 -10.73 17.90
N PHE B 134 3.91 -9.56 18.32
CA PHE B 134 3.60 -8.48 17.41
C PHE B 134 4.81 -7.57 17.30
N ARG B 135 4.66 -6.44 16.61
CA ARG B 135 5.78 -5.60 16.27
C ARG B 135 5.40 -4.14 16.46
N PHE B 136 6.28 -3.36 17.10
CA PHE B 136 5.99 -1.97 17.46
C PHE B 136 6.13 -1.06 16.25
N PHE B 137 6.18 0.26 16.51
CA PHE B 137 6.02 1.26 15.46
C PHE B 137 7.10 1.21 14.40
N ASP B 138 8.31 1.66 14.73
CA ASP B 138 9.46 1.47 13.84
C ASP B 138 10.39 0.40 14.38
N ASN B 139 9.88 -0.84 14.38
CA ASN B 139 10.59 -2.05 14.83
C ASN B 139 11.06 -1.96 16.27
N ARG B 140 10.36 -1.19 17.10
CA ARG B 140 10.80 -1.05 18.47
C ARG B 140 10.40 -2.26 19.30
N ASP B 141 10.88 -2.27 20.53
CA ASP B 141 10.44 -3.22 21.52
C ASP B 141 9.70 -2.46 22.61
N LEU B 142 9.36 -3.15 23.69
CA LEU B 142 8.63 -2.50 24.77
C LEU B 142 9.52 -1.58 25.59
N MET B 143 10.84 -1.74 25.52
CA MET B 143 11.74 -0.79 26.18
C MET B 143 11.68 0.58 25.52
N GLY B 144 11.28 0.64 24.25
CA GLY B 144 11.21 1.88 23.51
C GLY B 144 12.32 2.06 22.51
N PHE B 145 13.32 1.20 22.53
CA PHE B 145 14.44 1.32 21.62
C PHE B 145 14.16 0.50 20.38
N VAL B 146 14.72 0.94 19.26
CA VAL B 146 14.56 0.19 18.01
C VAL B 146 15.38 -1.08 18.11
N ASP B 147 14.75 -2.22 17.80
CA ASP B 147 15.29 -3.52 18.13
C ASP B 147 15.76 -4.27 16.88
N GLY B 148 17.01 -4.70 16.91
CA GLY B 148 17.52 -5.55 15.86
C GLY B 148 18.09 -4.83 14.66
N THR B 149 18.66 -3.64 14.86
CA THR B 149 19.15 -2.86 13.75
C THR B 149 20.56 -3.23 13.31
N GLU B 150 21.20 -4.19 13.98
CA GLU B 150 22.56 -4.55 13.65
C GLU B 150 22.65 -5.98 13.12
N ASN B 151 21.57 -6.50 12.57
CA ASN B 151 21.63 -7.76 11.87
C ASN B 151 22.38 -7.57 10.55
N PRO B 152 23.30 -8.46 10.20
CA PRO B 152 24.03 -8.32 8.94
C PRO B 152 23.18 -8.74 7.74
N ASP B 153 23.74 -8.51 6.56
CA ASP B 153 23.07 -8.83 5.31
C ASP B 153 24.06 -9.39 4.30
N GLY B 154 23.58 -10.29 3.46
CA GLY B 154 24.42 -10.80 2.39
C GLY B 154 25.43 -11.79 2.90
N ASN B 155 26.69 -11.59 2.49
CA ASN B 155 27.76 -12.52 2.80
C ASN B 155 28.05 -12.59 4.28
N LEU B 156 28.11 -11.42 4.94
CA LEU B 156 28.31 -11.32 6.38
C LEU B 156 27.15 -11.86 7.19
N ALA B 157 26.04 -12.22 6.56
CA ALA B 157 24.93 -12.90 7.21
C ALA B 157 24.91 -14.39 6.94
N VAL B 158 25.22 -14.82 5.70
CA VAL B 158 25.15 -16.25 5.40
C VAL B 158 26.33 -16.98 6.06
N VAL B 159 27.50 -16.34 6.12
CA VAL B 159 28.57 -16.95 6.92
C VAL B 159 28.38 -16.72 8.41
N ALA B 160 27.48 -15.83 8.81
CA ALA B 160 27.15 -15.70 10.22
C ALA B 160 26.17 -16.76 10.70
N THR B 161 25.32 -17.26 9.80
CA THR B 161 24.28 -18.21 10.20
C THR B 161 24.46 -19.59 9.62
N GLN B 162 24.70 -19.70 8.32
CA GLN B 162 24.65 -21.00 7.67
C GLN B 162 25.97 -21.75 7.86
N ILE B 163 25.87 -23.01 8.24
CA ILE B 163 27.03 -23.86 8.44
C ILE B 163 27.57 -24.29 7.08
N GLY B 164 28.87 -24.09 6.86
CA GLY B 164 29.52 -24.59 5.67
C GLY B 164 29.86 -26.06 5.79
N ASP B 165 31.09 -26.43 5.41
CA ASP B 165 31.53 -27.81 5.55
C ASP B 165 32.48 -28.00 6.73
N GLU B 166 32.39 -27.12 7.74
CA GLU B 166 32.98 -27.44 9.03
C GLU B 166 32.20 -28.53 9.74
N ASP B 167 30.92 -28.67 9.40
CA ASP B 167 30.16 -29.89 9.68
C ASP B 167 29.43 -30.24 8.39
N PRO B 168 30.05 -31.07 7.54
CA PRO B 168 29.50 -31.28 6.19
C PRO B 168 28.24 -32.12 6.15
N ASP B 169 27.89 -32.83 7.23
CA ASP B 169 26.65 -33.58 7.24
C ASP B 169 25.46 -32.67 7.48
N PHE B 170 25.70 -31.44 7.94
CA PHE B 170 24.64 -30.46 8.14
C PHE B 170 25.03 -29.13 7.53
N ALA B 171 25.49 -29.17 6.28
CA ALA B 171 25.83 -27.96 5.55
C ALA B 171 24.56 -27.14 5.32
N GLY B 172 24.53 -25.93 5.88
CA GLY B 172 23.31 -25.16 5.93
C GLY B 172 22.52 -25.51 7.16
N GLY B 173 22.17 -24.52 7.96
CA GLY B 173 21.52 -24.79 9.22
C GLY B 173 22.12 -23.99 10.36
N CYS B 174 21.32 -23.67 11.35
CA CYS B 174 21.71 -22.71 12.38
C CYS B 174 21.52 -23.32 13.75
N TYR B 175 21.77 -22.52 14.77
CA TYR B 175 21.44 -22.87 16.13
C TYR B 175 20.67 -21.73 16.77
N VAL B 176 19.65 -22.07 17.55
CA VAL B 176 18.66 -21.11 18.02
C VAL B 176 18.75 -21.01 19.53
N HIS B 177 18.70 -19.80 20.04
CA HIS B 177 18.61 -19.55 21.48
C HIS B 177 17.37 -18.71 21.71
N VAL B 178 16.29 -19.34 22.15
CA VAL B 178 15.12 -18.60 22.56
C VAL B 178 15.25 -18.23 24.03
N GLN B 179 14.76 -17.03 24.37
CA GLN B 179 14.77 -16.57 25.76
C GLN B 179 13.59 -15.61 25.90
N LYS B 180 12.52 -16.09 26.53
CA LYS B 180 11.33 -15.28 26.71
C LYS B 180 11.54 -14.39 27.93
N TYR B 181 11.77 -13.10 27.71
CA TYR B 181 11.95 -12.17 28.80
C TYR B 181 10.61 -11.60 29.23
N LEU B 182 10.55 -11.12 30.46
CA LEU B 182 9.33 -10.54 31.01
C LEU B 182 9.66 -9.26 31.79
N HIS B 183 10.40 -8.35 31.17
CA HIS B 183 10.92 -7.18 31.86
C HIS B 183 9.82 -6.25 32.36
N ASP B 184 10.02 -5.74 33.57
CA ASP B 184 9.05 -4.84 34.17
C ASP B 184 9.16 -3.46 33.55
N MET B 185 8.02 -2.76 33.51
CA MET B 185 7.98 -1.41 33.01
C MET B 185 7.84 -0.36 34.10
N ALA B 186 7.61 -0.77 35.34
CA ALA B 186 7.42 0.20 36.41
C ALA B 186 8.72 0.92 36.75
N SER B 187 9.82 0.18 36.83
CA SER B 187 11.11 0.80 37.06
C SER B 187 11.71 1.39 35.80
N TRP B 188 11.41 0.78 34.65
CA TRP B 188 11.97 1.28 33.39
C TRP B 188 11.35 2.60 32.98
N ASN B 189 10.05 2.77 33.21
CA ASN B 189 9.41 4.02 32.82
C ASN B 189 9.80 5.18 33.73
N SER B 190 9.99 4.91 35.03
CA SER B 190 10.43 5.94 35.96
C SER B 190 11.90 6.30 35.75
N LEU B 191 12.67 5.39 35.17
CA LEU B 191 14.03 5.68 34.76
C LEU B 191 14.02 6.72 33.64
N SER B 192 15.01 7.60 33.68
CA SER B 192 15.11 8.67 32.71
C SER B 192 15.77 8.17 31.43
N VAL B 193 15.71 8.99 30.38
CA VAL B 193 16.05 8.50 29.05
C VAL B 193 17.54 8.31 28.87
N GLU B 194 18.35 9.22 29.42
CA GLU B 194 19.80 9.13 29.26
C GLU B 194 20.39 7.99 30.08
N GLU B 195 19.66 7.60 31.13
CA GLU B 195 20.05 6.46 31.94
C GLU B 195 19.79 5.22 31.09
N GLN B 196 18.68 5.23 30.35
CA GLN B 196 18.33 4.12 29.48
C GLN B 196 19.27 4.02 28.29
N GLU B 197 19.85 5.14 27.88
CA GLU B 197 20.85 5.08 26.83
C GLU B 197 22.19 4.59 27.36
N ARG B 198 22.43 4.76 28.66
CA ARG B 198 23.54 4.06 29.29
C ARG B 198 23.28 2.56 29.36
N VAL B 199 22.01 2.19 29.55
CA VAL B 199 21.62 0.77 29.55
C VAL B 199 21.87 0.15 28.17
N ILE B 200 21.30 0.75 27.13
CA ILE B 200 21.33 0.14 25.80
C ILE B 200 22.70 0.30 25.18
N GLY B 201 23.18 1.54 25.10
CA GLY B 201 24.40 1.87 24.39
C GLY B 201 24.17 2.63 23.11
N ARG B 202 22.91 2.77 22.67
CA ARG B 202 22.53 3.58 21.54
C ARG B 202 21.47 4.56 22.00
N THR B 203 21.11 5.50 21.13
CA THR B 203 20.08 6.45 21.50
C THR B 203 18.69 5.81 21.39
N LYS B 204 17.67 6.54 21.83
CA LYS B 204 16.34 5.97 21.88
C LYS B 204 15.47 6.40 20.70
N LEU B 205 15.47 7.68 20.36
CA LEU B 205 14.56 8.15 19.31
C LEU B 205 15.09 7.80 17.93
N ASP B 206 16.36 8.11 17.66
CA ASP B 206 16.94 7.94 16.35
C ASP B 206 17.88 6.75 16.23
N ASP B 207 18.21 6.09 17.35
CA ASP B 207 19.00 4.86 17.41
C ASP B 207 20.40 5.04 16.81
N ILE B 208 20.97 6.21 17.02
CA ILE B 208 22.38 6.42 16.71
C ILE B 208 23.18 5.70 17.79
N GLU B 209 24.20 4.95 17.37
CA GLU B 209 25.11 4.36 18.34
C GLU B 209 25.92 5.46 19.02
N LEU B 210 26.15 5.29 20.33
CA LEU B 210 26.85 6.31 21.09
C LEU B 210 28.33 6.29 20.77
N ASP B 211 29.02 7.34 21.23
CA ASP B 211 30.47 7.41 21.07
C ASP B 211 31.14 6.32 21.89
N ASP B 212 32.30 5.86 21.41
CA ASP B 212 32.98 4.73 22.03
C ASP B 212 33.49 5.07 23.44
N ASP B 213 33.84 6.33 23.68
CA ASP B 213 34.22 6.70 25.03
C ASP B 213 32.99 7.01 25.88
N VAL B 214 31.92 7.52 25.26
CA VAL B 214 30.71 7.87 26.00
C VAL B 214 29.94 6.60 26.40
N LYS B 215 29.99 5.57 25.58
CA LYS B 215 29.27 4.32 25.85
C LYS B 215 29.91 3.57 27.01
N PRO B 216 29.16 3.25 28.07
CA PRO B 216 29.74 2.55 29.20
C PRO B 216 30.06 1.10 28.86
N ALA B 217 30.88 0.49 29.72
CA ALA B 217 31.36 -0.86 29.45
C ALA B 217 30.30 -1.92 29.73
N ASN B 218 29.33 -1.62 30.59
CA ASN B 218 28.30 -2.58 30.93
C ASN B 218 27.02 -2.39 30.12
N SER B 219 27.08 -1.62 29.04
CA SER B 219 25.93 -1.44 28.17
C SER B 219 25.69 -2.72 27.36
N HIS B 220 24.47 -2.80 26.83
CA HIS B 220 24.07 -3.98 26.05
C HIS B 220 24.84 -4.08 24.74
N VAL B 221 24.86 -2.99 23.98
CA VAL B 221 25.61 -2.96 22.73
C VAL B 221 27.12 -2.98 22.97
N ALA B 222 27.58 -2.67 24.19
CA ALA B 222 28.99 -2.78 24.53
C ALA B 222 29.38 -4.22 24.83
N LEU B 223 28.51 -4.96 25.51
CA LEU B 223 28.85 -6.31 25.93
C LEU B 223 28.55 -7.35 24.86
N ASN B 224 27.59 -7.09 23.96
CA ASN B 224 27.17 -8.12 23.04
C ASN B 224 28.01 -8.20 21.78
N VAL B 225 28.75 -7.15 21.42
CA VAL B 225 29.66 -7.26 20.29
C VAL B 225 30.87 -8.09 20.72
N ILE B 226 31.22 -9.07 19.90
CA ILE B 226 32.27 -10.03 20.25
C ILE B 226 33.40 -9.88 19.25
N GLU B 227 34.60 -9.59 19.73
CA GLU B 227 35.78 -9.57 18.89
C GLU B 227 36.50 -10.90 18.98
N ASP B 228 37.02 -11.36 17.86
CA ASP B 228 37.87 -12.54 17.85
C ASP B 228 39.33 -12.12 17.97
N GLU B 229 40.23 -13.10 17.93
CA GLU B 229 41.64 -12.78 18.06
C GLU B 229 42.26 -12.40 16.72
N ASP B 230 41.68 -12.86 15.60
CA ASP B 230 42.12 -12.40 14.29
C ASP B 230 41.67 -10.99 13.98
N GLY B 231 40.63 -10.48 14.65
CA GLY B 231 40.15 -9.15 14.41
C GLY B 231 38.75 -9.08 13.83
N ASN B 232 38.25 -10.18 13.27
CA ASN B 232 36.88 -10.17 12.79
C ASN B 232 35.92 -10.26 13.97
N GLU B 233 34.71 -9.76 13.76
CA GLU B 233 33.67 -9.83 14.77
C GLU B 233 32.64 -10.87 14.35
N LEU B 234 32.13 -11.60 15.33
CA LEU B 234 31.13 -12.62 15.08
C LEU B 234 29.76 -12.05 15.37
N LYS B 235 28.89 -12.10 14.38
CA LYS B 235 27.55 -11.57 14.48
C LYS B 235 26.52 -12.69 14.40
N ILE B 236 25.39 -12.49 15.06
CA ILE B 236 24.25 -13.39 14.95
C ILE B 236 23.08 -12.60 14.37
N ILE B 237 22.06 -13.32 13.93
CA ILE B 237 20.84 -12.72 13.45
C ILE B 237 19.72 -13.06 14.43
N ARG B 238 19.06 -12.03 14.96
CA ARG B 238 18.02 -12.20 15.94
C ARG B 238 16.73 -11.56 15.46
N HIS B 239 15.64 -12.32 15.51
CA HIS B 239 14.30 -11.80 15.22
C HIS B 239 13.52 -11.55 16.50
N ASN B 240 14.00 -10.62 17.32
CA ASN B 240 13.36 -10.36 18.61
C ASN B 240 12.03 -9.64 18.40
N MET B 241 10.94 -10.28 18.80
CA MET B 241 9.61 -9.72 18.64
C MET B 241 9.01 -9.50 20.01
N PRO B 242 8.48 -8.31 20.29
CA PRO B 242 7.81 -8.10 21.57
C PRO B 242 6.45 -8.79 21.62
N PHE B 243 6.09 -9.24 22.82
CA PHE B 243 4.79 -9.82 23.11
C PHE B 243 4.29 -9.16 24.38
N GLY B 244 3.15 -9.60 24.88
CA GLY B 244 2.75 -9.14 26.19
C GLY B 244 1.28 -9.29 26.43
N GLU B 245 0.93 -9.33 27.72
CA GLU B 245 -0.46 -9.42 28.16
C GLU B 245 -0.66 -8.41 29.27
N ILE B 246 -1.50 -7.41 29.01
CA ILE B 246 -1.72 -6.35 30.00
C ILE B 246 -2.62 -6.84 31.11
N GLY B 247 -3.41 -7.89 30.86
CA GLY B 247 -4.25 -8.46 31.91
C GLY B 247 -3.46 -9.08 33.04
N LYS B 248 -2.25 -9.54 32.76
CA LYS B 248 -1.29 -9.88 33.80
C LYS B 248 -0.25 -8.79 34.00
N GLY B 249 -0.30 -7.71 33.22
CA GLY B 249 0.72 -6.70 33.29
C GLY B 249 2.05 -7.12 32.70
N GLU B 250 2.05 -8.10 31.80
CA GLU B 250 3.27 -8.61 31.21
C GLU B 250 3.68 -7.78 30.01
N PHE B 251 4.96 -7.43 29.95
CA PHE B 251 5.52 -6.71 28.82
C PHE B 251 6.88 -7.33 28.54
N GLY B 252 6.94 -8.25 27.58
CA GLY B 252 8.15 -9.01 27.35
C GLY B 252 8.58 -8.95 25.89
N THR B 253 9.85 -9.23 25.68
CA THR B 253 10.46 -9.28 24.35
C THR B 253 10.98 -10.70 24.14
N TYR B 254 10.37 -11.43 23.23
CA TYR B 254 10.78 -12.80 22.96
C TYR B 254 12.07 -12.78 22.16
N TYR B 255 13.20 -12.91 22.85
CA TYR B 255 14.48 -12.97 22.18
C TYR B 255 14.63 -14.32 21.50
N ILE B 256 15.11 -14.31 20.26
CA ILE B 256 15.43 -15.53 19.54
C ILE B 256 16.61 -15.29 18.62
N GLY B 257 17.71 -16.00 18.85
CA GLY B 257 18.92 -15.72 18.12
C GLY B 257 19.44 -16.88 17.29
N TYR B 258 19.63 -16.65 15.99
CA TYR B 258 20.12 -17.66 15.08
C TYR B 258 21.61 -17.45 14.87
N SER B 259 22.38 -18.53 14.88
CA SER B 259 23.83 -18.42 14.80
C SER B 259 24.40 -19.67 14.16
N ARG B 260 25.62 -19.52 13.64
CA ARG B 260 26.31 -20.65 13.01
C ARG B 260 26.73 -21.67 14.06
N THR B 261 27.14 -21.21 15.24
CA THR B 261 27.55 -22.07 16.33
C THR B 261 27.05 -21.49 17.64
N PRO B 262 26.60 -22.34 18.57
CA PRO B 262 26.08 -21.83 19.84
C PRO B 262 27.15 -21.31 20.78
N SER B 263 28.43 -21.48 20.45
CA SER B 263 29.49 -20.86 21.23
C SER B 263 29.45 -19.35 21.17
N VAL B 264 29.03 -18.79 20.04
CA VAL B 264 28.96 -17.34 19.89
C VAL B 264 27.82 -16.77 20.73
N THR B 265 26.63 -17.35 20.60
CA THR B 265 25.48 -16.94 21.39
C THR B 265 25.71 -17.18 22.87
N GLU B 266 26.39 -18.28 23.22
CA GLU B 266 26.66 -18.55 24.62
C GLU B 266 27.71 -17.61 25.18
N ARG B 267 28.66 -17.15 24.35
CA ARG B 267 29.59 -16.14 24.82
C ARG B 267 28.92 -14.79 24.96
N MET B 268 27.92 -14.50 24.13
CA MET B 268 27.12 -13.30 24.33
C MET B 268 26.31 -13.38 25.63
N LEU B 269 25.75 -14.54 25.91
CA LEU B 269 25.01 -14.74 27.16
C LEU B 269 25.94 -14.73 28.35
N ASP B 270 27.20 -15.13 28.16
CA ASP B 270 28.18 -15.04 29.23
C ASP B 270 28.63 -13.60 29.44
N ASN B 271 28.66 -12.80 28.37
CA ASN B 271 28.92 -11.38 28.49
C ASN B 271 27.74 -10.64 29.12
N MET B 272 26.55 -11.21 29.07
CA MET B 272 25.39 -10.60 29.70
C MET B 272 25.20 -11.02 31.15
N PHE B 273 25.00 -12.32 31.39
CA PHE B 273 24.66 -12.79 32.72
C PHE B 273 25.90 -12.91 33.61
N ILE B 274 26.85 -13.74 33.19
CA ILE B 274 28.14 -13.82 33.89
C ILE B 274 28.88 -12.50 33.73
N GLY B 275 28.74 -11.85 32.59
CA GLY B 275 29.33 -10.55 32.37
C GLY B 275 30.81 -10.64 32.05
N ASP B 276 31.37 -9.47 31.79
CA ASP B 276 32.82 -9.36 31.67
C ASP B 276 33.43 -9.55 33.05
N PRO B 277 34.70 -9.93 33.12
CA PRO B 277 35.40 -9.91 34.40
C PRO B 277 35.54 -8.49 34.95
N PRO B 278 35.69 -7.41 34.10
CA PRO B 278 35.38 -6.07 34.66
C PRO B 278 33.91 -5.83 34.96
N GLY B 279 33.04 -5.97 33.96
CA GLY B 279 31.63 -5.71 34.15
C GLY B 279 30.81 -6.98 34.21
N ASN B 280 30.44 -7.42 35.42
CA ASN B 280 29.89 -8.76 35.59
C ASN B 280 28.39 -8.80 35.37
N THR B 281 27.77 -7.68 35.09
CA THR B 281 26.34 -7.62 34.88
C THR B 281 26.06 -6.77 33.65
N ASP B 282 25.10 -7.20 32.82
CA ASP B 282 24.60 -6.37 31.74
C ASP B 282 23.46 -5.51 32.25
N ARG B 283 23.44 -4.26 31.80
CA ARG B 283 22.54 -3.27 32.38
C ARG B 283 21.09 -3.52 32.02
N ILE B 284 20.82 -4.24 30.92
CA ILE B 284 19.44 -4.55 30.59
C ILE B 284 18.92 -5.70 31.45
N LEU B 285 19.81 -6.49 32.06
CA LEU B 285 19.37 -7.58 32.92
C LEU B 285 18.96 -7.09 34.30
N ASP B 286 19.26 -5.84 34.63
CA ASP B 286 18.66 -5.20 35.80
C ASP B 286 17.15 -5.09 35.66
N PHE B 287 16.64 -5.04 34.44
CA PHE B 287 15.22 -4.91 34.20
C PHE B 287 14.61 -6.15 33.57
N SER B 288 15.38 -6.90 32.79
CA SER B 288 14.87 -8.06 32.08
C SER B 288 15.25 -9.33 32.82
N THR B 289 14.25 -10.12 33.18
CA THR B 289 14.44 -11.43 33.78
C THR B 289 13.97 -12.48 32.80
N ALA B 290 14.86 -13.40 32.44
CA ALA B 290 14.51 -14.48 31.54
C ALA B 290 13.57 -15.46 32.22
N ILE B 291 12.56 -15.91 31.48
CA ILE B 291 11.58 -16.85 31.99
C ILE B 291 11.80 -18.25 31.41
N THR B 292 12.00 -18.34 30.11
CA THR B 292 12.24 -19.60 29.43
C THR B 292 13.63 -19.59 28.82
N GLY B 293 13.97 -20.70 28.18
CA GLY B 293 15.26 -20.83 27.53
C GLY B 293 15.37 -22.15 26.81
N GLY B 294 16.10 -22.19 25.71
CA GLY B 294 16.26 -23.43 24.98
C GLY B 294 17.26 -23.27 23.86
N LEU B 295 17.98 -24.35 23.58
CA LEU B 295 18.90 -24.40 22.45
C LEU B 295 18.37 -25.42 21.45
N PHE B 296 18.29 -25.00 20.19
CA PHE B 296 17.69 -25.81 19.14
C PHE B 296 18.61 -25.82 17.93
N PHE B 297 18.18 -26.52 16.89
CA PHE B 297 18.95 -26.65 15.66
C PHE B 297 18.01 -26.51 14.48
N THR B 298 18.29 -25.57 13.59
CA THR B 298 17.58 -25.56 12.33
C THR B 298 18.25 -26.53 11.37
N PRO B 299 17.52 -27.45 10.79
CA PRO B 299 18.07 -28.23 9.68
C PRO B 299 17.82 -27.52 8.37
N THR B 300 18.22 -28.12 7.25
CA THR B 300 17.79 -27.61 5.97
C THR B 300 16.35 -28.04 5.70
N VAL B 301 15.73 -27.40 4.71
CA VAL B 301 14.41 -27.86 4.29
C VAL B 301 14.54 -29.17 3.53
N ASP B 302 15.71 -29.41 2.92
CA ASP B 302 15.98 -30.73 2.35
C ASP B 302 16.07 -31.79 3.43
N PHE B 303 16.55 -31.42 4.62
CA PHE B 303 16.61 -32.36 5.74
C PHE B 303 15.23 -32.72 6.24
N LEU B 304 14.28 -31.80 6.17
CA LEU B 304 12.90 -32.17 6.47
C LEU B 304 12.28 -32.93 5.31
N ASP B 305 12.71 -32.64 4.08
CA ASP B 305 12.23 -33.39 2.92
C ASP B 305 12.77 -34.80 2.93
N ASP B 306 14.03 -34.96 3.28
CA ASP B 306 14.68 -36.27 3.38
C ASP B 306 15.21 -36.44 4.80
N PRO B 307 14.34 -36.83 5.73
CA PRO B 307 14.80 -37.11 7.08
C PRO B 307 15.58 -38.41 7.12
N PRO B 308 16.55 -38.53 8.01
CA PRO B 308 17.17 -39.83 8.25
C PRO B 308 16.18 -40.76 8.90
N PRO B 309 16.36 -42.08 8.73
CA PRO B 309 15.34 -43.03 9.21
C PRO B 309 15.22 -43.03 10.73
N LEU B 310 14.02 -43.31 11.20
CA LEU B 310 13.71 -43.23 12.62
C LEU B 310 14.39 -44.37 13.37
N PRO B 311 15.24 -44.08 14.36
CA PRO B 311 15.93 -45.11 15.15
C PRO B 311 14.97 -45.90 16.03
N ALA C 3 -33.42 10.75 4.26
CA ALA C 3 -33.99 9.41 4.42
C ALA C 3 -33.98 8.52 3.14
N PRO C 4 -34.20 9.04 1.94
CA PRO C 4 -33.90 8.21 0.76
C PRO C 4 -32.40 8.07 0.55
N GLN C 5 -31.90 6.86 0.73
CA GLN C 5 -30.49 6.58 0.51
C GLN C 5 -30.27 6.32 -0.98
N PRO C 6 -29.44 7.10 -1.67
CA PRO C 6 -29.23 6.88 -3.09
C PRO C 6 -28.30 5.70 -3.33
N GLN C 7 -28.26 5.27 -4.58
CA GLN C 7 -27.32 4.25 -5.00
C GLN C 7 -25.92 4.84 -5.03
N PRO C 8 -24.87 4.01 -4.81
CA PRO C 8 -23.50 4.56 -4.76
C PRO C 8 -22.98 5.02 -6.11
N VAL C 9 -23.51 6.14 -6.59
CA VAL C 9 -23.00 6.80 -7.78
C VAL C 9 -21.92 7.80 -7.42
N LEU C 10 -22.03 8.41 -6.23
CA LEU C 10 -21.04 9.37 -5.74
C LEU C 10 -19.85 8.63 -5.14
N ALA C 11 -19.13 7.92 -6.00
CA ALA C 11 -17.97 7.15 -5.61
C ALA C 11 -16.81 7.52 -6.51
N PRO C 12 -15.57 7.45 -6.03
CA PRO C 12 -14.43 7.74 -6.89
C PRO C 12 -14.25 6.68 -7.96
N LEU C 13 -13.46 7.03 -8.98
CA LEU C 13 -13.19 6.10 -10.06
C LEU C 13 -12.32 4.96 -9.58
N THR C 14 -12.73 3.75 -9.90
CA THR C 14 -12.07 2.56 -9.42
C THR C 14 -11.19 1.97 -10.51
N PRO C 15 -10.12 1.25 -10.16
CA PRO C 15 -9.22 0.72 -11.19
C PRO C 15 -9.81 -0.38 -12.05
N ALA C 16 -10.93 -0.97 -11.68
CA ALA C 16 -11.59 -1.97 -12.50
C ALA C 16 -13.08 -1.76 -12.46
N ALA C 17 -13.75 -2.10 -13.55
CA ALA C 17 -15.19 -1.90 -13.65
C ALA C 17 -15.76 -2.90 -14.64
N VAL C 18 -17.00 -3.31 -14.38
CA VAL C 18 -17.74 -4.22 -15.24
C VAL C 18 -19.09 -3.61 -15.54
N PHE C 19 -19.38 -3.41 -16.82
CA PHE C 19 -20.67 -2.91 -17.27
C PHE C 19 -21.45 -4.04 -17.90
N LEU C 20 -22.68 -4.24 -17.44
CA LEU C 20 -23.55 -5.29 -17.96
C LEU C 20 -24.84 -4.66 -18.45
N VAL C 21 -25.11 -4.80 -19.74
CA VAL C 21 -26.39 -4.42 -20.30
C VAL C 21 -27.11 -5.71 -20.66
N ALA C 22 -28.02 -6.15 -19.80
CA ALA C 22 -28.75 -7.40 -19.99
C ALA C 22 -30.20 -7.07 -20.31
N THR C 23 -30.72 -7.68 -21.37
CA THR C 23 -32.11 -7.53 -21.74
C THR C 23 -32.91 -8.69 -21.12
N ILE C 24 -34.10 -8.36 -20.65
CA ILE C 24 -34.96 -9.32 -19.95
C ILE C 24 -35.79 -10.08 -20.98
N ASP C 25 -35.82 -11.41 -20.84
CA ASP C 25 -36.58 -12.24 -21.75
C ASP C 25 -38.07 -12.09 -21.49
N GLU C 26 -38.87 -12.50 -22.48
CA GLU C 26 -40.32 -12.32 -22.40
C GLU C 26 -40.93 -13.25 -21.37
N GLY C 27 -41.75 -12.70 -20.50
CA GLY C 27 -42.45 -13.50 -19.50
C GLY C 27 -41.59 -13.91 -18.33
N GLN C 28 -40.45 -13.24 -18.12
CA GLN C 28 -39.56 -13.53 -17.00
C GLN C 28 -39.51 -12.36 -16.03
N GLU C 29 -40.67 -11.76 -15.79
CA GLU C 29 -40.74 -10.55 -14.98
C GLU C 29 -40.50 -10.84 -13.51
N ALA C 30 -41.20 -11.85 -12.96
CA ALA C 30 -41.10 -12.15 -11.54
C ALA C 30 -39.74 -12.73 -11.17
N THR C 31 -39.03 -13.32 -12.13
CA THR C 31 -37.69 -13.83 -11.86
C THR C 31 -36.71 -12.69 -11.59
N VAL C 32 -36.81 -11.60 -12.35
CA VAL C 32 -35.99 -10.43 -12.05
C VAL C 32 -36.53 -9.70 -10.82
N TYR C 33 -37.84 -9.81 -10.59
CA TYR C 33 -38.42 -9.20 -9.40
C TYR C 33 -37.97 -9.90 -8.12
N ASP C 34 -37.59 -11.17 -8.20
CA ASP C 34 -36.91 -11.81 -7.09
C ASP C 34 -35.52 -11.23 -6.85
N ALA C 35 -34.73 -11.07 -7.91
CA ALA C 35 -33.33 -10.76 -7.73
C ALA C 35 -33.10 -9.28 -7.44
N LEU C 36 -34.05 -8.41 -7.78
CA LEU C 36 -33.87 -6.97 -7.58
C LEU C 36 -33.76 -6.53 -6.12
N PRO C 37 -34.46 -7.13 -5.14
CA PRO C 37 -34.09 -6.81 -3.74
C PRO C 37 -32.83 -7.52 -3.27
N ASP C 38 -32.37 -8.53 -3.99
CA ASP C 38 -31.25 -9.33 -3.53
C ASP C 38 -29.90 -8.73 -3.89
N ILE C 39 -29.89 -7.61 -4.62
CA ILE C 39 -28.66 -7.09 -5.20
C ILE C 39 -27.78 -6.44 -4.14
N SER C 40 -28.37 -5.59 -3.30
CA SER C 40 -27.61 -4.99 -2.19
C SER C 40 -27.15 -6.04 -1.18
N GLY C 41 -27.95 -7.09 -0.99
CA GLY C 41 -27.50 -8.20 -0.17
C GLY C 41 -26.30 -8.91 -0.74
N LEU C 42 -26.30 -9.14 -2.07
CA LEU C 42 -25.14 -9.73 -2.72
C LEU C 42 -23.92 -8.82 -2.69
N VAL C 43 -24.13 -7.51 -2.76
CA VAL C 43 -23.02 -6.57 -2.70
C VAL C 43 -22.38 -6.58 -1.32
N ARG C 44 -23.20 -6.47 -0.28
CA ARG C 44 -22.69 -6.55 1.08
C ARG C 44 -22.14 -7.92 1.41
N ALA C 45 -22.59 -8.97 0.72
CA ALA C 45 -22.09 -10.31 0.95
C ALA C 45 -20.71 -10.50 0.35
N ILE C 46 -20.54 -10.06 -0.90
CA ILE C 46 -19.28 -10.33 -1.58
C ILE C 46 -18.22 -9.29 -1.23
N GLY C 47 -18.56 -7.99 -1.30
CA GLY C 47 -17.57 -6.95 -1.10
C GLY C 47 -17.10 -6.80 0.33
N PHE C 48 -17.75 -7.46 1.29
CA PHE C 48 -17.23 -7.43 2.64
C PHE C 48 -15.97 -8.28 2.78
N ARG C 49 -15.81 -9.29 1.94
CA ARG C 49 -14.51 -9.87 1.72
C ARG C 49 -13.63 -8.81 1.05
N ASP C 50 -12.55 -8.40 1.74
CA ASP C 50 -11.79 -7.19 1.46
C ASP C 50 -12.70 -5.96 1.36
N PRO C 51 -13.15 -5.41 2.47
CA PRO C 51 -13.95 -4.18 2.42
C PRO C 51 -13.16 -2.96 1.96
N ALA C 52 -11.83 -3.03 1.94
CA ALA C 52 -11.02 -2.04 1.27
C ALA C 52 -10.75 -2.44 -0.18
N LYS C 53 -11.82 -2.84 -0.87
CA LYS C 53 -11.88 -2.86 -2.31
C LYS C 53 -13.04 -2.05 -2.85
N ARG C 54 -14.04 -1.75 -2.02
CA ARG C 54 -15.14 -0.83 -2.31
C ARG C 54 -15.97 -1.32 -3.49
N LEU C 55 -16.44 -2.56 -3.37
CA LEU C 55 -17.35 -3.11 -4.35
C LEU C 55 -18.70 -2.41 -4.25
N SER C 56 -19.13 -1.83 -5.36
CA SER C 56 -20.34 -1.02 -5.37
C SER C 56 -21.05 -1.25 -6.69
N ALA C 57 -22.26 -1.79 -6.63
CA ALA C 57 -23.09 -1.99 -7.81
C ALA C 57 -24.01 -0.80 -7.98
N ILE C 58 -24.29 -0.46 -9.22
CA ILE C 58 -25.28 0.55 -9.56
C ILE C 58 -26.30 -0.12 -10.47
N THR C 59 -27.44 -0.50 -9.89
CA THR C 59 -28.52 -1.07 -10.65
C THR C 59 -29.25 0.04 -11.40
N SER C 60 -29.50 -0.18 -12.67
CA SER C 60 -30.21 0.78 -13.50
C SER C 60 -31.27 0.04 -14.31
N ILE C 61 -32.38 0.73 -14.55
CA ILE C 61 -33.55 0.13 -15.20
C ILE C 61 -33.99 1.05 -16.33
N GLY C 62 -34.15 0.49 -17.52
CA GLY C 62 -34.63 1.24 -18.67
C GLY C 62 -36.12 1.44 -18.66
N SER C 63 -36.64 1.88 -19.81
CA SER C 63 -38.06 2.20 -19.91
C SER C 63 -38.92 0.96 -20.04
N ASP C 64 -38.52 0.02 -20.91
CA ASP C 64 -39.26 -1.22 -21.09
C ASP C 64 -39.30 -2.06 -19.83
N ALA C 65 -38.17 -2.17 -19.13
CA ALA C 65 -38.16 -2.87 -17.87
C ALA C 65 -38.95 -2.15 -16.79
N TRP C 66 -39.14 -0.83 -16.92
CA TRP C 66 -39.97 -0.13 -15.96
C TRP C 66 -41.45 -0.41 -16.22
N ASP C 67 -41.88 -0.39 -17.48
CA ASP C 67 -43.28 -0.70 -17.76
C ASP C 67 -43.59 -2.17 -17.55
N ARG C 68 -42.59 -3.03 -17.66
CA ARG C 68 -42.84 -4.44 -17.38
C ARG C 68 -42.79 -4.73 -15.88
N LEU C 69 -41.71 -4.32 -15.21
CA LEU C 69 -41.42 -4.74 -13.85
C LEU C 69 -42.22 -3.99 -12.80
N PHE C 70 -42.41 -2.68 -12.95
CA PHE C 70 -42.93 -1.86 -11.88
C PHE C 70 -44.29 -1.29 -12.22
N SER C 71 -45.16 -1.23 -11.22
CA SER C 71 -46.45 -0.58 -11.30
C SER C 71 -46.37 0.78 -10.61
N GLY C 72 -47.51 1.44 -10.49
CA GLY C 72 -47.57 2.73 -9.84
C GLY C 72 -47.05 3.84 -10.72
N PRO C 73 -46.16 4.66 -10.19
CA PRO C 73 -45.69 5.83 -10.93
C PRO C 73 -44.64 5.45 -11.96
N ARG C 74 -44.11 6.48 -12.62
CA ARG C 74 -43.06 6.36 -13.60
C ARG C 74 -42.16 7.57 -13.46
N PRO C 75 -40.85 7.42 -13.66
CA PRO C 75 -39.98 8.60 -13.70
C PRO C 75 -40.35 9.49 -14.87
N ALA C 76 -40.23 10.80 -14.64
CA ALA C 76 -40.88 11.78 -15.52
C ALA C 76 -40.22 11.82 -16.89
N GLU C 77 -38.91 11.76 -16.94
CA GLU C 77 -38.20 11.85 -18.21
C GLU C 77 -37.64 10.51 -18.66
N LEU C 78 -38.05 9.41 -18.05
CA LEU C 78 -37.57 8.10 -18.46
C LEU C 78 -38.21 7.72 -19.79
N HIS C 79 -37.38 7.55 -20.81
CA HIS C 79 -37.83 7.20 -22.14
C HIS C 79 -36.74 6.37 -22.79
N PRO C 80 -37.05 5.66 -23.89
CA PRO C 80 -35.98 4.99 -24.65
C PRO C 80 -35.00 6.01 -25.20
N PHE C 81 -33.73 5.57 -25.31
CA PHE C 81 -32.64 6.45 -25.70
C PHE C 81 -32.84 6.90 -27.14
N ARG C 82 -33.01 8.21 -27.32
CA ARG C 82 -33.27 8.80 -28.63
C ARG C 82 -32.05 8.64 -29.51
N GLU C 83 -32.17 7.84 -30.55
CA GLU C 83 -31.06 7.61 -31.47
C GLU C 83 -30.77 8.88 -32.25
N ILE C 84 -29.56 9.40 -32.07
CA ILE C 84 -29.15 10.64 -32.71
C ILE C 84 -28.52 10.41 -34.08
N ASP C 85 -29.31 10.60 -35.12
CA ASP C 85 -28.83 10.45 -36.49
C ASP C 85 -28.41 11.83 -36.98
N GLY C 86 -27.17 12.20 -36.69
CA GLY C 86 -26.66 13.50 -37.04
C GLY C 86 -26.31 13.64 -38.51
N GLY C 87 -25.46 14.62 -38.79
CA GLY C 87 -25.04 14.84 -40.16
C GLY C 87 -24.12 13.76 -40.69
N ARG C 88 -23.13 13.38 -39.87
CA ARG C 88 -22.19 12.34 -40.27
C ARG C 88 -22.11 11.20 -39.26
N HIS C 89 -22.14 11.51 -37.97
CA HIS C 89 -22.01 10.50 -36.93
C HIS C 89 -23.38 10.16 -36.36
N HIS C 90 -23.64 8.87 -36.18
CA HIS C 90 -24.91 8.38 -35.68
C HIS C 90 -24.70 7.75 -34.31
N ALA C 91 -25.62 8.01 -33.39
CA ALA C 91 -25.54 7.47 -32.05
C ALA C 91 -26.64 6.42 -31.88
N PRO C 92 -26.36 5.15 -32.09
CA PRO C 92 -27.42 4.13 -32.09
C PRO C 92 -27.89 3.79 -30.69
N ALA C 93 -28.96 3.00 -30.62
CA ALA C 93 -29.59 2.61 -29.35
C ALA C 93 -30.00 1.14 -29.46
N THR C 94 -29.15 0.26 -28.95
CA THR C 94 -29.50 -1.15 -28.90
C THR C 94 -30.50 -1.37 -27.76
N PRO C 95 -31.38 -2.37 -27.90
CA PRO C 95 -32.27 -2.70 -26.78
C PRO C 95 -31.50 -3.27 -25.59
N GLY C 96 -31.72 -2.65 -24.45
CA GLY C 96 -31.20 -3.14 -23.19
C GLY C 96 -32.12 -2.76 -22.06
N ASP C 97 -32.59 -3.75 -21.31
CA ASP C 97 -33.59 -3.48 -20.28
C ASP C 97 -32.97 -2.90 -19.02
N LEU C 98 -32.01 -3.60 -18.44
CA LEU C 98 -31.38 -3.17 -17.21
C LEU C 98 -29.88 -3.05 -17.39
N LEU C 99 -29.29 -2.15 -16.62
CA LEU C 99 -27.85 -1.95 -16.61
C LEU C 99 -27.29 -2.27 -15.24
N PHE C 100 -26.28 -3.14 -15.21
CA PHE C 100 -25.53 -3.43 -14.00
C PHE C 100 -24.18 -2.73 -14.13
N HIS C 101 -23.96 -1.71 -13.31
CA HIS C 101 -22.69 -1.00 -13.27
C HIS C 101 -21.95 -1.42 -12.01
N LEU C 102 -20.84 -2.12 -12.18
CA LEU C 102 -20.07 -2.64 -11.06
C LEU C 102 -18.70 -1.97 -11.05
N ARG C 103 -18.20 -1.67 -9.85
CA ARG C 103 -16.94 -0.95 -9.70
C ARG C 103 -16.28 -1.37 -8.41
N ALA C 104 -14.99 -1.70 -8.48
CA ALA C 104 -14.20 -1.96 -7.28
C ALA C 104 -12.72 -1.85 -7.62
N GLU C 105 -11.90 -2.04 -6.59
CA GLU C 105 -10.45 -1.87 -6.68
C GLU C 105 -9.78 -2.94 -7.54
N SER C 106 -10.43 -4.07 -7.77
CA SER C 106 -9.84 -5.16 -8.54
C SER C 106 -10.90 -5.77 -9.43
N MET C 107 -10.45 -6.57 -10.39
CA MET C 107 -11.35 -7.15 -11.39
C MET C 107 -12.15 -8.32 -10.83
N ASP C 108 -11.58 -9.07 -9.88
CA ASP C 108 -12.14 -10.36 -9.49
C ASP C 108 -13.44 -10.22 -8.73
N VAL C 109 -13.53 -9.24 -7.84
CA VAL C 109 -14.73 -9.10 -7.04
C VAL C 109 -15.88 -8.54 -7.88
N CYS C 110 -15.58 -7.71 -8.89
CA CYS C 110 -16.60 -7.31 -9.86
C CYS C 110 -17.05 -8.50 -10.70
N PHE C 111 -16.10 -9.36 -11.08
CA PHE C 111 -16.43 -10.57 -11.84
C PHE C 111 -17.30 -11.51 -11.04
N GLU C 112 -17.01 -11.66 -9.73
CA GLU C 112 -17.79 -12.57 -8.91
C GLU C 112 -19.17 -12.01 -8.59
N LEU C 113 -19.28 -10.69 -8.39
CA LEU C 113 -20.59 -10.08 -8.24
C LEU C 113 -21.42 -10.23 -9.51
N ALA C 114 -20.81 -10.07 -10.68
CA ALA C 114 -21.55 -10.29 -11.92
C ALA C 114 -21.88 -11.76 -12.13
N THR C 115 -21.03 -12.66 -11.65
CA THR C 115 -21.31 -14.09 -11.74
C THR C 115 -22.52 -14.45 -10.90
N LYS C 116 -22.60 -13.91 -9.69
CA LYS C 116 -23.76 -14.12 -8.85
C LYS C 116 -24.97 -13.32 -9.27
N LEU C 117 -24.81 -12.31 -10.13
CA LEU C 117 -25.95 -11.49 -10.50
C LEU C 117 -26.85 -12.16 -11.54
N VAL C 118 -26.26 -12.73 -12.59
CA VAL C 118 -27.10 -13.33 -13.62
C VAL C 118 -27.60 -14.70 -13.20
N GLU C 119 -26.92 -15.34 -12.25
CA GLU C 119 -27.33 -16.64 -11.79
C GLU C 119 -28.15 -16.56 -10.51
N ALA C 120 -28.54 -15.35 -10.11
CA ALA C 120 -29.66 -15.14 -9.23
C ALA C 120 -30.96 -15.01 -10.00
N MET C 121 -30.88 -14.79 -11.30
CA MET C 121 -32.02 -14.69 -12.20
C MET C 121 -31.76 -15.52 -13.46
N SER C 122 -31.32 -16.76 -13.24
CA SER C 122 -30.83 -17.65 -14.30
C SER C 122 -31.92 -18.01 -15.30
N GLY C 123 -31.67 -17.72 -16.57
CA GLY C 123 -32.62 -17.98 -17.63
C GLY C 123 -33.55 -16.83 -17.91
N ALA C 124 -33.59 -15.82 -17.04
CA ALA C 124 -34.50 -14.70 -17.23
C ALA C 124 -33.90 -13.63 -18.13
N ILE C 125 -32.59 -13.57 -18.29
CA ILE C 125 -31.94 -12.51 -19.04
C ILE C 125 -30.94 -13.09 -20.02
N THR C 126 -30.68 -12.32 -21.08
CA THR C 126 -29.53 -12.51 -21.95
C THR C 126 -28.67 -11.26 -21.86
N ILE C 127 -27.38 -11.45 -21.62
CA ILE C 127 -26.45 -10.33 -21.46
C ILE C 127 -26.10 -9.83 -22.86
N VAL C 128 -26.57 -8.64 -23.20
CA VAL C 128 -26.32 -8.12 -24.54
C VAL C 128 -24.92 -7.55 -24.65
N ASP C 129 -24.46 -6.84 -23.62
CA ASP C 129 -23.20 -6.14 -23.73
C ASP C 129 -22.35 -6.51 -22.51
N GLU C 130 -21.12 -6.93 -22.78
CA GLU C 130 -20.19 -7.48 -21.78
C GLU C 130 -18.86 -6.78 -21.99
N THR C 131 -18.55 -5.81 -21.14
CA THR C 131 -17.26 -5.12 -21.18
C THR C 131 -16.62 -5.20 -19.81
N HIS C 132 -15.31 -5.41 -19.78
CA HIS C 132 -14.54 -5.40 -18.55
C HIS C 132 -13.66 -4.15 -18.60
N GLY C 133 -14.18 -3.06 -18.07
CA GLY C 133 -13.47 -1.80 -18.12
C GLY C 133 -12.35 -1.72 -17.10
N PHE C 134 -11.12 -1.68 -17.59
CA PHE C 134 -9.96 -1.45 -16.75
C PHE C 134 -9.64 0.04 -16.77
N ARG C 135 -8.52 0.42 -16.17
CA ARG C 135 -8.20 1.82 -15.94
C ARG C 135 -6.72 2.06 -16.22
N PHE C 136 -6.42 3.13 -16.96
CA PHE C 136 -5.06 3.42 -17.41
C PHE C 136 -4.23 4.01 -16.28
N PHE C 137 -3.07 4.59 -16.64
CA PHE C 137 -2.04 4.92 -15.66
C PHE C 137 -2.49 5.98 -14.65
N ASP C 138 -2.61 7.23 -15.08
CA ASP C 138 -3.22 8.26 -14.24
C ASP C 138 -4.60 8.62 -14.75
N ASN C 139 -5.51 7.65 -14.63
CA ASN C 139 -6.93 7.76 -15.01
C ASN C 139 -7.11 8.11 -16.49
N ARG C 140 -6.17 7.72 -17.33
CA ARG C 140 -6.28 8.09 -18.73
C ARG C 140 -7.25 7.15 -19.44
N ASP C 141 -7.52 7.49 -20.69
CA ASP C 141 -8.25 6.62 -21.58
C ASP C 141 -7.30 6.18 -22.70
N LEU C 142 -7.84 5.50 -23.70
CA LEU C 142 -6.99 5.03 -24.79
C LEU C 142 -6.56 6.15 -25.71
N MET C 143 -7.26 7.29 -25.70
CA MET C 143 -6.81 8.44 -26.47
C MET C 143 -5.51 9.01 -25.92
N GLY C 144 -5.23 8.77 -24.63
CA GLY C 144 -4.04 9.26 -23.98
C GLY C 144 -4.29 10.43 -23.06
N PHE C 145 -5.49 10.98 -23.07
CA PHE C 145 -5.81 12.12 -22.23
C PHE C 145 -6.38 11.63 -20.91
N VAL C 146 -6.17 12.40 -19.86
CA VAL C 146 -6.70 12.05 -18.55
C VAL C 146 -8.22 12.25 -18.60
N ASP C 147 -8.96 11.23 -18.18
CA ASP C 147 -10.39 11.15 -18.43
C ASP C 147 -11.20 11.36 -17.16
N GLY C 148 -12.12 12.33 -17.21
CA GLY C 148 -13.06 12.51 -16.12
C GLY C 148 -12.57 13.42 -15.02
N THR C 149 -11.76 14.41 -15.34
CA THR C 149 -11.19 15.27 -14.30
C THR C 149 -12.10 16.42 -13.91
N GLU C 150 -13.26 16.56 -14.53
CA GLU C 150 -14.15 17.67 -14.24
C GLU C 150 -15.46 17.20 -13.61
N ASN C 151 -15.45 16.05 -12.98
CA ASN C 151 -16.59 15.63 -12.19
C ASN C 151 -16.66 16.48 -10.93
N PRO C 152 -17.84 16.98 -10.56
CA PRO C 152 -17.96 17.80 -9.35
C PRO C 152 -17.93 16.95 -8.09
N ASP C 153 -17.89 17.65 -6.95
CA ASP C 153 -17.84 17.00 -5.65
C ASP C 153 -18.72 17.75 -4.65
N GLY C 154 -19.30 17.00 -3.72
CA GLY C 154 -20.05 17.63 -2.66
C GLY C 154 -21.41 18.10 -3.15
N ASN C 155 -21.73 19.36 -2.82
CA ASN C 155 -23.05 19.92 -3.10
C ASN C 155 -23.28 20.04 -4.60
N LEU C 156 -22.29 20.52 -5.34
CA LEU C 156 -22.35 20.64 -6.79
C LEU C 156 -22.39 19.29 -7.50
N ALA C 157 -22.23 18.19 -6.78
CA ALA C 157 -22.41 16.86 -7.33
C ALA C 157 -23.74 16.24 -6.94
N VAL C 158 -24.19 16.43 -5.70
CA VAL C 158 -25.45 15.81 -5.29
C VAL C 158 -26.63 16.52 -5.94
N VAL C 159 -26.55 17.85 -6.12
CA VAL C 159 -27.59 18.49 -6.92
C VAL C 159 -27.38 18.30 -8.40
N ALA C 160 -26.21 17.82 -8.83
CA ALA C 160 -26.02 17.47 -10.22
C ALA C 160 -26.60 16.11 -10.57
N THR C 161 -26.64 15.20 -9.60
CA THR C 161 -27.09 13.82 -9.88
C THR C 161 -28.40 13.48 -9.20
N GLN C 162 -28.54 13.73 -7.90
CA GLN C 162 -29.66 13.21 -7.16
C GLN C 162 -30.90 14.08 -7.37
N ILE C 163 -32.02 13.44 -7.64
CA ILE C 163 -33.29 14.12 -7.83
C ILE C 163 -33.84 14.53 -6.47
N GLY C 164 -34.19 15.82 -6.34
CA GLY C 164 -34.86 16.29 -5.14
C GLY C 164 -36.34 15.99 -5.17
N ASP C 165 -37.17 16.97 -4.82
CA ASP C 165 -38.61 16.79 -4.88
C ASP C 165 -39.24 17.48 -6.09
N GLU C 166 -38.46 17.69 -7.16
CA GLU C 166 -39.05 17.99 -8.45
C GLU C 166 -39.74 16.78 -9.03
N ASP C 167 -39.33 15.58 -8.63
CA ASP C 167 -40.12 14.37 -8.77
C ASP C 167 -40.07 13.66 -7.42
N PRO C 168 -41.04 13.93 -6.54
CA PRO C 168 -40.94 13.45 -5.15
C PRO C 168 -41.17 11.97 -4.99
N ASP C 169 -41.73 11.28 -5.99
CA ASP C 169 -41.88 9.84 -5.88
C ASP C 169 -40.56 9.12 -6.13
N PHE C 170 -39.58 9.81 -6.70
CA PHE C 170 -38.26 9.24 -6.91
C PHE C 170 -37.19 10.20 -6.42
N ALA C 171 -37.35 10.69 -5.20
CA ALA C 171 -36.36 11.56 -4.58
C ALA C 171 -35.07 10.76 -4.35
N GLY C 172 -34.00 11.20 -4.99
CA GLY C 172 -32.78 10.40 -5.04
C GLY C 172 -32.84 9.44 -6.21
N GLY C 173 -31.83 9.48 -7.05
CA GLY C 173 -31.86 8.67 -8.27
C GLY C 173 -31.45 9.47 -9.48
N CYS C 174 -30.86 8.80 -10.46
CA CYS C 174 -30.20 9.48 -11.57
C CYS C 174 -30.75 8.94 -12.88
N TYR C 175 -30.17 9.42 -13.97
CA TYR C 175 -30.41 8.86 -15.29
C TYR C 175 -29.08 8.60 -15.97
N VAL C 176 -29.01 7.48 -16.67
CA VAL C 176 -27.75 6.93 -17.15
C VAL C 176 -27.77 6.95 -18.67
N HIS C 177 -26.66 7.36 -19.28
CA HIS C 177 -26.48 7.26 -20.72
C HIS C 177 -25.21 6.47 -20.95
N VAL C 178 -25.35 5.20 -21.28
CA VAL C 178 -24.20 4.41 -21.69
C VAL C 178 -23.99 4.57 -23.19
N GLN C 179 -22.73 4.60 -23.59
CA GLN C 179 -22.37 4.68 -25.01
C GLN C 179 -21.02 4.01 -25.17
N LYS C 180 -21.02 2.80 -25.70
CA LYS C 180 -19.80 2.02 -25.89
C LYS C 180 -19.14 2.49 -27.18
N TYR C 181 -18.06 3.26 -27.06
CA TYR C 181 -17.35 3.72 -28.24
C TYR C 181 -16.28 2.70 -28.63
N LEU C 182 -15.89 2.76 -29.90
CA LEU C 182 -14.87 1.85 -30.43
C LEU C 182 -13.90 2.61 -31.32
N HIS C 183 -13.34 3.70 -30.80
CA HIS C 183 -12.53 4.62 -31.61
C HIS C 183 -11.25 3.96 -32.12
N ASP C 184 -10.93 4.26 -33.37
CA ASP C 184 -9.74 3.71 -33.99
C ASP C 184 -8.50 4.43 -33.47
N MET C 185 -7.39 3.69 -33.44
CA MET C 185 -6.12 4.25 -33.04
C MET C 185 -5.17 4.48 -34.19
N ALA C 186 -5.51 4.00 -35.39
CA ALA C 186 -4.60 4.15 -36.52
C ALA C 186 -4.49 5.59 -36.97
N SER C 187 -5.63 6.28 -37.06
CA SER C 187 -5.63 7.69 -37.40
C SER C 187 -5.29 8.58 -36.21
N TRP C 188 -5.64 8.15 -35.00
CA TRP C 188 -5.38 8.96 -33.82
C TRP C 188 -3.89 8.97 -33.47
N ASN C 189 -3.21 7.84 -33.66
CA ASN C 189 -1.78 7.81 -33.34
C ASN C 189 -0.95 8.57 -34.36
N SER C 190 -1.33 8.54 -35.63
CA SER C 190 -0.63 9.30 -36.66
C SER C 190 -0.91 10.79 -36.55
N LEU C 191 -2.04 11.16 -35.94
CA LEU C 191 -2.31 12.54 -35.63
C LEU C 191 -1.31 13.05 -34.60
N SER C 192 -0.93 14.31 -34.74
CA SER C 192 0.05 14.92 -33.86
C SER C 192 -0.63 15.40 -32.58
N VAL C 193 0.20 15.64 -31.56
CA VAL C 193 -0.29 16.01 -30.23
C VAL C 193 -1.11 17.28 -30.14
N GLU C 194 -0.66 18.33 -30.79
CA GLU C 194 -1.34 19.62 -30.69
C GLU C 194 -2.65 19.62 -31.46
N GLU C 195 -2.75 18.72 -32.43
CA GLU C 195 -3.97 18.53 -33.18
C GLU C 195 -4.96 17.84 -32.23
N GLN C 196 -4.45 16.90 -31.43
CA GLN C 196 -5.27 16.20 -30.46
C GLN C 196 -5.71 17.10 -29.32
N GLU C 197 -4.91 18.13 -29.03
CA GLU C 197 -5.33 19.09 -28.02
C GLU C 197 -6.36 20.06 -28.58
N ARG C 198 -6.37 20.25 -29.90
CA ARG C 198 -7.50 20.92 -30.52
C ARG C 198 -8.75 20.05 -30.47
N VAL C 199 -8.57 18.73 -30.56
CA VAL C 199 -9.69 17.80 -30.44
C VAL C 199 -10.29 17.86 -29.04
N ILE C 200 -9.46 17.67 -28.02
CA ILE C 200 -9.96 17.55 -26.65
C ILE C 200 -10.36 18.92 -26.10
N GLY C 201 -9.43 19.87 -26.15
CA GLY C 201 -9.62 21.16 -25.52
C GLY C 201 -8.75 21.37 -24.30
N ARG C 202 -8.10 20.32 -23.81
CA ARG C 202 -7.14 20.40 -22.72
C ARG C 202 -5.83 19.81 -23.20
N THR C 203 -4.78 19.94 -22.39
CA THR C 203 -3.50 19.36 -22.77
C THR C 203 -3.51 17.86 -22.55
N LYS C 204 -2.44 17.20 -23.00
CA LYS C 204 -2.40 15.74 -22.92
C LYS C 204 -1.59 15.23 -21.75
N LEU C 205 -0.41 15.79 -21.51
CA LEU C 205 0.44 15.24 -20.45
C LEU C 205 -0.03 15.68 -19.07
N ASP C 206 -0.26 16.98 -18.90
CA ASP C 206 -0.60 17.54 -17.60
C ASP C 206 -2.06 17.90 -17.44
N ASP C 207 -2.85 17.84 -18.52
CA ASP C 207 -4.31 18.05 -18.53
C ASP C 207 -4.70 19.43 -18.03
N ILE C 208 -3.88 20.43 -18.34
CA ILE C 208 -4.28 21.81 -18.12
C ILE C 208 -5.32 22.16 -19.18
N GLU C 209 -6.39 22.82 -18.76
CA GLU C 209 -7.36 23.32 -19.72
C GLU C 209 -6.73 24.45 -20.53
N LEU C 210 -7.04 24.48 -21.82
CA LEU C 210 -6.44 25.47 -22.69
C LEU C 210 -7.06 26.84 -22.45
N ASP C 211 -6.44 27.86 -23.03
CA ASP C 211 -6.96 29.22 -22.94
C ASP C 211 -8.27 29.32 -23.72
N ASP C 212 -9.15 30.21 -23.25
CA ASP C 212 -10.49 30.31 -23.84
C ASP C 212 -10.46 30.81 -25.28
N ASP C 213 -9.48 31.64 -25.63
CA ASP C 213 -9.37 32.02 -27.02
C ASP C 213 -8.60 30.97 -27.84
N VAL C 214 -7.68 30.26 -27.20
CA VAL C 214 -6.89 29.25 -27.90
C VAL C 214 -7.73 28.00 -28.17
N LYS C 215 -8.66 27.67 -27.28
CA LYS C 215 -9.50 26.48 -27.41
C LYS C 215 -10.50 26.66 -28.54
N PRO C 216 -10.52 25.77 -29.53
CA PRO C 216 -11.46 25.93 -30.64
C PRO C 216 -12.89 25.64 -30.20
N ALA C 217 -13.82 26.06 -31.05
CA ALA C 217 -15.24 25.95 -30.72
C ALA C 217 -15.76 24.53 -30.85
N ASN C 218 -15.14 23.71 -31.69
CA ASN C 218 -15.59 22.35 -31.90
C ASN C 218 -14.85 21.34 -31.05
N SER C 219 -14.13 21.80 -30.03
CA SER C 219 -13.44 20.89 -29.12
C SER C 219 -14.45 20.20 -28.20
N HIS C 220 -14.00 19.11 -27.60
CA HIS C 220 -14.86 18.31 -26.73
C HIS C 220 -15.21 19.07 -25.45
N VAL C 221 -14.19 19.59 -24.77
CA VAL C 221 -14.42 20.39 -23.57
C VAL C 221 -15.09 21.73 -23.88
N ALA C 222 -15.04 22.18 -25.15
CA ALA C 222 -15.76 23.38 -25.54
C ALA C 222 -17.24 23.12 -25.76
N LEU C 223 -17.57 21.98 -26.33
CA LEU C 223 -18.96 21.68 -26.66
C LEU C 223 -19.72 21.07 -25.50
N ASN C 224 -19.05 20.38 -24.59
CA ASN C 224 -19.77 19.63 -23.57
C ASN C 224 -20.13 20.47 -22.35
N VAL C 225 -19.47 21.60 -22.11
CA VAL C 225 -19.90 22.47 -21.02
C VAL C 225 -21.17 23.19 -21.44
N ILE C 226 -22.18 23.17 -20.58
CA ILE C 226 -23.50 23.69 -20.91
C ILE C 226 -23.79 24.85 -19.97
N GLU C 227 -24.05 26.02 -20.53
CA GLU C 227 -24.48 27.17 -19.76
C GLU C 227 -25.99 27.27 -19.78
N ASP C 228 -26.57 27.63 -18.65
CA ASP C 228 -28.00 27.91 -18.60
C ASP C 228 -28.24 29.40 -18.83
N GLU C 229 -29.49 29.82 -18.76
CA GLU C 229 -29.80 31.23 -18.97
C GLU C 229 -29.66 32.04 -17.70
N ASP C 230 -29.78 31.41 -16.53
CA ASP C 230 -29.49 32.10 -15.28
C ASP C 230 -28.00 32.30 -15.05
N GLY C 231 -27.14 31.52 -15.71
CA GLY C 231 -25.71 31.65 -15.54
C GLY C 231 -25.04 30.45 -14.91
N ASN C 232 -25.79 29.59 -14.25
CA ASN C 232 -25.20 28.38 -13.69
C ASN C 232 -24.93 27.39 -14.81
N GLU C 233 -23.96 26.52 -14.57
CA GLU C 233 -23.63 25.47 -15.52
C GLU C 233 -24.13 24.14 -14.98
N LEU C 234 -24.62 23.29 -15.87
CA LEU C 234 -25.13 21.98 -15.50
C LEU C 234 -24.05 20.96 -15.76
N LYS C 235 -23.69 20.21 -14.73
CA LYS C 235 -22.64 19.21 -14.80
C LYS C 235 -23.23 17.83 -14.58
N ILE C 236 -22.60 16.83 -15.20
CA ILE C 236 -22.94 15.44 -14.97
C ILE C 236 -21.71 14.75 -14.40
N ILE C 237 -21.91 13.56 -13.85
CA ILE C 237 -20.82 12.74 -13.35
C ILE C 237 -20.72 11.51 -14.24
N ARG C 238 -19.53 11.30 -14.82
CA ARG C 238 -19.29 10.20 -15.74
C ARG C 238 -18.16 9.33 -15.23
N HIS C 239 -18.40 8.02 -15.17
CA HIS C 239 -17.35 7.05 -14.85
C HIS C 239 -16.85 6.35 -16.10
N ASN C 240 -16.25 7.11 -17.02
CA ASN C 240 -15.81 6.53 -18.29
C ASN C 240 -14.58 5.65 -18.07
N MET C 241 -14.73 4.36 -18.36
CA MET C 241 -13.66 3.41 -18.17
C MET C 241 -13.27 2.84 -19.53
N PRO C 242 -11.99 2.82 -19.87
CA PRO C 242 -11.57 2.20 -21.13
C PRO C 242 -11.64 0.68 -21.06
N PHE C 243 -11.94 0.08 -22.20
CA PHE C 243 -11.94 -1.37 -22.39
C PHE C 243 -11.19 -1.64 -23.67
N GLY C 244 -11.14 -2.89 -24.08
CA GLY C 244 -10.62 -3.16 -25.40
C GLY C 244 -10.16 -4.58 -25.56
N GLU C 245 -10.11 -5.01 -26.82
CA GLU C 245 -9.62 -6.34 -27.17
C GLU C 245 -8.67 -6.19 -28.35
N ILE C 246 -7.40 -6.53 -28.12
CA ILE C 246 -6.40 -6.36 -29.16
C ILE C 246 -6.52 -7.48 -30.21
N GLY C 247 -7.13 -8.60 -29.84
CA GLY C 247 -7.35 -9.68 -30.79
C GLY C 247 -8.29 -9.30 -31.92
N LYS C 248 -9.21 -8.38 -31.67
CA LYS C 248 -9.96 -7.73 -32.72
C LYS C 248 -9.42 -6.35 -33.06
N GLY C 249 -8.38 -5.88 -32.36
CA GLY C 249 -7.90 -4.54 -32.55
C GLY C 249 -8.81 -3.47 -32.00
N GLU C 250 -9.65 -3.81 -31.03
CA GLU C 250 -10.60 -2.87 -30.47
C GLU C 250 -9.96 -2.06 -29.36
N PHE C 251 -10.17 -0.74 -29.39
CA PHE C 251 -9.69 0.16 -28.34
C PHE C 251 -10.82 1.15 -28.08
N GLY C 252 -11.63 0.90 -27.06
CA GLY C 252 -12.81 1.70 -26.83
C GLY C 252 -12.88 2.22 -25.41
N THR C 253 -13.66 3.28 -25.25
CA THR C 253 -13.89 3.90 -23.95
C THR C 253 -15.38 3.81 -23.65
N TYR C 254 -15.75 3.02 -22.65
CA TYR C 254 -17.15 2.84 -22.30
C TYR C 254 -17.63 4.09 -21.58
N TYR C 255 -18.26 5.01 -22.31
CA TYR C 255 -18.81 6.20 -21.71
C TYR C 255 -20.07 5.83 -20.93
N ILE C 256 -20.20 6.36 -19.72
CA ILE C 256 -21.41 6.19 -18.94
C ILE C 256 -21.64 7.43 -18.09
N GLY C 257 -22.75 8.13 -18.32
CA GLY C 257 -22.97 9.39 -17.67
C GLY C 257 -24.20 9.44 -16.79
N TYR C 258 -24.00 9.81 -15.52
CA TYR C 258 -25.09 9.91 -14.57
C TYR C 258 -25.51 11.37 -14.44
N SER C 259 -26.81 11.61 -14.42
CA SER C 259 -27.31 12.98 -14.41
C SER C 259 -28.66 13.03 -13.71
N ARG C 260 -29.01 14.23 -13.26
CA ARG C 260 -30.29 14.45 -12.59
C ARG C 260 -31.45 14.33 -13.57
N THR C 261 -31.25 14.79 -14.80
CA THR C 261 -32.26 14.73 -15.84
C THR C 261 -31.58 14.41 -17.18
N PRO C 262 -32.20 13.58 -18.01
CA PRO C 262 -31.59 13.23 -19.30
C PRO C 262 -31.61 14.34 -20.32
N SER C 263 -32.29 15.46 -20.04
CA SER C 263 -32.21 16.61 -20.92
C SER C 263 -30.82 17.19 -20.97
N VAL C 264 -30.08 17.14 -19.87
CA VAL C 264 -28.72 17.69 -19.81
C VAL C 264 -27.78 16.83 -20.64
N THR C 265 -27.80 15.51 -20.41
CA THR C 265 -26.98 14.58 -21.17
C THR C 265 -27.36 14.57 -22.64
N GLU C 266 -28.65 14.71 -22.94
CA GLU C 266 -29.09 14.74 -24.33
C GLU C 266 -28.71 16.04 -25.00
N ARG C 267 -28.64 17.15 -24.26
CA ARG C 267 -28.14 18.38 -24.86
C ARG C 267 -26.64 18.32 -25.06
N MET C 268 -25.92 17.60 -24.21
CA MET C 268 -24.50 17.36 -24.46
C MET C 268 -24.30 16.50 -25.70
N LEU C 269 -25.13 15.46 -25.86
CA LEU C 269 -25.06 14.63 -27.06
C LEU C 269 -25.50 15.39 -28.30
N ASP C 270 -26.39 16.36 -28.14
CA ASP C 270 -26.76 17.22 -29.26
C ASP C 270 -25.66 18.20 -29.60
N ASN C 271 -24.89 18.63 -28.60
CA ASN C 271 -23.72 19.45 -28.84
C ASN C 271 -22.59 18.65 -29.46
N MET C 272 -22.60 17.33 -29.31
CA MET C 272 -21.58 16.50 -29.92
C MET C 272 -21.96 16.02 -31.32
N PHE C 273 -23.06 15.30 -31.46
CA PHE C 273 -23.41 14.69 -32.74
C PHE C 273 -24.09 15.69 -33.67
N ILE C 274 -25.22 16.25 -33.23
CA ILE C 274 -25.86 17.32 -33.98
C ILE C 274 -24.96 18.56 -33.98
N GLY C 275 -24.26 18.79 -32.87
CA GLY C 275 -23.32 19.88 -32.79
C GLY C 275 -24.00 21.20 -32.53
N ASP C 276 -23.17 22.22 -32.38
CA ASP C 276 -23.66 23.58 -32.35
C ASP C 276 -24.16 23.96 -33.75
N PRO C 277 -25.05 24.94 -33.84
CA PRO C 277 -25.37 25.48 -35.16
C PRO C 277 -24.17 26.15 -35.82
N PRO C 278 -23.21 26.80 -35.06
CA PRO C 278 -21.91 27.05 -35.70
C PRO C 278 -21.08 25.78 -35.95
N GLY C 279 -20.79 25.01 -34.90
CA GLY C 279 -19.98 23.82 -35.04
C GLY C 279 -20.79 22.55 -34.96
N ASN C 280 -21.08 21.95 -36.11
CA ASN C 280 -22.08 20.88 -36.15
C ASN C 280 -21.49 19.52 -35.85
N THR C 281 -20.19 19.44 -35.63
CA THR C 281 -19.53 18.17 -35.35
C THR C 281 -18.58 18.38 -34.17
N ASP C 282 -18.53 17.39 -33.28
CA ASP C 282 -17.52 17.37 -32.24
C ASP C 282 -16.29 16.64 -32.76
N ARG C 283 -15.13 17.18 -32.40
CA ARG C 283 -13.88 16.74 -33.01
C ARG C 283 -13.48 15.34 -32.56
N ILE C 284 -13.97 14.89 -31.39
CA ILE C 284 -13.66 13.53 -30.97
C ILE C 284 -14.52 12.51 -31.71
N LEU C 285 -15.64 12.95 -32.31
CA LEU C 285 -16.48 12.03 -33.05
C LEU C 285 -15.94 11.76 -34.44
N ASP C 286 -14.95 12.52 -34.90
CA ASP C 286 -14.17 12.15 -36.06
C ASP C 286 -13.42 10.84 -35.86
N PHE C 287 -13.10 10.49 -34.62
CA PHE C 287 -12.38 9.27 -34.32
C PHE C 287 -13.22 8.26 -33.57
N SER C 288 -14.19 8.70 -32.77
CA SER C 288 -15.00 7.81 -31.95
C SER C 288 -16.34 7.58 -32.62
N THR C 289 -16.65 6.32 -32.87
CA THR C 289 -17.96 5.90 -33.38
C THR C 289 -18.67 5.12 -32.29
N ALA C 290 -19.86 5.57 -31.91
CA ALA C 290 -20.63 4.86 -30.91
C ALA C 290 -21.17 3.55 -31.47
N ILE C 291 -21.12 2.51 -30.65
CA ILE C 291 -21.59 1.19 -31.03
C ILE C 291 -22.92 0.86 -30.38
N THR C 292 -23.02 1.10 -29.07
CA THR C 292 -24.24 0.85 -28.32
C THR C 292 -24.77 2.16 -27.78
N GLY C 293 -25.90 2.07 -27.08
CA GLY C 293 -26.51 3.23 -26.48
C GLY C 293 -27.73 2.84 -25.67
N GLY C 294 -28.03 3.57 -24.61
CA GLY C 294 -29.18 3.26 -23.79
C GLY C 294 -29.39 4.31 -22.73
N LEU C 295 -30.66 4.55 -22.41
CA LEU C 295 -31.05 5.44 -21.33
C LEU C 295 -31.69 4.61 -20.23
N PHE C 296 -31.23 4.81 -19.00
CA PHE C 296 -31.66 4.01 -17.87
C PHE C 296 -32.00 4.94 -16.71
N PHE C 297 -32.40 4.34 -15.60
CA PHE C 297 -32.78 5.08 -14.40
C PHE C 297 -32.20 4.38 -13.19
N THR C 298 -31.43 5.10 -12.39
CA THR C 298 -31.05 4.55 -11.10
C THR C 298 -32.17 4.83 -10.11
N PRO C 299 -32.67 3.83 -9.43
CA PRO C 299 -33.56 4.09 -8.29
C PRO C 299 -32.75 4.26 -7.01
N THR C 300 -33.41 4.45 -5.89
CA THR C 300 -32.71 4.38 -4.62
C THR C 300 -32.47 2.92 -4.25
N VAL C 301 -31.59 2.70 -3.27
CA VAL C 301 -31.44 1.34 -2.76
C VAL C 301 -32.64 0.97 -1.90
N ASP C 302 -33.32 1.97 -1.35
CA ASP C 302 -34.60 1.73 -0.69
C ASP C 302 -35.66 1.28 -1.69
N PHE C 303 -35.58 1.77 -2.92
CA PHE C 303 -36.50 1.36 -3.97
C PHE C 303 -36.28 -0.08 -4.37
N LEU C 304 -35.04 -0.56 -4.32
CA LEU C 304 -34.83 -1.98 -4.52
C LEU C 304 -35.19 -2.77 -3.28
N ASP C 305 -35.05 -2.17 -2.10
CA ASP C 305 -35.46 -2.83 -0.87
C ASP C 305 -36.98 -2.92 -0.79
N ASP C 306 -37.67 -1.86 -1.19
CA ASP C 306 -39.13 -1.82 -1.23
C ASP C 306 -39.57 -1.53 -2.66
N PRO C 307 -39.61 -2.55 -3.50
CA PRO C 307 -40.12 -2.36 -4.86
C PRO C 307 -41.63 -2.20 -4.84
N PRO C 308 -42.19 -1.43 -5.77
CA PRO C 308 -43.63 -1.41 -5.94
C PRO C 308 -44.10 -2.76 -6.47
N PRO C 309 -45.36 -3.14 -6.20
CA PRO C 309 -45.81 -4.48 -6.57
C PRO C 309 -45.84 -4.70 -8.07
N LEU C 310 -45.62 -5.95 -8.45
CA LEU C 310 -45.48 -6.31 -9.86
C LEU C 310 -46.83 -6.22 -10.56
N PRO C 311 -46.97 -5.40 -11.61
CA PRO C 311 -48.24 -5.27 -12.34
C PRO C 311 -48.59 -6.53 -13.12
N ALA D 3 25.85 -16.70 -17.43
CA ALA D 3 25.89 -15.77 -18.55
C ALA D 3 24.66 -15.81 -19.51
N PRO D 4 24.04 -16.97 -19.80
CA PRO D 4 22.73 -16.89 -20.46
C PRO D 4 21.66 -16.41 -19.49
N GLN D 5 21.13 -15.22 -19.75
CA GLN D 5 20.04 -14.68 -18.94
C GLN D 5 18.72 -15.25 -19.44
N PRO D 6 17.96 -15.96 -18.62
CA PRO D 6 16.69 -16.52 -19.09
C PRO D 6 15.61 -15.45 -19.14
N GLN D 7 14.51 -15.81 -19.80
CA GLN D 7 13.35 -14.96 -19.82
C GLN D 7 12.67 -14.97 -18.45
N PRO D 8 11.98 -13.89 -18.07
CA PRO D 8 11.38 -13.84 -16.73
C PRO D 8 10.20 -14.78 -16.53
N VAL D 9 10.49 -16.07 -16.47
CA VAL D 9 9.50 -17.08 -16.13
C VAL D 9 9.45 -17.29 -14.62
N LEU D 10 10.58 -17.14 -13.95
CA LEU D 10 10.66 -17.28 -12.50
C LEU D 10 10.19 -16.00 -11.82
N ALA D 11 8.92 -15.70 -12.00
CA ALA D 11 8.29 -14.51 -11.44
C ALA D 11 7.04 -14.93 -10.67
N PRO D 12 6.66 -14.21 -9.63
CA PRO D 12 5.43 -14.55 -8.91
C PRO D 12 4.20 -14.27 -9.74
N LEU D 13 3.09 -14.87 -9.32
CA LEU D 13 1.83 -14.67 -10.02
C LEU D 13 1.33 -13.25 -9.86
N THR D 14 0.97 -12.64 -10.96
CA THR D 14 0.58 -11.25 -10.97
C THR D 14 -0.94 -11.13 -11.03
N PRO D 15 -1.51 -10.03 -10.52
CA PRO D 15 -2.98 -9.91 -10.52
C PRO D 15 -3.62 -9.75 -11.89
N ALA D 16 -2.86 -9.44 -12.93
CA ALA D 16 -3.40 -9.35 -14.26
C ALA D 16 -2.42 -9.96 -15.25
N ALA D 17 -2.96 -10.54 -16.32
CA ALA D 17 -2.13 -11.20 -17.31
C ALA D 17 -2.84 -11.18 -18.66
N VAL D 18 -2.04 -11.12 -19.72
CA VAL D 18 -2.54 -11.14 -21.09
C VAL D 18 -1.78 -12.21 -21.85
N PHE D 19 -2.51 -13.17 -22.40
CA PHE D 19 -1.95 -14.22 -23.23
C PHE D 19 -2.31 -13.96 -24.68
N LEU D 20 -1.31 -13.94 -25.56
CA LEU D 20 -1.54 -13.70 -26.97
C LEU D 20 -0.93 -14.74 -27.90
N VAL D 21 -1.78 -15.58 -28.49
CA VAL D 21 -1.34 -16.60 -29.41
C VAL D 21 -1.59 -16.04 -30.81
N ALA D 22 -0.53 -15.51 -31.43
CA ALA D 22 -0.63 -14.91 -32.75
C ALA D 22 0.07 -15.80 -33.77
N THR D 23 -0.60 -16.09 -34.86
CA THR D 23 -0.02 -16.85 -35.94
C THR D 23 0.56 -15.88 -36.98
N ILE D 24 1.71 -16.26 -37.52
CA ILE D 24 2.45 -15.41 -38.46
C ILE D 24 1.93 -15.66 -39.87
N ASP D 25 1.66 -14.58 -40.60
CA ASP D 25 1.16 -14.70 -41.96
C ASP D 25 2.28 -15.15 -42.88
N GLU D 26 1.88 -15.64 -44.06
CA GLU D 26 2.83 -16.21 -45.01
C GLU D 26 3.67 -15.10 -45.64
N GLY D 27 4.99 -15.31 -45.64
CA GLY D 27 5.90 -14.36 -46.25
C GLY D 27 6.16 -13.12 -45.43
N GLN D 28 5.85 -13.15 -44.14
CA GLN D 28 6.07 -12.02 -43.25
C GLN D 28 7.13 -12.35 -42.21
N GLU D 29 8.18 -13.05 -42.64
CA GLU D 29 9.20 -13.54 -41.72
C GLU D 29 10.08 -12.41 -41.20
N ALA D 30 10.58 -11.56 -42.10
CA ALA D 30 11.50 -10.51 -41.69
C ALA D 30 10.81 -9.42 -40.88
N THR D 31 9.50 -9.29 -41.03
CA THR D 31 8.77 -8.31 -40.23
C THR D 31 8.73 -8.72 -38.76
N VAL D 32 8.55 -10.00 -38.47
CA VAL D 32 8.66 -10.47 -37.09
C VAL D 32 10.11 -10.52 -36.66
N TYR D 33 11.02 -10.73 -37.61
CA TYR D 33 12.44 -10.71 -37.28
C TYR D 33 12.93 -9.32 -36.89
N ASP D 34 12.25 -8.26 -37.35
CA ASP D 34 12.50 -6.93 -36.82
C ASP D 34 12.05 -6.81 -35.38
N ALA D 35 10.84 -7.26 -35.08
CA ALA D 35 10.24 -6.96 -33.78
C ALA D 35 10.79 -7.84 -32.67
N LEU D 36 11.34 -9.00 -33.02
CA LEU D 36 11.82 -9.93 -31.99
C LEU D 36 13.00 -9.42 -31.14
N PRO D 37 13.96 -8.63 -31.66
CA PRO D 37 14.89 -7.98 -30.72
C PRO D 37 14.30 -6.77 -30.02
N ASP D 38 13.17 -6.25 -30.50
CA ASP D 38 12.62 -5.02 -29.95
C ASP D 38 11.75 -5.25 -28.73
N ILE D 39 11.53 -6.51 -28.35
CA ILE D 39 10.53 -6.83 -27.34
C ILE D 39 11.01 -6.46 -25.95
N SER D 40 12.25 -6.83 -25.60
CA SER D 40 12.81 -6.43 -24.31
C SER D 40 12.98 -4.91 -24.21
N GLY D 41 13.28 -4.26 -25.34
CA GLY D 41 13.30 -2.80 -25.35
C GLY D 41 11.94 -2.20 -25.06
N LEU D 42 10.88 -2.77 -25.65
CA LEU D 42 9.53 -2.30 -25.36
C LEU D 42 9.12 -2.59 -23.92
N VAL D 43 9.58 -3.70 -23.36
CA VAL D 43 9.27 -4.03 -21.97
C VAL D 43 9.92 -3.05 -21.02
N ARG D 44 11.23 -2.81 -21.20
CA ARG D 44 11.92 -1.82 -20.39
C ARG D 44 11.43 -0.41 -20.64
N ALA D 45 10.86 -0.15 -21.82
CA ALA D 45 10.34 1.17 -22.13
C ALA D 45 9.01 1.42 -21.41
N ILE D 46 8.11 0.44 -21.46
CA ILE D 46 6.77 0.66 -20.93
C ILE D 46 6.74 0.42 -19.43
N GLY D 47 7.27 -0.73 -18.98
CA GLY D 47 7.16 -1.09 -17.58
C GLY D 47 8.00 -0.26 -16.63
N PHE D 48 8.91 0.57 -17.15
CA PHE D 48 9.63 1.49 -16.28
C PHE D 48 8.74 2.61 -15.78
N ARG D 49 7.71 2.96 -16.53
CA ARG D 49 6.59 3.70 -15.96
C ARG D 49 5.90 2.80 -14.95
N ASP D 50 5.93 3.22 -13.67
CA ASP D 50 5.63 2.37 -12.51
C ASP D 50 6.45 1.09 -12.52
N PRO D 51 7.73 1.15 -12.15
CA PRO D 51 8.54 -0.08 -12.07
C PRO D 51 8.10 -1.02 -10.95
N ALA D 52 7.28 -0.54 -10.01
CA ALA D 52 6.59 -1.42 -9.07
C ALA D 52 5.23 -1.84 -9.61
N LYS D 53 5.23 -2.26 -10.86
CA LYS D 53 4.16 -3.07 -11.44
C LYS D 53 4.69 -4.36 -12.02
N ARG D 54 5.99 -4.45 -12.31
CA ARG D 54 6.70 -5.66 -12.71
C ARG D 54 6.14 -6.22 -14.01
N LEU D 55 6.14 -5.36 -15.03
CA LEU D 55 5.76 -5.78 -16.36
C LEU D 55 6.82 -6.69 -16.93
N SER D 56 6.43 -7.89 -17.30
CA SER D 56 7.37 -8.91 -17.76
C SER D 56 6.73 -9.70 -18.88
N ALA D 57 7.32 -9.63 -20.06
CA ALA D 57 6.86 -10.40 -21.20
C ALA D 57 7.64 -11.71 -21.28
N ILE D 58 6.96 -12.75 -21.72
CA ILE D 58 7.59 -14.03 -22.00
C ILE D 58 7.30 -14.35 -23.46
N THR D 59 8.28 -14.10 -24.32
CA THR D 59 8.18 -14.45 -25.73
C THR D 59 8.39 -15.95 -25.89
N SER D 60 7.50 -16.57 -26.65
CA SER D 60 7.59 -17.99 -26.92
C SER D 60 7.38 -18.22 -28.41
N ILE D 61 8.05 -19.24 -28.94
CA ILE D 61 8.06 -19.52 -30.37
C ILE D 61 7.76 -21.00 -30.58
N GLY D 62 6.79 -21.29 -31.44
CA GLY D 62 6.43 -22.65 -31.76
C GLY D 62 7.38 -23.27 -32.76
N SER D 63 6.95 -24.41 -33.29
CA SER D 63 7.80 -25.19 -34.20
C SER D 63 7.82 -24.58 -35.59
N ASP D 64 6.65 -24.23 -36.13
CA ASP D 64 6.57 -23.62 -37.45
C ASP D 64 7.29 -22.28 -37.52
N ALA D 65 7.12 -21.45 -36.50
CA ALA D 65 7.84 -20.20 -36.45
C ALA D 65 9.34 -20.41 -36.24
N TRP D 66 9.75 -21.54 -35.68
CA TRP D 66 11.18 -21.82 -35.57
C TRP D 66 11.77 -22.21 -36.92
N ASP D 67 11.08 -23.07 -37.66
CA ASP D 67 11.59 -23.45 -38.98
C ASP D 67 11.48 -22.30 -39.98
N ARG D 68 10.55 -21.38 -39.77
CA ARG D 68 10.49 -20.23 -40.65
C ARG D 68 11.49 -19.16 -40.24
N LEU D 69 11.49 -18.75 -38.98
CA LEU D 69 12.21 -17.57 -38.53
C LEU D 69 13.70 -17.80 -38.32
N PHE D 70 14.08 -18.96 -37.79
CA PHE D 70 15.45 -19.16 -37.32
C PHE D 70 16.17 -20.22 -38.14
N SER D 71 17.45 -19.98 -38.40
CA SER D 71 18.34 -20.93 -39.01
C SER D 71 19.22 -21.56 -37.94
N GLY D 72 20.18 -22.37 -38.37
CA GLY D 72 21.09 -23.01 -37.46
C GLY D 72 20.46 -24.18 -36.75
N PRO D 73 20.60 -24.24 -35.43
CA PRO D 73 20.12 -25.38 -34.67
C PRO D 73 18.61 -25.34 -34.47
N ARG D 74 18.12 -26.32 -33.72
CA ARG D 74 16.72 -26.44 -33.35
C ARG D 74 16.68 -26.99 -31.94
N PRO D 75 15.72 -26.57 -31.12
CA PRO D 75 15.54 -27.22 -29.81
C PRO D 75 15.15 -28.67 -29.99
N ALA D 76 15.65 -29.51 -29.09
CA ALA D 76 15.66 -30.96 -29.32
C ALA D 76 14.26 -31.55 -29.29
N GLU D 77 13.43 -31.09 -28.36
CA GLU D 77 12.09 -31.65 -28.23
C GLU D 77 11.02 -30.70 -28.73
N LEU D 78 11.39 -29.65 -29.44
CA LEU D 78 10.39 -28.72 -29.97
C LEU D 78 9.65 -29.38 -31.13
N HIS D 79 8.34 -29.55 -30.96
CA HIS D 79 7.50 -30.18 -31.97
C HIS D 79 6.12 -29.56 -31.86
N PRO D 80 5.26 -29.72 -32.88
CA PRO D 80 3.87 -29.31 -32.73
C PRO D 80 3.18 -30.07 -31.61
N PHE D 81 2.23 -29.39 -30.96
CA PHE D 81 1.57 -29.93 -29.78
C PHE D 81 0.73 -31.14 -30.16
N ARG D 82 1.11 -32.31 -29.61
CA ARG D 82 0.45 -33.56 -29.94
C ARG D 82 -0.97 -33.54 -29.42
N GLU D 83 -1.95 -33.55 -30.33
CA GLU D 83 -3.35 -33.53 -29.96
C GLU D 83 -3.71 -34.85 -29.29
N ILE D 84 -4.13 -34.77 -28.03
CA ILE D 84 -4.47 -35.95 -27.26
C ILE D 84 -5.94 -36.33 -27.37
N ASP D 85 -6.20 -37.30 -28.23
CA ASP D 85 -7.56 -37.80 -28.44
C ASP D 85 -7.75 -38.99 -27.51
N GLY D 86 -8.15 -38.71 -26.28
CA GLY D 86 -8.31 -39.73 -25.27
C GLY D 86 -9.57 -40.55 -25.46
N GLY D 87 -10.00 -41.18 -24.36
CA GLY D 87 -11.20 -41.99 -24.41
C GLY D 87 -12.46 -41.16 -24.52
N ARG D 88 -12.55 -40.10 -23.72
CA ARG D 88 -13.71 -39.22 -23.75
C ARG D 88 -13.35 -37.76 -23.98
N HIS D 89 -12.27 -37.28 -23.37
CA HIS D 89 -11.86 -35.89 -23.48
C HIS D 89 -10.73 -35.75 -24.50
N HIS D 90 -10.85 -34.75 -25.36
CA HIS D 90 -9.88 -34.50 -26.41
C HIS D 90 -9.16 -33.18 -26.14
N ALA D 91 -7.85 -33.17 -26.35
CA ALA D 91 -7.05 -31.98 -26.14
C ALA D 91 -6.61 -31.44 -27.48
N PRO D 92 -7.31 -30.49 -28.07
CA PRO D 92 -7.01 -30.05 -29.44
C PRO D 92 -5.77 -29.16 -29.49
N ALA D 93 -5.34 -28.87 -30.71
CA ALA D 93 -4.14 -28.06 -30.96
C ALA D 93 -4.42 -27.12 -32.13
N THR D 94 -4.81 -25.90 -31.83
CA THR D 94 -4.98 -24.90 -32.88
C THR D 94 -3.62 -24.41 -33.36
N PRO D 95 -3.50 -24.01 -34.62
CA PRO D 95 -2.24 -23.42 -35.08
C PRO D 95 -1.97 -22.08 -34.42
N GLY D 96 -0.79 -21.98 -33.83
CA GLY D 96 -0.31 -20.74 -33.28
C GLY D 96 1.20 -20.68 -33.36
N ASP D 97 1.74 -19.66 -34.00
CA ASP D 97 3.17 -19.61 -34.24
C ASP D 97 3.93 -19.16 -33.01
N LEU D 98 3.60 -17.98 -32.48
CA LEU D 98 4.29 -17.42 -31.34
C LEU D 98 3.31 -17.13 -30.21
N LEU D 99 3.82 -17.20 -28.99
CA LEU D 99 3.03 -16.90 -27.81
C LEU D 99 3.64 -15.70 -27.09
N PHE D 100 2.80 -14.74 -26.75
CA PHE D 100 3.22 -13.56 -26.01
C PHE D 100 2.55 -13.58 -24.64
N HIS D 101 3.32 -13.97 -23.62
CA HIS D 101 2.82 -14.09 -22.26
C HIS D 101 3.21 -12.82 -21.50
N LEU D 102 2.22 -12.03 -21.13
CA LEU D 102 2.44 -10.77 -20.46
C LEU D 102 1.85 -10.83 -19.06
N ARG D 103 2.56 -10.22 -18.11
CA ARG D 103 2.15 -10.29 -16.70
C ARG D 103 2.60 -9.03 -15.99
N ALA D 104 1.70 -8.41 -15.25
CA ALA D 104 2.06 -7.28 -14.38
C ALA D 104 0.98 -7.08 -13.34
N GLU D 105 1.21 -6.09 -12.47
CA GLU D 105 0.34 -5.80 -11.34
C GLU D 105 -1.02 -5.26 -11.74
N SER D 106 -1.16 -4.73 -12.96
CA SER D 106 -2.41 -4.13 -13.40
C SER D 106 -2.64 -4.50 -14.86
N MET D 107 -3.88 -4.28 -15.30
CA MET D 107 -4.28 -4.69 -16.64
C MET D 107 -3.74 -3.75 -17.72
N ASP D 108 -3.59 -2.46 -17.38
CA ASP D 108 -3.36 -1.43 -18.40
C ASP D 108 -1.98 -1.54 -19.03
N VAL D 109 -0.96 -1.82 -18.22
CA VAL D 109 0.39 -1.86 -18.76
C VAL D 109 0.60 -3.13 -19.58
N CYS D 110 -0.09 -4.23 -19.25
CA CYS D 110 -0.10 -5.40 -20.12
C CYS D 110 -0.83 -5.11 -21.42
N PHE D 111 -1.94 -4.36 -21.34
CA PHE D 111 -2.68 -3.97 -22.54
C PHE D 111 -1.85 -3.07 -23.44
N GLU D 112 -1.09 -2.15 -22.85
CA GLU D 112 -0.28 -1.24 -23.66
C GLU D 112 0.93 -1.92 -24.26
N LEU D 113 1.54 -2.86 -23.52
CA LEU D 113 2.62 -3.66 -24.10
C LEU D 113 2.10 -4.53 -25.24
N ALA D 114 0.91 -5.09 -25.10
CA ALA D 114 0.34 -5.86 -26.21
C ALA D 114 -0.07 -4.97 -27.37
N THR D 115 -0.48 -3.73 -27.08
CA THR D 115 -0.82 -2.78 -28.14
C THR D 115 0.41 -2.43 -28.96
N LYS D 116 1.53 -2.20 -28.28
CA LYS D 116 2.78 -1.93 -28.97
C LYS D 116 3.42 -3.18 -29.57
N LEU D 117 2.98 -4.38 -29.16
CA LEU D 117 3.62 -5.58 -29.68
C LEU D 117 3.16 -5.93 -31.08
N VAL D 118 1.85 -5.89 -31.34
CA VAL D 118 1.38 -6.29 -32.67
C VAL D 118 1.58 -5.15 -33.67
N GLU D 119 1.70 -3.91 -33.20
CA GLU D 119 1.90 -2.79 -34.08
C GLU D 119 3.36 -2.41 -34.21
N ALA D 120 4.25 -3.22 -33.66
CA ALA D 120 5.64 -3.25 -34.08
C ALA D 120 5.87 -4.20 -35.24
N MET D 121 4.90 -5.08 -35.51
CA MET D 121 4.92 -6.02 -36.62
C MET D 121 3.58 -6.00 -37.33
N SER D 122 3.10 -4.80 -37.63
CA SER D 122 1.75 -4.56 -38.14
C SER D 122 1.52 -5.18 -39.51
N GLY D 123 0.51 -6.05 -39.61
CA GLY D 123 0.18 -6.74 -40.83
C GLY D 123 0.88 -8.07 -40.97
N ALA D 124 1.87 -8.36 -40.12
CA ALA D 124 2.59 -9.61 -40.22
C ALA D 124 1.89 -10.75 -39.49
N ILE D 125 1.01 -10.46 -38.54
CA ILE D 125 0.41 -11.49 -37.70
C ILE D 125 -1.10 -11.27 -37.63
N THR D 126 -1.81 -12.36 -37.37
CA THR D 126 -3.20 -12.34 -36.92
C THR D 126 -3.25 -12.97 -35.54
N ILE D 127 -3.89 -12.29 -34.60
CA ILE D 127 -3.97 -12.75 -33.23
C ILE D 127 -5.08 -13.79 -33.17
N VAL D 128 -4.69 -15.05 -32.97
CA VAL D 128 -5.69 -16.12 -32.96
C VAL D 128 -6.41 -16.16 -31.62
N ASP D 129 -5.70 -15.99 -30.52
CA ASP D 129 -6.31 -16.17 -29.22
C ASP D 129 -6.00 -14.94 -28.37
N GLU D 130 -7.05 -14.35 -27.79
CA GLU D 130 -7.01 -13.10 -27.05
C GLU D 130 -7.74 -13.32 -25.74
N THR D 131 -6.99 -13.49 -24.66
CA THR D 131 -7.55 -13.61 -23.33
C THR D 131 -6.92 -12.58 -22.42
N HIS D 132 -7.74 -11.99 -21.55
CA HIS D 132 -7.26 -11.07 -20.53
C HIS D 132 -7.43 -11.76 -19.19
N GLY D 133 -6.39 -12.47 -18.77
CA GLY D 133 -6.46 -13.23 -17.53
C GLY D 133 -6.34 -12.36 -16.31
N PHE D 134 -7.41 -12.27 -15.54
CA PHE D 134 -7.38 -11.60 -14.24
C PHE D 134 -7.13 -12.66 -13.17
N ARG D 135 -7.22 -12.24 -11.91
CA ARG D 135 -6.81 -13.09 -10.80
C ARG D 135 -7.82 -12.95 -9.66
N PHE D 136 -8.22 -14.08 -9.09
CA PHE D 136 -9.27 -14.11 -8.07
C PHE D 136 -8.73 -13.68 -6.72
N PHE D 137 -9.49 -13.95 -5.65
CA PHE D 137 -9.26 -13.33 -4.35
C PHE D 137 -7.92 -13.71 -3.73
N ASP D 138 -7.79 -14.95 -3.26
CA ASP D 138 -6.49 -15.46 -2.83
C ASP D 138 -5.95 -16.46 -3.84
N ASN D 139 -5.63 -15.94 -5.02
CA ASN D 139 -5.05 -16.70 -6.15
C ASN D 139 -5.95 -17.84 -6.60
N ARG D 140 -7.25 -17.72 -6.41
CA ARG D 140 -8.12 -18.82 -6.78
C ARG D 140 -8.37 -18.82 -8.28
N ASP D 141 -9.05 -19.86 -8.73
CA ASP D 141 -9.57 -19.94 -10.08
C ASP D 141 -11.08 -19.91 -10.01
N LEU D 142 -11.73 -20.12 -11.15
CA LEU D 142 -13.19 -20.09 -11.17
C LEU D 142 -13.80 -21.33 -10.54
N MET D 143 -13.03 -22.42 -10.40
CA MET D 143 -13.53 -23.58 -9.68
C MET D 143 -13.69 -23.29 -8.19
N GLY D 144 -12.97 -22.31 -7.67
CA GLY D 144 -13.03 -21.94 -6.27
C GLY D 144 -11.84 -22.39 -5.48
N PHE D 145 -10.97 -23.21 -6.06
CA PHE D 145 -9.81 -23.71 -5.36
C PHE D 145 -8.63 -22.77 -5.60
N VAL D 146 -7.73 -22.70 -4.62
CA VAL D 146 -6.54 -21.88 -4.78
C VAL D 146 -5.63 -22.54 -5.81
N ASP D 147 -5.18 -21.77 -6.80
CA ASP D 147 -4.57 -22.31 -7.99
C ASP D 147 -3.07 -22.02 -8.03
N GLY D 148 -2.28 -23.08 -8.18
CA GLY D 148 -0.86 -22.92 -8.40
C GLY D 148 -0.03 -22.84 -7.14
N THR D 149 -0.45 -23.52 -6.08
CA THR D 149 0.25 -23.41 -4.81
C THR D 149 1.43 -24.36 -4.69
N GLU D 150 1.68 -25.19 -5.70
CA GLU D 150 2.76 -26.16 -5.63
C GLU D 150 3.86 -25.88 -6.65
N ASN D 151 3.98 -24.63 -7.07
CA ASN D 151 5.12 -24.24 -7.88
C ASN D 151 6.37 -24.21 -7.01
N PRO D 152 7.49 -24.76 -7.47
CA PRO D 152 8.71 -24.75 -6.67
C PRO D 152 9.38 -23.38 -6.69
N ASP D 153 10.43 -23.27 -5.88
CA ASP D 153 11.18 -22.03 -5.74
C ASP D 153 12.67 -22.32 -5.63
N GLY D 154 13.48 -21.42 -6.16
CA GLY D 154 14.91 -21.55 -5.98
C GLY D 154 15.49 -22.61 -6.89
N ASN D 155 16.31 -23.50 -6.31
CA ASN D 155 17.03 -24.51 -7.06
C ASN D 155 16.09 -25.52 -7.70
N LEU D 156 15.09 -25.98 -6.94
CA LEU D 156 14.07 -26.90 -7.44
C LEU D 156 13.15 -26.28 -8.47
N ALA D 157 13.26 -24.98 -8.73
CA ALA D 157 12.55 -24.33 -9.81
C ALA D 157 13.43 -24.06 -11.02
N VAL D 158 14.69 -23.66 -10.81
CA VAL D 158 15.54 -23.36 -11.96
C VAL D 158 15.96 -24.64 -12.66
N VAL D 159 16.19 -25.73 -11.91
CA VAL D 159 16.39 -27.01 -12.60
C VAL D 159 15.08 -27.62 -13.06
N ALA D 160 13.94 -27.12 -12.62
CA ALA D 160 12.68 -27.58 -13.16
C ALA D 160 12.34 -26.91 -14.49
N THR D 161 12.81 -25.68 -14.71
CA THR D 161 12.45 -24.95 -15.91
C THR D 161 13.62 -24.71 -16.85
N GLN D 162 14.75 -24.23 -16.35
CA GLN D 162 15.82 -23.78 -17.23
C GLN D 162 16.65 -24.95 -17.72
N ILE D 163 16.90 -24.97 -19.02
CA ILE D 163 17.71 -26.02 -19.64
C ILE D 163 19.17 -25.75 -19.34
N GLY D 164 19.87 -26.75 -18.83
CA GLY D 164 21.30 -26.67 -18.64
C GLY D 164 22.07 -26.93 -19.93
N ASP D 165 23.11 -27.75 -19.86
CA ASP D 165 23.86 -28.10 -21.06
C ASP D 165 23.52 -29.51 -21.55
N GLU D 166 22.33 -30.02 -21.23
CA GLU D 166 21.79 -31.16 -21.94
C GLU D 166 21.38 -30.78 -23.36
N ASP D 167 21.09 -29.50 -23.58
CA ASP D 167 21.08 -28.91 -24.92
C ASP D 167 21.85 -27.61 -24.82
N PRO D 168 23.16 -27.64 -25.08
CA PRO D 168 24.00 -26.46 -24.78
C PRO D 168 23.80 -25.30 -25.74
N ASP D 169 23.16 -25.52 -26.90
CA ASP D 169 22.90 -24.40 -27.79
C ASP D 169 21.73 -23.57 -27.31
N PHE D 170 20.93 -24.10 -26.38
CA PHE D 170 19.83 -23.36 -25.80
C PHE D 170 19.86 -23.47 -24.29
N ALA D 171 21.03 -23.22 -23.70
CA ALA D 171 21.16 -23.21 -22.25
C ALA D 171 20.34 -22.07 -21.66
N GLY D 172 19.36 -22.42 -20.84
CA GLY D 172 18.39 -21.44 -20.40
C GLY D 172 17.25 -21.39 -21.40
N GLY D 173 16.02 -21.56 -20.93
CA GLY D 173 14.89 -21.63 -21.83
C GLY D 173 13.98 -22.79 -21.50
N CYS D 174 12.69 -22.63 -21.78
CA CYS D 174 11.69 -23.56 -21.30
C CYS D 174 10.84 -24.05 -22.46
N TYR D 175 9.84 -24.84 -22.15
CA TYR D 175 8.82 -25.24 -23.10
C TYR D 175 7.45 -24.98 -22.50
N VAL D 176 6.55 -24.49 -23.33
CA VAL D 176 5.27 -23.95 -22.87
C VAL D 176 4.15 -24.81 -23.41
N HIS D 177 3.17 -25.11 -22.57
CA HIS D 177 1.95 -25.79 -22.98
C HIS D 177 0.79 -24.90 -22.57
N VAL D 178 0.24 -24.16 -23.52
CA VAL D 178 -0.98 -23.41 -23.24
C VAL D 178 -2.18 -24.30 -23.53
N GLN D 179 -3.22 -24.15 -22.71
CA GLN D 179 -4.46 -24.89 -22.89
C GLN D 179 -5.58 -24.03 -22.32
N LYS D 180 -6.35 -23.40 -23.21
CA LYS D 180 -7.43 -22.53 -22.80
C LYS D 180 -8.64 -23.40 -22.49
N TYR D 181 -8.96 -23.57 -21.22
CA TYR D 181 -10.12 -24.35 -20.83
C TYR D 181 -11.34 -23.45 -20.75
N LEU D 182 -12.52 -24.08 -20.86
CA LEU D 182 -13.79 -23.36 -20.81
C LEU D 182 -14.80 -24.12 -19.97
N HIS D 183 -14.40 -24.48 -18.75
CA HIS D 183 -15.19 -25.37 -17.91
C HIS D 183 -16.53 -24.75 -17.51
N ASP D 184 -17.57 -25.58 -17.54
CA ASP D 184 -18.90 -25.12 -17.18
C ASP D 184 -19.03 -24.98 -15.67
N MET D 185 -19.87 -24.04 -15.25
CA MET D 185 -20.14 -23.84 -13.84
C MET D 185 -21.50 -24.34 -13.41
N ALA D 186 -22.35 -24.76 -14.36
CA ALA D 186 -23.69 -25.21 -13.99
C ALA D 186 -23.64 -26.54 -13.26
N SER D 187 -22.83 -27.47 -13.73
CA SER D 187 -22.67 -28.75 -13.05
C SER D 187 -21.70 -28.65 -11.88
N TRP D 188 -20.71 -27.76 -11.97
CA TRP D 188 -19.74 -27.62 -10.89
C TRP D 188 -20.34 -26.97 -9.67
N ASN D 189 -21.22 -25.99 -9.84
CA ASN D 189 -21.82 -25.33 -8.70
C ASN D 189 -22.84 -26.21 -7.99
N SER D 190 -23.59 -27.03 -8.75
CA SER D 190 -24.54 -27.95 -8.16
C SER D 190 -23.84 -29.12 -7.47
N LEU D 191 -22.62 -29.42 -7.89
CA LEU D 191 -21.79 -30.40 -7.20
C LEU D 191 -21.45 -29.88 -5.80
N SER D 192 -21.40 -30.81 -4.85
CA SER D 192 -21.12 -30.46 -3.47
C SER D 192 -19.62 -30.34 -3.25
N VAL D 193 -19.27 -29.69 -2.16
CA VAL D 193 -17.88 -29.37 -1.84
C VAL D 193 -16.93 -30.56 -1.70
N GLU D 194 -17.36 -31.58 -0.97
CA GLU D 194 -16.51 -32.73 -0.72
C GLU D 194 -16.32 -33.58 -1.97
N GLU D 195 -17.26 -33.47 -2.89
CA GLU D 195 -17.15 -34.15 -4.17
C GLU D 195 -16.06 -33.40 -4.95
N GLN D 196 -16.06 -32.07 -4.84
CA GLN D 196 -15.07 -31.25 -5.52
C GLN D 196 -13.68 -31.44 -4.93
N GLU D 197 -13.61 -31.81 -3.65
CA GLU D 197 -12.31 -32.12 -3.07
C GLU D 197 -11.85 -33.50 -3.48
N ARG D 198 -12.78 -34.39 -3.84
CA ARG D 198 -12.37 -35.62 -4.52
C ARG D 198 -11.87 -35.32 -5.92
N VAL D 199 -12.45 -34.31 -6.58
CA VAL D 199 -11.97 -33.88 -7.89
C VAL D 199 -10.55 -33.35 -7.81
N ILE D 200 -10.34 -32.35 -6.95
CA ILE D 200 -9.05 -31.66 -6.91
C ILE D 200 -8.00 -32.53 -6.24
N GLY D 201 -8.28 -32.99 -5.03
CA GLY D 201 -7.31 -33.68 -4.20
C GLY D 201 -6.83 -32.88 -3.02
N ARG D 202 -7.17 -31.59 -2.95
CA ARG D 202 -6.87 -30.74 -1.81
C ARG D 202 -8.19 -30.13 -1.34
N THR D 203 -8.16 -29.44 -0.21
CA THR D 203 -9.37 -28.80 0.28
C THR D 203 -9.65 -27.53 -0.49
N LYS D 204 -10.81 -26.94 -0.23
CA LYS D 204 -11.23 -25.76 -1.00
C LYS D 204 -10.97 -24.46 -0.28
N LEU D 205 -11.31 -24.36 1.00
CA LEU D 205 -11.18 -23.09 1.70
C LEU D 205 -9.74 -22.81 2.07
N ASP D 206 -9.08 -23.78 2.69
CA ASP D 206 -7.73 -23.58 3.22
C ASP D 206 -6.64 -24.24 2.39
N ASP D 207 -7.01 -25.06 1.39
CA ASP D 207 -6.11 -25.68 0.42
C ASP D 207 -5.07 -26.58 1.10
N ILE D 208 -5.48 -27.26 2.15
CA ILE D 208 -4.68 -28.33 2.72
C ILE D 208 -4.75 -29.51 1.78
N GLU D 209 -3.62 -30.12 1.49
CA GLU D 209 -3.62 -31.36 0.73
C GLU D 209 -4.24 -32.48 1.56
N LEU D 210 -5.03 -33.32 0.89
CA LEU D 210 -5.73 -34.38 1.59
C LEU D 210 -4.76 -35.49 2.00
N ASP D 211 -5.26 -36.39 2.84
CA ASP D 211 -4.47 -37.55 3.25
C ASP D 211 -4.26 -38.47 2.06
N ASP D 212 -3.12 -39.18 2.08
CA ASP D 212 -2.74 -40.01 0.94
C ASP D 212 -3.69 -41.18 0.74
N ASP D 213 -4.28 -41.70 1.81
CA ASP D 213 -5.28 -42.75 1.63
C ASP D 213 -6.65 -42.14 1.32
N VAL D 214 -6.94 -40.95 1.82
CA VAL D 214 -8.23 -40.32 1.59
C VAL D 214 -8.33 -39.78 0.16
N LYS D 215 -7.20 -39.32 -0.40
CA LYS D 215 -7.17 -38.77 -1.75
C LYS D 215 -7.39 -39.85 -2.79
N PRO D 216 -8.39 -39.74 -3.66
CA PRO D 216 -8.62 -40.78 -4.66
C PRO D 216 -7.55 -40.77 -5.74
N ALA D 217 -7.51 -41.87 -6.49
CA ALA D 217 -6.46 -42.05 -7.48
C ALA D 217 -6.69 -41.21 -8.73
N ASN D 218 -7.93 -40.85 -9.02
CA ASN D 218 -8.24 -40.08 -10.21
C ASN D 218 -8.34 -38.59 -9.93
N SER D 219 -7.87 -38.13 -8.78
CA SER D 219 -7.86 -36.71 -8.47
C SER D 219 -6.79 -36.00 -9.28
N HIS D 220 -6.93 -34.68 -9.37
CA HIS D 220 -6.01 -33.86 -10.15
C HIS D 220 -4.61 -33.84 -9.53
N VAL D 221 -4.54 -33.54 -8.24
CA VAL D 221 -3.27 -33.55 -7.53
C VAL D 221 -2.70 -34.96 -7.38
N ALA D 222 -3.54 -36.00 -7.54
CA ALA D 222 -3.05 -37.37 -7.52
C ALA D 222 -2.43 -37.76 -8.84
N LEU D 223 -3.01 -37.31 -9.96
CA LEU D 223 -2.53 -37.72 -11.26
C LEU D 223 -1.40 -36.85 -11.77
N ASN D 224 -1.32 -35.60 -11.34
CA ASN D 224 -0.35 -34.69 -11.94
C ASN D 224 1.03 -34.75 -11.32
N VAL D 225 1.16 -35.27 -10.10
CA VAL D 225 2.49 -35.47 -9.54
C VAL D 225 3.14 -36.66 -10.23
N ILE D 226 4.38 -36.49 -10.69
CA ILE D 226 5.06 -37.49 -11.48
C ILE D 226 6.29 -37.95 -10.71
N GLU D 227 6.37 -39.24 -10.44
CA GLU D 227 7.55 -39.83 -9.84
C GLU D 227 8.45 -40.40 -10.92
N ASP D 228 9.75 -40.24 -10.75
CA ASP D 228 10.71 -40.88 -11.64
C ASP D 228 11.13 -42.22 -11.04
N GLU D 229 12.05 -42.90 -11.71
CA GLU D 229 12.49 -44.20 -11.22
C GLU D 229 13.62 -44.06 -10.21
N ASP D 230 14.37 -42.96 -10.24
CA ASP D 230 15.35 -42.70 -9.19
C ASP D 230 14.71 -42.25 -7.89
N GLY D 231 13.48 -41.74 -7.93
CA GLY D 231 12.80 -41.29 -6.74
C GLY D 231 12.54 -39.80 -6.69
N ASN D 232 13.21 -39.01 -7.52
CA ASN D 232 12.90 -37.60 -7.56
C ASN D 232 11.61 -37.37 -8.32
N GLU D 233 10.94 -36.26 -8.02
CA GLU D 233 9.72 -35.88 -8.69
C GLU D 233 10.02 -34.72 -9.62
N LEU D 234 9.38 -34.74 -10.79
CA LEU D 234 9.55 -33.69 -11.78
C LEU D 234 8.42 -32.70 -11.65
N LYS D 235 8.75 -31.44 -11.45
CA LYS D 235 7.78 -30.38 -11.27
C LYS D 235 7.87 -29.38 -12.41
N ILE D 236 6.75 -28.77 -12.72
CA ILE D 236 6.68 -27.69 -13.68
C ILE D 236 6.19 -26.44 -12.95
N ILE D 237 6.35 -25.29 -13.60
CA ILE D 237 5.84 -24.03 -13.08
C ILE D 237 4.74 -23.56 -14.01
N ARG D 238 3.55 -23.34 -13.45
CA ARG D 238 2.39 -22.94 -14.23
C ARG D 238 1.83 -21.62 -13.69
N HIS D 239 1.62 -20.67 -14.59
CA HIS D 239 0.96 -19.41 -14.25
C HIS D 239 -0.50 -19.41 -14.72
N ASN D 240 -1.30 -20.31 -14.17
CA ASN D 240 -2.69 -20.43 -14.61
C ASN D 240 -3.51 -19.25 -14.12
N MET D 241 -4.04 -18.48 -15.07
CA MET D 241 -4.82 -17.30 -14.75
C MET D 241 -6.23 -17.50 -15.25
N PRO D 242 -7.24 -17.27 -14.43
CA PRO D 242 -8.62 -17.37 -14.91
C PRO D 242 -8.99 -16.18 -15.79
N PHE D 243 -9.85 -16.46 -16.76
CA PHE D 243 -10.43 -15.46 -17.65
C PHE D 243 -11.93 -15.73 -17.71
N GLY D 244 -12.65 -14.98 -18.52
CA GLY D 244 -14.02 -15.34 -18.74
C GLY D 244 -14.84 -14.19 -19.27
N GLU D 245 -15.95 -14.55 -19.91
CA GLU D 245 -16.90 -13.58 -20.43
C GLU D 245 -18.29 -14.05 -20.04
N ILE D 246 -18.97 -13.26 -19.21
CA ILE D 246 -20.29 -13.65 -18.73
C ILE D 246 -21.34 -13.42 -19.82
N GLY D 247 -21.05 -12.55 -20.79
CA GLY D 247 -21.97 -12.33 -21.90
C GLY D 247 -22.15 -13.55 -22.78
N LYS D 248 -21.15 -14.40 -22.84
CA LYS D 248 -21.30 -15.74 -23.40
C LYS D 248 -21.45 -16.80 -22.34
N GLY D 249 -21.39 -16.42 -21.06
CA GLY D 249 -21.41 -17.41 -20.00
C GLY D 249 -20.13 -18.22 -19.87
N GLU D 250 -19.02 -17.69 -20.36
CA GLU D 250 -17.75 -18.40 -20.34
C GLU D 250 -17.04 -18.18 -19.00
N PHE D 251 -16.55 -19.28 -18.43
CA PHE D 251 -15.76 -19.23 -17.20
C PHE D 251 -14.62 -20.21 -17.37
N GLY D 252 -13.44 -19.70 -17.77
CA GLY D 252 -12.34 -20.56 -18.11
C GLY D 252 -11.07 -20.19 -17.36
N THR D 253 -10.16 -21.15 -17.29
CA THR D 253 -8.87 -20.97 -16.66
C THR D 253 -7.80 -21.23 -17.71
N TYR D 254 -7.07 -20.18 -18.08
CA TYR D 254 -6.05 -20.30 -19.10
C TYR D 254 -4.84 -21.00 -18.50
N TYR D 255 -4.75 -22.31 -18.70
CA TYR D 255 -3.60 -23.06 -18.23
C TYR D 255 -2.40 -22.76 -19.11
N ILE D 256 -1.25 -22.52 -18.47
CA ILE D 256 0.00 -22.34 -19.19
C ILE D 256 1.15 -22.89 -18.36
N GLY D 257 1.83 -23.90 -18.89
CA GLY D 257 2.84 -24.59 -18.10
C GLY D 257 4.23 -24.53 -18.68
N TYR D 258 5.18 -24.04 -17.88
CA TYR D 258 6.57 -23.92 -18.28
C TYR D 258 7.34 -25.10 -17.73
N SER D 259 8.21 -25.70 -18.55
CA SER D 259 8.91 -26.90 -18.15
C SER D 259 10.24 -26.98 -18.87
N ARG D 260 11.16 -27.76 -18.30
CA ARG D 260 12.47 -27.97 -18.89
C ARG D 260 12.37 -28.79 -20.16
N THR D 261 11.48 -29.77 -20.19
CA THR D 261 11.26 -30.62 -21.33
C THR D 261 9.78 -30.91 -21.48
N PRO D 262 9.25 -30.94 -22.70
CA PRO D 262 7.82 -31.19 -22.90
C PRO D 262 7.41 -32.62 -22.63
N SER D 263 8.35 -33.53 -22.41
CA SER D 263 7.99 -34.89 -22.01
C SER D 263 7.32 -34.92 -20.65
N VAL D 264 7.70 -34.01 -19.75
CA VAL D 264 7.11 -33.97 -18.41
C VAL D 264 5.68 -33.47 -18.48
N THR D 265 5.46 -32.34 -19.16
CA THR D 265 4.13 -31.79 -19.35
C THR D 265 3.24 -32.74 -20.15
N GLU D 266 3.83 -33.42 -21.14
CA GLU D 266 3.03 -34.36 -21.93
C GLU D 266 2.70 -35.61 -21.15
N ARG D 267 3.56 -36.02 -20.21
CA ARG D 267 3.19 -37.13 -19.35
C ARG D 267 2.13 -36.72 -18.34
N MET D 268 2.14 -35.45 -17.91
CA MET D 268 1.05 -34.96 -17.08
C MET D 268 -0.26 -34.93 -17.86
N LEU D 269 -0.21 -34.50 -19.11
CA LEU D 269 -1.41 -34.50 -19.95
C LEU D 269 -1.85 -35.92 -20.28
N ASP D 270 -0.91 -36.87 -20.34
CA ASP D 270 -1.28 -38.26 -20.52
C ASP D 270 -1.88 -38.85 -19.26
N ASN D 271 -1.45 -38.38 -18.09
CA ASN D 271 -2.06 -38.76 -16.84
C ASN D 271 -3.44 -38.12 -16.66
N MET D 272 -3.72 -37.04 -17.37
CA MET D 272 -5.03 -36.41 -17.31
C MET D 272 -6.00 -36.96 -18.34
N PHE D 273 -5.68 -36.83 -19.63
CA PHE D 273 -6.62 -37.20 -20.69
C PHE D 273 -6.62 -38.70 -20.93
N ILE D 274 -5.47 -39.24 -21.32
CA ILE D 274 -5.32 -40.69 -21.44
C ILE D 274 -5.47 -41.35 -20.07
N GLY D 275 -4.98 -40.67 -19.03
CA GLY D 275 -5.13 -41.16 -17.68
C GLY D 275 -4.14 -42.25 -17.34
N ASP D 276 -4.21 -42.68 -16.09
CA ASP D 276 -3.48 -43.86 -15.68
C ASP D 276 -4.13 -45.09 -16.32
N PRO D 277 -3.38 -46.18 -16.45
CA PRO D 277 -4.01 -47.44 -16.85
C PRO D 277 -5.01 -47.93 -15.80
N PRO D 278 -4.81 -47.70 -14.46
CA PRO D 278 -5.98 -47.82 -13.57
C PRO D 278 -7.02 -46.72 -13.77
N GLY D 279 -6.64 -45.46 -13.61
CA GLY D 279 -7.58 -44.36 -13.73
C GLY D 279 -7.44 -43.61 -15.03
N ASN D 280 -8.31 -43.88 -16.00
CA ASN D 280 -8.09 -43.42 -17.36
C ASN D 280 -8.62 -42.01 -17.60
N THR D 281 -9.24 -41.41 -16.60
CA THR D 281 -9.80 -40.08 -16.71
C THR D 281 -9.41 -39.27 -15.49
N ASP D 282 -9.07 -38.00 -15.70
CA ASP D 282 -8.88 -37.07 -14.60
C ASP D 282 -10.21 -36.41 -14.27
N ARG D 283 -10.46 -36.25 -12.98
CA ARG D 283 -11.78 -35.85 -12.51
C ARG D 283 -12.10 -34.40 -12.85
N ILE D 284 -11.08 -33.56 -13.07
CA ILE D 284 -11.36 -32.18 -13.46
C ILE D 284 -11.72 -32.10 -14.93
N LEU D 285 -11.38 -33.12 -15.73
CA LEU D 285 -11.72 -33.12 -17.14
C LEU D 285 -13.17 -33.51 -17.38
N ASP D 286 -13.86 -34.03 -16.36
CA ASP D 286 -15.31 -34.15 -16.41
C ASP D 286 -15.99 -32.79 -16.53
N PHE D 287 -15.34 -31.74 -16.06
CA PHE D 287 -15.91 -30.40 -16.11
C PHE D 287 -15.17 -29.47 -17.05
N SER D 288 -13.87 -29.68 -17.23
CA SER D 288 -13.05 -28.80 -18.06
C SER D 288 -12.83 -29.43 -19.42
N THR D 289 -13.22 -28.70 -20.46
CA THR D 289 -12.97 -29.09 -21.84
C THR D 289 -11.97 -28.12 -22.43
N ALA D 290 -10.85 -28.63 -22.93
CA ALA D 290 -9.87 -27.77 -23.55
C ALA D 290 -10.36 -27.26 -24.89
N ILE D 291 -10.09 -25.98 -25.17
CA ILE D 291 -10.51 -25.34 -26.41
C ILE D 291 -9.33 -25.16 -27.35
N THR D 292 -8.23 -24.64 -26.84
CA THR D 292 -7.03 -24.41 -27.61
C THR D 292 -5.90 -25.29 -27.08
N GLY D 293 -4.75 -25.18 -27.73
CA GLY D 293 -3.58 -25.94 -27.31
C GLY D 293 -2.39 -25.57 -28.16
N GLY D 294 -1.19 -25.63 -27.60
CA GLY D 294 0.00 -25.31 -28.34
C GLY D 294 1.25 -25.60 -27.54
N LEU D 295 2.30 -26.00 -28.23
CA LEU D 295 3.60 -26.20 -27.63
C LEU D 295 4.56 -25.17 -28.20
N PHE D 296 5.27 -24.48 -27.32
CA PHE D 296 6.14 -23.37 -27.69
C PHE D 296 7.48 -23.55 -27.00
N PHE D 297 8.38 -22.59 -27.27
CA PHE D 297 9.72 -22.61 -26.70
C PHE D 297 10.08 -21.21 -26.25
N THR D 298 10.44 -21.06 -24.99
CA THR D 298 11.04 -19.81 -24.57
C THR D 298 12.52 -19.82 -24.90
N PRO D 299 13.02 -18.83 -25.60
CA PRO D 299 14.47 -18.68 -25.70
C PRO D 299 15.00 -17.84 -24.57
N THR D 300 16.30 -17.57 -24.55
CA THR D 300 16.83 -16.58 -23.63
C THR D 300 16.52 -15.18 -24.15
N VAL D 301 16.66 -14.19 -23.28
CA VAL D 301 16.55 -12.81 -23.76
C VAL D 301 17.78 -12.44 -24.57
N ASP D 302 18.90 -13.11 -24.30
CA ASP D 302 20.08 -12.97 -25.17
C ASP D 302 19.81 -13.52 -26.56
N PHE D 303 18.98 -14.56 -26.65
CA PHE D 303 18.61 -15.13 -27.94
C PHE D 303 17.75 -14.18 -28.74
N LEU D 304 16.90 -13.39 -28.08
CA LEU D 304 16.19 -12.34 -28.79
C LEU D 304 17.11 -11.16 -29.08
N ASP D 305 18.09 -10.92 -28.21
CA ASP D 305 19.06 -9.86 -28.47
C ASP D 305 19.97 -10.23 -29.62
N ASP D 306 20.41 -11.49 -29.68
CA ASP D 306 21.25 -12.00 -30.75
C ASP D 306 20.51 -13.17 -31.41
N PRO D 307 19.59 -12.88 -32.33
CA PRO D 307 18.93 -13.94 -33.06
C PRO D 307 19.88 -14.54 -34.08
N PRO D 308 19.74 -15.83 -34.40
CA PRO D 308 20.46 -16.40 -35.52
C PRO D 308 19.93 -15.81 -36.82
N PRO D 309 20.75 -15.78 -37.87
CA PRO D 309 20.33 -15.10 -39.11
C PRO D 309 19.15 -15.78 -39.78
N LEU D 310 18.35 -14.98 -40.46
CA LEU D 310 17.11 -15.44 -41.05
C LEU D 310 17.40 -16.33 -42.25
N PRO D 311 16.94 -17.59 -42.25
CA PRO D 311 17.17 -18.51 -43.38
C PRO D 311 16.42 -18.09 -44.63
N ALA E 3 -24.35 25.21 1.83
CA ALA E 3 -24.15 25.69 0.47
C ALA E 3 -22.81 26.43 0.20
N PRO E 4 -22.26 27.22 1.14
CA PRO E 4 -20.87 27.65 0.93
C PRO E 4 -19.91 26.51 1.17
N GLN E 5 -19.24 26.07 0.11
CA GLN E 5 -18.23 25.03 0.20
C GLN E 5 -16.92 25.65 0.63
N PRO E 6 -16.34 25.25 1.76
CA PRO E 6 -15.07 25.85 2.19
C PRO E 6 -13.91 25.27 1.42
N GLN E 7 -12.77 25.93 1.56
CA GLN E 7 -11.53 25.43 1.00
C GLN E 7 -11.06 24.21 1.79
N PRO E 8 -10.33 23.28 1.16
CA PRO E 8 -9.93 22.06 1.87
C PRO E 8 -8.88 22.29 2.94
N VAL E 9 -9.29 22.92 4.04
CA VAL E 9 -8.45 23.08 5.21
C VAL E 9 -8.62 21.90 6.15
N LEU E 10 -9.83 21.32 6.19
CA LEU E 10 -10.11 20.15 7.03
C LEU E 10 -9.63 18.88 6.34
N ALA E 11 -8.32 18.78 6.18
CA ALA E 11 -7.68 17.65 5.55
C ALA E 11 -6.59 17.12 6.47
N PRO E 12 -6.29 15.83 6.43
CA PRO E 12 -5.21 15.29 7.26
C PRO E 12 -3.85 15.78 6.79
N LEU E 13 -2.87 15.64 7.67
CA LEU E 13 -1.51 16.05 7.34
C LEU E 13 -0.92 15.13 6.28
N THR E 14 -0.35 15.74 5.27
CA THR E 14 0.16 15.01 4.13
C THR E 14 1.68 14.89 4.21
N PRO E 15 2.27 13.85 3.63
CA PRO E 15 3.73 13.67 3.74
C PRO E 15 4.56 14.72 3.02
N ALA E 16 3.98 15.50 2.12
CA ALA E 16 4.72 16.56 1.46
C ALA E 16 3.83 17.79 1.34
N ALA E 17 4.46 18.96 1.37
CA ALA E 17 3.72 20.21 1.33
C ALA E 17 4.59 21.30 0.74
N VAL E 18 3.97 22.23 0.03
CA VAL E 18 4.66 23.38 -0.56
C VAL E 18 3.92 24.64 -0.13
N PHE E 19 4.63 25.54 0.52
CA PHE E 19 4.09 26.83 0.93
C PHE E 19 4.68 27.91 0.04
N LEU E 20 3.81 28.72 -0.57
CA LEU E 20 4.22 29.80 -1.44
C LEU E 20 3.65 31.11 -0.92
N VAL E 21 4.53 32.03 -0.56
CA VAL E 21 4.14 33.39 -0.22
C VAL E 21 4.62 34.28 -1.36
N ALA E 22 3.72 34.62 -2.28
CA ALA E 22 4.05 35.43 -3.44
C ALA E 22 3.42 36.81 -3.28
N THR E 23 4.22 37.84 -3.48
CA THR E 23 3.72 39.21 -3.46
C THR E 23 3.37 39.63 -4.89
N ILE E 24 2.28 40.37 -5.01
CA ILE E 24 1.77 40.79 -6.31
C ILE E 24 2.45 42.09 -6.72
N ASP E 25 2.92 42.14 -7.97
CA ASP E 25 3.59 43.32 -8.47
C ASP E 25 2.57 44.44 -8.71
N GLU E 26 3.08 45.66 -8.82
CA GLU E 26 2.23 46.83 -8.96
C GLU E 26 1.58 46.86 -10.33
N GLY E 27 0.26 47.06 -10.35
CA GLY E 27 -0.46 47.17 -11.60
C GLY E 27 -0.71 45.86 -12.29
N GLN E 28 -0.59 44.74 -11.58
CA GLN E 28 -0.84 43.42 -12.14
C GLN E 28 -2.06 42.78 -11.49
N GLU E 29 -3.10 43.58 -11.26
CA GLU E 29 -4.27 43.12 -10.53
C GLU E 29 -5.11 42.17 -11.36
N ALA E 30 -5.41 42.54 -12.62
CA ALA E 30 -6.27 41.72 -13.46
C ALA E 30 -5.61 40.42 -13.87
N THR E 31 -4.28 40.37 -13.87
CA THR E 31 -3.58 39.13 -14.18
C THR E 31 -3.79 38.08 -13.10
N VAL E 32 -3.77 38.49 -11.83
CA VAL E 32 -4.10 37.55 -10.76
C VAL E 32 -5.60 37.31 -10.73
N TYR E 33 -6.40 38.30 -11.15
CA TYR E 33 -7.84 38.11 -11.21
C TYR E 33 -8.24 37.10 -12.28
N ASP E 34 -7.42 36.92 -13.31
CA ASP E 34 -7.62 35.79 -14.23
C ASP E 34 -7.35 34.46 -13.55
N ALA E 35 -6.25 34.34 -12.83
CA ALA E 35 -5.81 33.04 -12.35
C ALA E 35 -6.58 32.59 -11.12
N LEU E 36 -7.19 33.51 -10.38
CA LEU E 36 -7.89 33.14 -9.15
C LEU E 36 -9.12 32.24 -9.33
N PRO E 37 -9.93 32.35 -10.40
CA PRO E 37 -10.91 31.28 -10.64
C PRO E 37 -10.32 30.02 -11.23
N ASP E 38 -9.10 30.08 -11.75
CA ASP E 38 -8.51 28.95 -12.44
C ASP E 38 -7.84 27.95 -11.51
N ILE E 39 -7.80 28.25 -10.21
CA ILE E 39 -6.98 27.48 -9.28
C ILE E 39 -7.61 26.14 -8.97
N SER E 40 -8.92 26.12 -8.68
CA SER E 40 -9.62 24.86 -8.46
C SER E 40 -9.66 24.01 -9.72
N GLY E 41 -9.74 24.65 -10.90
CA GLY E 41 -9.63 23.91 -12.14
C GLY E 41 -8.27 23.26 -12.31
N LEU E 42 -7.20 23.98 -11.96
CA LEU E 42 -5.87 23.39 -12.01
C LEU E 42 -5.69 22.27 -10.99
N VAL E 43 -6.32 22.40 -9.83
CA VAL E 43 -6.23 21.36 -8.80
C VAL E 43 -6.92 20.09 -9.27
N ARG E 44 -8.16 20.23 -9.75
CA ARG E 44 -8.87 19.07 -10.30
C ARG E 44 -8.22 18.53 -11.56
N ALA E 45 -7.47 19.36 -12.28
CA ALA E 45 -6.80 18.90 -13.49
C ALA E 45 -5.57 18.07 -13.14
N ILE E 46 -4.76 18.55 -12.20
CA ILE E 46 -3.50 17.87 -11.93
C ILE E 46 -3.69 16.72 -10.96
N GLY E 47 -4.38 16.95 -9.84
CA GLY E 47 -4.51 15.94 -8.81
C GLY E 47 -5.39 14.77 -9.18
N PHE E 48 -6.13 14.85 -10.28
CA PHE E 48 -6.89 13.69 -10.73
C PHE E 48 -5.97 12.62 -11.30
N ARG E 49 -4.82 13.01 -11.83
CA ARG E 49 -3.73 12.06 -12.01
C ARG E 49 -3.28 11.60 -10.64
N ASP E 50 -3.44 10.29 -10.35
CA ASP E 50 -3.39 9.72 -9.01
C ASP E 50 -4.31 10.44 -8.04
N PRO E 51 -5.62 10.19 -8.10
CA PRO E 51 -6.53 10.80 -7.13
C PRO E 51 -6.34 10.30 -5.71
N ALA E 52 -5.63 9.19 -5.52
CA ALA E 52 -5.16 8.79 -4.20
C ALA E 52 -3.77 9.36 -3.91
N LYS E 53 -3.63 10.65 -4.18
CA LYS E 53 -2.58 11.47 -3.62
C LYS E 53 -3.13 12.68 -2.88
N ARG E 54 -4.38 13.06 -3.14
CA ARG E 54 -5.13 14.08 -2.42
C ARG E 54 -4.45 15.45 -2.50
N LEU E 55 -4.23 15.86 -3.75
CA LEU E 55 -3.71 17.20 -4.00
C LEU E 55 -4.76 18.23 -3.67
N SER E 56 -4.43 19.15 -2.76
CA SER E 56 -5.38 20.11 -2.26
C SER E 56 -4.67 21.44 -2.04
N ALA E 57 -5.08 22.45 -2.78
CA ALA E 57 -4.54 23.79 -2.62
C ALA E 57 -5.40 24.58 -1.67
N ILE E 58 -4.78 25.45 -0.89
CA ILE E 58 -5.47 26.39 -0.04
C ILE E 58 -5.02 27.78 -0.45
N THR E 59 -5.84 28.46 -1.23
CA THR E 59 -5.58 29.84 -1.63
C THR E 59 -5.88 30.76 -0.46
N SER E 60 -4.96 31.66 -0.17
CA SER E 60 -5.14 32.63 0.89
C SER E 60 -4.75 34.00 0.38
N ILE E 61 -5.42 35.03 0.88
CA ILE E 61 -5.27 36.40 0.40
C ILE E 61 -5.07 37.30 1.61
N GLY E 62 -4.02 38.11 1.57
CA GLY E 62 -3.74 39.07 2.63
C GLY E 62 -4.59 40.32 2.52
N SER E 63 -4.20 41.32 3.29
CA SER E 63 -4.98 42.55 3.37
C SER E 63 -4.76 43.44 2.15
N ASP E 64 -3.50 43.63 1.75
CA ASP E 64 -3.17 44.45 0.58
C ASP E 64 -3.75 43.87 -0.69
N ALA E 65 -3.65 42.56 -0.87
CA ALA E 65 -4.26 41.93 -2.02
C ALA E 65 -5.78 41.97 -1.95
N TRP E 66 -6.37 42.10 -0.77
CA TRP E 66 -7.82 42.25 -0.69
C TRP E 66 -8.25 43.65 -1.12
N ASP E 67 -7.54 44.68 -0.65
CA ASP E 67 -7.90 46.03 -1.06
C ASP E 67 -7.55 46.30 -2.52
N ARG E 68 -6.57 45.57 -3.07
CA ARG E 68 -6.28 45.73 -4.49
C ARG E 68 -7.24 44.91 -5.34
N LEU E 69 -7.36 43.63 -5.06
CA LEU E 69 -8.04 42.69 -5.95
C LEU E 69 -9.56 42.74 -5.86
N PHE E 70 -10.12 42.89 -4.67
CA PHE E 70 -11.55 42.71 -4.47
C PHE E 70 -12.24 44.00 -4.07
N SER E 71 -13.44 44.19 -4.60
CA SER E 71 -14.33 45.28 -4.22
C SER E 71 -15.40 44.75 -3.28
N GLY E 72 -16.36 45.60 -2.95
CA GLY E 72 -17.44 45.21 -2.09
C GLY E 72 -17.03 45.17 -0.63
N PRO E 73 -17.34 44.08 0.04
CA PRO E 73 -17.08 43.98 1.48
C PRO E 73 -15.62 43.66 1.76
N ARG E 74 -15.33 43.49 3.05
CA ARG E 74 -14.01 43.14 3.54
C ARG E 74 -14.21 42.21 4.72
N PRO E 75 -13.34 41.22 4.92
CA PRO E 75 -13.40 40.42 6.14
C PRO E 75 -13.13 41.29 7.36
N ALA E 76 -13.82 40.98 8.45
CA ALA E 76 -13.94 41.93 9.56
C ALA E 76 -12.61 42.10 10.29
N GLU E 77 -11.88 41.01 10.50
CA GLU E 77 -10.62 41.09 11.24
C GLU E 77 -9.40 40.95 10.34
N LEU E 78 -9.58 41.04 9.02
CA LEU E 78 -8.44 40.96 8.12
C LEU E 78 -7.61 42.22 8.21
N HIS E 79 -6.37 42.07 8.63
CA HIS E 79 -5.44 43.19 8.79
C HIS E 79 -4.04 42.67 8.53
N PRO E 80 -3.08 43.57 8.28
CA PRO E 80 -1.67 43.12 8.20
C PRO E 80 -1.22 42.50 9.51
N PHE E 81 -0.31 41.53 9.40
CA PHE E 81 0.12 40.75 10.55
C PHE E 81 0.89 41.64 11.52
N ARG E 82 0.35 41.79 12.72
CA ARG E 82 0.92 42.67 13.74
C ARG E 82 2.26 42.10 14.19
N GLU E 83 3.33 42.82 13.89
CA GLU E 83 4.67 42.38 14.26
C GLU E 83 4.82 42.46 15.78
N ILE E 84 5.14 41.33 16.40
CA ILE E 84 5.17 41.22 17.85
C ILE E 84 6.60 41.42 18.30
N ASP E 85 6.91 42.64 18.76
CA ASP E 85 8.24 42.97 19.29
C ASP E 85 8.18 42.77 20.80
N GLY E 86 8.44 41.54 21.24
CA GLY E 86 8.37 41.19 22.63
C GLY E 86 9.56 41.67 23.43
N GLY E 87 9.77 41.03 24.57
CA GLY E 87 10.89 41.40 25.42
C GLY E 87 12.22 40.96 24.84
N ARG E 88 12.30 39.74 24.34
CA ARG E 88 13.52 39.22 23.75
C ARG E 88 13.32 38.70 22.34
N HIS E 89 12.22 38.02 22.07
CA HIS E 89 11.96 37.42 20.77
C HIS E 89 11.00 38.31 19.98
N HIS E 90 11.32 38.53 18.71
CA HIS E 90 10.53 39.37 17.83
C HIS E 90 9.91 38.51 16.74
N ALA E 91 8.64 38.78 16.42
CA ALA E 91 7.94 38.04 15.38
C ALA E 91 7.73 38.96 14.19
N PRO E 92 8.59 38.92 13.18
CA PRO E 92 8.52 39.88 12.09
C PRO E 92 7.39 39.57 11.12
N ALA E 93 7.16 40.49 10.19
CA ALA E 93 6.08 40.38 9.20
C ALA E 93 6.61 40.89 7.86
N THR E 94 7.06 39.96 7.02
CA THR E 94 7.47 40.33 5.68
C THR E 94 6.23 40.60 4.82
N PRO E 95 6.32 41.49 3.83
CA PRO E 95 5.20 41.67 2.91
C PRO E 95 4.97 40.43 2.05
N GLY E 96 3.74 39.96 2.09
CA GLY E 96 3.29 38.89 1.23
C GLY E 96 1.82 39.04 0.93
N ASP E 97 1.47 39.10 -0.36
CA ASP E 97 0.09 39.39 -0.72
C ASP E 97 -0.79 38.16 -0.61
N LEU E 98 -0.43 37.09 -1.30
CA LEU E 98 -1.22 35.88 -1.31
C LEU E 98 -0.38 34.69 -0.85
N LEU E 99 -1.06 33.71 -0.26
CA LEU E 99 -0.43 32.48 0.19
C LEU E 99 -1.02 31.31 -0.57
N PHE E 100 -0.15 30.51 -1.18
CA PHE E 100 -0.53 29.24 -1.80
C PHE E 100 -0.08 28.12 -0.87
N HIS E 101 -1.03 27.42 -0.26
CA HIS E 101 -0.74 26.28 0.59
C HIS E 101 -1.11 25.02 -0.16
N LEU E 102 -0.11 24.23 -0.52
CA LEU E 102 -0.31 23.02 -1.29
C LEU E 102 0.06 21.81 -0.46
N ARG E 103 -0.71 20.73 -0.60
CA ARG E 103 -0.51 19.54 0.22
C ARG E 103 -0.94 18.33 -0.56
N ALA E 104 -0.10 17.29 -0.60
CA ALA E 104 -0.47 16.01 -1.18
C ALA E 104 0.47 14.93 -0.66
N GLU E 105 0.21 13.70 -1.11
CA GLU E 105 0.93 12.51 -0.66
C GLU E 105 2.38 12.48 -1.13
N SER E 106 2.73 13.23 -2.16
CA SER E 106 4.08 13.22 -2.71
C SER E 106 4.48 14.64 -3.09
N MET E 107 5.78 14.81 -3.32
CA MET E 107 6.32 16.14 -3.59
C MET E 107 6.04 16.62 -5.00
N ASP E 108 5.95 15.68 -5.96
CA ASP E 108 5.96 16.03 -7.38
C ASP E 108 4.68 16.73 -7.81
N VAL E 109 3.54 16.27 -7.30
CA VAL E 109 2.27 16.84 -7.74
C VAL E 109 2.06 18.21 -7.11
N CYS E 110 2.60 18.44 -5.90
CA CYS E 110 2.63 19.78 -5.33
C CYS E 110 3.55 20.69 -6.13
N PHE E 111 4.70 20.17 -6.55
CA PHE E 111 5.63 20.93 -7.37
C PHE E 111 5.02 21.30 -8.72
N GLU E 112 4.27 20.38 -9.32
CA GLU E 112 3.67 20.66 -10.62
C GLU E 112 2.50 21.63 -10.50
N LEU E 113 1.70 21.51 -9.44
CA LEU E 113 0.66 22.50 -9.20
C LEU E 113 1.25 23.88 -8.95
N ALA E 114 2.35 23.97 -8.23
CA ALA E 114 2.99 25.26 -8.04
C ALA E 114 3.64 25.77 -9.32
N THR E 115 4.12 24.86 -10.17
CA THR E 115 4.69 25.25 -11.45
C THR E 115 3.62 25.86 -12.35
N LYS E 116 2.44 25.25 -12.38
CA LYS E 116 1.33 25.79 -13.14
C LYS E 116 0.67 26.98 -12.46
N LEU E 117 0.94 27.22 -11.17
CA LEU E 117 0.27 28.33 -10.50
C LEU E 117 0.89 29.67 -10.84
N VAL E 118 2.22 29.79 -10.79
CA VAL E 118 2.83 31.08 -11.06
C VAL E 118 2.87 31.37 -12.55
N GLU E 119 2.80 30.34 -13.39
CA GLU E 119 2.83 30.54 -14.82
C GLU E 119 1.44 30.55 -15.43
N ALA E 120 0.41 30.58 -14.58
CA ALA E 120 -0.90 31.05 -14.97
C ALA E 120 -1.05 32.55 -14.78
N MET E 121 -0.14 33.15 -14.02
CA MET E 121 -0.09 34.58 -13.77
C MET E 121 1.34 35.09 -13.95
N SER E 122 1.96 34.69 -15.05
CA SER E 122 3.38 34.91 -15.32
C SER E 122 3.74 36.38 -15.43
N GLY E 123 4.68 36.82 -14.60
CA GLY E 123 5.10 38.20 -14.56
C GLY E 123 4.31 39.06 -13.60
N ALA E 124 3.21 38.56 -13.07
CA ALA E 124 2.39 39.34 -12.15
C ALA E 124 2.88 39.25 -10.72
N ILE E 125 3.63 38.21 -10.36
CA ILE E 125 4.03 37.99 -8.98
C ILE E 125 5.53 37.70 -8.91
N THR E 126 6.09 37.99 -7.74
CA THR E 126 7.39 37.49 -7.34
C THR E 126 7.21 36.63 -6.09
N ILE E 127 7.76 35.42 -6.12
CA ILE E 127 7.61 34.48 -5.02
C ILE E 127 8.60 34.88 -3.94
N VAL E 128 8.08 35.38 -2.82
CA VAL E 128 8.96 35.84 -1.76
C VAL E 128 9.49 34.67 -0.95
N ASP E 129 8.65 33.69 -0.65
CA ASP E 129 9.05 32.63 0.25
C ASP E 129 8.73 31.30 -0.42
N GLU E 130 9.74 30.43 -0.48
CA GLU E 130 9.72 29.15 -1.19
C GLU E 130 10.23 28.08 -0.24
N THR E 131 9.32 27.30 0.33
CA THR E 131 9.68 26.19 1.19
C THR E 131 9.02 24.93 0.67
N HIS E 132 9.76 23.83 0.72
CA HIS E 132 9.24 22.51 0.37
C HIS E 132 9.16 21.71 1.66
N GLY E 133 8.01 21.79 2.32
CA GLY E 133 7.84 21.12 3.59
C GLY E 133 7.62 19.63 3.44
N PHE E 134 8.58 18.85 3.91
CA PHE E 134 8.44 17.41 3.97
C PHE E 134 7.95 17.04 5.38
N ARG E 135 7.89 15.75 5.67
CA ARG E 135 7.26 15.26 6.88
C ARG E 135 8.11 14.15 7.48
N PHE E 136 8.32 14.20 8.79
CA PHE E 136 9.21 13.27 9.49
C PHE E 136 8.53 11.92 9.71
N PHE E 137 9.12 11.10 10.57
CA PHE E 137 8.75 9.69 10.66
C PHE E 137 7.32 9.46 11.10
N ASP E 138 7.01 9.69 12.38
CA ASP E 138 5.63 9.69 12.84
C ASP E 138 5.14 11.10 13.11
N ASN E 139 5.03 11.87 12.03
CA ASN E 139 4.56 13.26 12.02
C ASN E 139 5.40 14.17 12.91
N ARG E 140 6.67 13.85 13.10
CA ARG E 140 7.48 14.67 13.97
C ARG E 140 7.94 15.93 13.27
N ASP E 141 8.58 16.79 14.03
CA ASP E 141 9.26 17.94 13.49
C ASP E 141 10.76 17.76 13.73
N LEU E 142 11.53 18.80 13.44
CA LEU E 142 12.97 18.70 13.62
C LEU E 142 13.38 18.75 15.08
N MET E 143 12.50 19.24 15.97
CA MET E 143 12.79 19.19 17.39
C MET E 143 12.77 17.76 17.92
N GLY E 144 12.07 16.86 17.22
CA GLY E 144 11.97 15.48 17.61
C GLY E 144 10.64 15.11 18.23
N PHE E 145 9.80 16.09 18.50
CA PHE E 145 8.50 15.83 19.10
C PHE E 145 7.47 15.64 18.01
N VAL E 146 6.45 14.85 18.31
CA VAL E 146 5.37 14.64 17.35
C VAL E 146 4.55 15.93 17.27
N ASP E 147 4.32 16.41 16.05
CA ASP E 147 3.83 17.75 15.83
C ASP E 147 2.38 17.75 15.34
N GLY E 148 1.54 18.48 16.05
CA GLY E 148 0.17 18.68 15.59
C GLY E 148 -0.82 17.63 16.04
N THR E 149 -0.61 17.04 17.20
CA THR E 149 -1.47 15.95 17.64
C THR E 149 -2.73 16.42 18.34
N GLU E 150 -2.91 17.73 18.50
CA GLU E 150 -4.08 18.24 19.21
C GLU E 150 -4.99 19.05 18.29
N ASN E 151 -4.94 18.79 16.99
CA ASN E 151 -5.91 19.36 16.10
C ASN E 151 -7.26 18.69 16.32
N PRO E 152 -8.35 19.46 16.40
CA PRO E 152 -9.66 18.85 16.60
C PRO E 152 -10.21 18.22 15.33
N ASP E 153 -11.34 17.55 15.48
CA ASP E 153 -11.99 16.85 14.38
C ASP E 153 -13.51 17.01 14.47
N GLY E 154 -14.14 17.06 13.31
CA GLY E 154 -15.60 17.09 13.29
C GLY E 154 -16.13 18.46 13.66
N ASN E 155 -17.09 18.46 14.59
CA ASN E 155 -17.80 19.68 14.96
C ASN E 155 -16.87 20.68 15.65
N LEU E 156 -16.03 20.19 16.57
CA LEU E 156 -15.04 21.01 17.26
C LEU E 156 -13.93 21.51 16.35
N ALA E 157 -13.89 21.06 15.10
CA ALA E 157 -12.98 21.61 14.11
C ALA E 157 -13.66 22.58 13.14
N VAL E 158 -14.89 22.29 12.72
CA VAL E 158 -15.54 23.17 11.76
C VAL E 158 -15.98 24.47 12.45
N VAL E 159 -16.40 24.40 13.71
CA VAL E 159 -16.62 25.65 14.44
C VAL E 159 -15.32 26.27 14.93
N ALA E 160 -14.21 25.54 14.89
CA ALA E 160 -12.93 26.15 15.19
C ALA E 160 -12.35 26.92 14.01
N THR E 161 -12.68 26.51 12.78
CA THR E 161 -12.09 27.14 11.60
C THR E 161 -13.09 27.91 10.75
N GLN E 162 -14.23 27.31 10.43
CA GLN E 162 -15.12 27.91 9.45
C GLN E 162 -15.98 29.00 10.08
N ILE E 163 -16.04 30.14 9.41
CA ILE E 163 -16.85 31.27 9.87
C ILE E 163 -18.31 30.98 9.58
N GLY E 164 -19.16 31.12 10.59
CA GLY E 164 -20.60 31.01 10.40
C GLY E 164 -21.20 32.29 9.87
N ASP E 165 -22.30 32.74 10.45
CA ASP E 165 -22.91 34.01 10.05
C ASP E 165 -22.63 35.12 11.05
N GLU E 166 -21.54 35.02 11.81
CA GLU E 166 -21.02 36.18 12.52
C GLU E 166 -20.39 37.16 11.55
N ASP E 167 -19.95 36.68 10.39
CA ASP E 167 -19.70 37.51 9.22
C ASP E 167 -20.36 36.82 8.04
N PRO E 168 -21.62 37.15 7.74
CA PRO E 168 -22.38 36.35 6.76
C PRO E 168 -21.94 36.56 5.32
N ASP E 169 -21.18 37.62 5.02
CA ASP E 169 -20.70 37.80 3.66
C ASP E 169 -19.53 36.87 3.36
N PHE E 170 -18.93 36.29 4.40
CA PHE E 170 -17.84 35.33 4.23
C PHE E 170 -18.10 34.09 5.07
N ALA E 171 -19.30 33.55 4.98
CA ALA E 171 -19.64 32.32 5.67
C ALA E 171 -18.81 31.17 5.11
N GLY E 172 -17.99 30.56 5.96
CA GLY E 172 -17.01 29.62 5.49
C GLY E 172 -15.73 30.36 5.12
N GLY E 173 -14.61 29.96 5.68
CA GLY E 173 -13.38 30.68 5.46
C GLY E 173 -12.63 30.92 6.74
N CYS E 174 -11.30 30.99 6.66
CA CYS E 174 -10.46 30.97 7.84
C CYS E 174 -9.51 32.16 7.81
N TYR E 175 -8.64 32.23 8.80
CA TYR E 175 -7.54 33.17 8.79
C TYR E 175 -6.25 32.42 9.09
N VAL E 176 -5.20 32.81 8.38
CA VAL E 176 -3.96 32.05 8.34
C VAL E 176 -2.85 32.87 8.97
N HIS E 177 -2.03 32.23 9.80
CA HIS E 177 -0.83 32.84 10.35
C HIS E 177 0.34 31.95 9.96
N VAL E 178 1.08 32.34 8.95
CA VAL E 178 2.32 31.64 8.62
C VAL E 178 3.46 32.24 9.43
N GLN E 179 4.38 31.39 9.86
CA GLN E 179 5.57 31.83 10.58
C GLN E 179 6.67 30.82 10.29
N LYS E 180 7.60 31.20 9.42
CA LYS E 180 8.70 30.32 9.04
C LYS E 180 9.77 30.41 10.12
N TYR E 181 9.88 29.38 10.95
CA TYR E 181 10.90 29.37 11.97
C TYR E 181 12.19 28.75 11.43
N LEU E 182 13.30 29.08 12.09
CA LEU E 182 14.61 28.57 11.69
C LEU E 182 15.42 28.17 12.90
N HIS E 183 14.82 27.34 13.77
CA HIS E 183 15.42 27.02 15.06
C HIS E 183 16.73 26.26 14.93
N ASP E 184 17.69 26.63 15.78
CA ASP E 184 18.99 25.99 15.76
C ASP E 184 18.92 24.62 16.41
N MET E 185 19.77 23.72 15.94
CA MET E 185 19.86 22.39 16.51
C MET E 185 21.10 22.18 17.36
N ALA E 186 22.02 23.14 17.37
CA ALA E 186 23.26 22.96 18.14
C ALA E 186 23.00 23.02 19.64
N SER E 187 22.18 23.96 20.08
CA SER E 187 21.80 24.04 21.48
C SER E 187 20.70 23.07 21.83
N TRP E 188 19.81 22.76 20.88
CA TRP E 188 18.71 21.84 21.15
C TRP E 188 19.19 20.41 21.31
N ASN E 189 20.18 20.00 20.51
CA ASN E 189 20.68 18.63 20.60
C ASN E 189 21.51 18.41 21.86
N SER E 190 22.27 19.41 22.28
CA SER E 190 23.04 19.31 23.52
C SER E 190 22.16 19.38 24.75
N LEU E 191 20.98 19.98 24.62
CA LEU E 191 19.98 19.94 25.67
C LEU E 191 19.49 18.52 25.88
N SER E 192 19.23 18.19 27.13
CA SER E 192 18.80 16.85 27.49
C SER E 192 17.30 16.70 27.27
N VAL E 193 16.85 15.46 27.20
CA VAL E 193 15.45 15.16 26.88
C VAL E 193 14.40 15.70 27.84
N GLU E 194 14.64 15.56 29.13
CA GLU E 194 13.66 16.00 30.13
C GLU E 194 13.57 17.52 30.20
N GLU E 195 14.64 18.18 29.78
CA GLU E 195 14.65 19.63 29.70
C GLU E 195 13.76 20.00 28.51
N GLN E 196 13.86 19.21 27.43
CA GLN E 196 13.04 19.45 26.24
C GLN E 196 11.58 19.14 26.50
N GLU E 197 11.30 18.24 27.44
CA GLU E 197 9.91 17.99 27.80
C GLU E 197 9.37 19.09 28.71
N ARG E 198 10.26 19.78 29.43
CA ARG E 198 9.85 21.02 30.08
C ARG E 198 9.58 22.12 29.05
N VAL E 199 10.33 22.11 27.94
CA VAL E 199 10.08 23.06 26.85
C VAL E 199 8.72 22.81 26.22
N ILE E 200 8.47 21.58 25.78
CA ILE E 200 7.26 21.29 25.01
C ILE E 200 6.05 21.24 25.93
N GLY E 201 6.12 20.41 26.97
CA GLY E 201 4.99 20.14 27.84
C GLY E 201 4.42 18.75 27.67
N ARG E 202 4.86 18.02 26.65
CA ARG E 202 4.49 16.62 26.45
C ARG E 202 5.78 15.81 26.35
N THR E 203 5.64 14.49 26.33
CA THR E 203 6.83 13.65 26.21
C THR E 203 7.34 13.64 24.77
N LYS E 204 8.50 13.03 24.56
CA LYS E 204 9.11 13.06 23.26
C LYS E 204 8.88 11.78 22.46
N LEU E 205 9.04 10.62 23.06
CA LEU E 205 8.94 9.38 22.31
C LEU E 205 7.49 9.02 22.03
N ASP E 206 6.66 9.03 23.08
CA ASP E 206 5.27 8.58 22.97
C ASP E 206 4.26 9.71 22.96
N ASP E 207 4.68 10.96 23.21
CA ASP E 207 3.88 12.17 23.13
C ASP E 207 2.68 12.14 24.09
N ILE E 208 2.88 11.54 25.25
CA ILE E 208 1.90 11.67 26.33
C ILE E 208 2.01 13.07 26.88
N GLU E 209 0.86 13.72 27.09
CA GLU E 209 0.86 15.01 27.76
C GLU E 209 1.26 14.83 29.22
N LEU E 210 2.06 15.77 29.73
CA LEU E 210 2.56 15.66 31.09
C LEU E 210 1.45 15.94 32.09
N ASP E 211 1.74 15.66 33.36
CA ASP E 211 0.81 15.96 34.42
C ASP E 211 0.67 17.47 34.59
N ASP E 212 -0.50 17.90 35.04
CA ASP E 212 -0.80 19.33 35.12
C ASP E 212 0.06 20.03 36.16
N ASP E 213 0.44 19.34 37.24
CA ASP E 213 1.36 19.94 38.17
C ASP E 213 2.81 19.81 37.72
N VAL E 214 3.14 18.73 36.99
CA VAL E 214 4.50 18.52 36.53
C VAL E 214 4.83 19.46 35.36
N LYS E 215 3.84 19.79 34.53
CA LYS E 215 4.06 20.65 33.37
C LYS E 215 4.31 22.09 33.82
N PRO E 216 5.43 22.70 33.43
CA PRO E 216 5.72 24.07 33.85
C PRO E 216 4.81 25.07 33.15
N ALA E 217 4.77 26.28 33.71
CA ALA E 217 3.86 27.30 33.21
C ALA E 217 4.33 27.91 31.91
N ASN E 218 5.62 27.89 31.64
CA ASN E 218 6.16 28.49 30.43
C ASN E 218 6.37 27.48 29.32
N SER E 219 5.77 26.30 29.43
CA SER E 219 5.85 25.30 28.38
C SER E 219 4.97 25.72 27.20
N HIS E 220 5.24 25.09 26.05
CA HIS E 220 4.51 25.41 24.82
C HIS E 220 3.06 24.98 24.91
N VAL E 221 2.83 23.72 25.28
CA VAL E 221 1.47 23.21 25.45
C VAL E 221 0.77 23.85 26.65
N ALA E 222 1.53 24.45 27.58
CA ALA E 222 0.92 25.18 28.69
C ALA E 222 0.46 26.57 28.27
N LEU E 223 1.22 27.24 27.43
CA LEU E 223 0.89 28.60 27.04
C LEU E 223 -0.08 28.68 25.88
N ASN E 224 -0.10 27.67 25.02
CA ASN E 224 -0.88 27.79 23.79
C ASN E 224 -2.34 27.39 23.96
N VAL E 225 -2.69 26.62 25.00
CA VAL E 225 -4.10 26.34 25.23
C VAL E 225 -4.75 27.60 25.82
N ILE E 226 -5.88 27.99 25.26
CA ILE E 226 -6.54 29.24 25.62
C ILE E 226 -7.91 28.90 26.21
N GLU E 227 -8.13 29.34 27.44
CA GLU E 227 -9.43 29.21 28.07
C GLU E 227 -10.22 30.50 27.88
N ASP E 228 -11.52 30.37 27.64
CA ASP E 228 -12.40 31.52 27.60
C ASP E 228 -13.01 31.74 28.98
N GLU E 229 -13.88 32.73 29.09
CA GLU E 229 -14.50 33.00 30.37
C GLU E 229 -15.74 32.15 30.60
N ASP E 230 -16.39 31.67 29.53
CA ASP E 230 -17.47 30.71 29.69
C ASP E 230 -16.98 29.32 30.04
N GLY E 231 -15.72 29.00 29.78
CA GLY E 231 -15.17 27.70 30.08
C GLY E 231 -14.78 26.87 28.87
N ASN E 232 -15.27 27.22 27.68
CA ASN E 232 -14.83 26.52 26.50
C ASN E 232 -13.42 26.95 26.13
N GLU E 233 -12.72 26.07 25.43
CA GLU E 233 -11.39 26.37 24.95
C GLU E 233 -11.44 26.60 23.44
N LEU E 234 -10.65 27.55 22.98
CA LEU E 234 -10.59 27.87 21.56
C LEU E 234 -9.40 27.17 20.95
N LYS E 235 -9.65 26.37 19.92
CA LYS E 235 -8.62 25.60 19.25
C LYS E 235 -8.46 26.08 17.82
N ILE E 236 -7.25 25.95 17.31
CA ILE E 236 -6.96 26.21 15.90
C ILE E 236 -6.46 24.91 15.28
N ILE E 237 -6.43 24.89 13.96
CA ILE E 237 -5.88 23.76 13.21
C ILE E 237 -4.62 24.23 12.51
N ARG E 238 -3.51 23.55 12.77
CA ARG E 238 -2.21 23.92 12.22
C ARG E 238 -1.63 22.75 11.45
N HIS E 239 -1.20 23.01 10.21
CA HIS E 239 -0.49 22.03 9.41
C HIS E 239 1.01 22.32 9.39
N ASN E 240 1.65 22.25 10.56
CA ASN E 240 3.06 22.58 10.65
C ASN E 240 3.91 21.50 10.00
N MET E 241 4.63 21.87 8.95
CA MET E 241 5.46 20.94 8.21
C MET E 241 6.91 21.37 8.34
N PRO E 242 7.82 20.47 8.70
CA PRO E 242 9.23 20.84 8.75
C PRO E 242 9.82 20.96 7.35
N PHE E 243 10.78 21.87 7.23
CA PHE E 243 11.57 22.06 6.03
C PHE E 243 13.03 22.14 6.44
N GLY E 244 13.91 22.40 5.51
CA GLY E 244 15.28 22.67 5.91
C GLY E 244 16.25 22.47 4.79
N GLU E 245 17.41 23.13 4.93
CA GLU E 245 18.51 23.00 3.99
C GLU E 245 19.78 22.81 4.79
N ILE E 246 20.40 21.65 4.63
CA ILE E 246 21.62 21.34 5.40
C ILE E 246 22.81 22.07 4.82
N GLY E 247 22.74 22.48 3.54
CA GLY E 247 23.82 23.24 2.94
C GLY E 247 24.01 24.60 3.56
N LYS E 248 22.95 25.18 4.12
CA LYS E 248 23.06 26.33 5.00
C LYS E 248 22.96 25.95 6.46
N GLY E 249 22.76 24.67 6.77
CA GLY E 249 22.54 24.27 8.14
C GLY E 249 21.20 24.67 8.70
N GLU E 250 20.21 24.89 7.85
CA GLU E 250 18.89 25.33 8.27
C GLU E 250 18.04 24.14 8.66
N PHE E 251 17.37 24.24 9.79
CA PHE E 251 16.43 23.22 10.26
C PHE E 251 15.23 23.96 10.83
N GLY E 252 14.18 24.13 10.04
CA GLY E 252 13.06 24.94 10.43
C GLY E 252 11.73 24.20 10.29
N THR E 253 10.75 24.70 11.03
CA THR E 253 9.39 24.16 10.99
C THR E 253 8.47 25.26 10.53
N TYR E 254 7.90 25.11 9.34
CA TYR E 254 7.01 26.11 8.78
C TYR E 254 5.67 26.05 9.50
N TYR E 255 5.50 26.90 10.50
CA TYR E 255 4.22 26.96 11.22
C TYR E 255 3.19 27.64 10.33
N ILE E 256 1.99 27.08 10.28
CA ILE E 256 0.88 27.69 9.58
C ILE E 256 -0.42 27.35 10.31
N GLY E 257 -1.12 28.36 10.81
CA GLY E 257 -2.27 28.12 11.63
C GLY E 257 -3.57 28.67 11.09
N TYR E 258 -4.56 27.82 10.93
CA TYR E 258 -5.86 28.21 10.42
C TYR E 258 -6.82 28.39 11.59
N SER E 259 -7.60 29.46 11.56
CA SER E 259 -8.47 29.79 12.67
C SER E 259 -9.68 30.55 12.18
N ARG E 260 -10.73 30.52 13.01
CA ARG E 260 -11.97 31.23 12.69
C ARG E 260 -11.77 32.74 12.77
N THR E 261 -10.97 33.19 13.73
CA THR E 261 -10.68 34.60 13.91
C THR E 261 -9.21 34.76 14.31
N PRO E 262 -8.53 35.79 13.80
CA PRO E 262 -7.12 35.97 14.13
C PRO E 262 -6.86 36.46 15.55
N SER E 263 -7.91 36.80 16.30
CA SER E 263 -7.74 37.12 17.71
C SER E 263 -7.26 35.92 18.50
N VAL E 264 -7.69 34.72 18.13
CA VAL E 264 -7.29 33.52 18.85
C VAL E 264 -5.81 33.20 18.60
N THR E 265 -5.41 33.19 17.33
CA THR E 265 -4.02 32.98 16.97
C THR E 265 -3.12 34.08 17.50
N GLU E 266 -3.62 35.32 17.51
CA GLU E 266 -2.81 36.42 18.02
C GLU E 266 -2.70 36.36 19.54
N ARG E 267 -3.71 35.84 20.22
CA ARG E 267 -3.57 35.65 21.66
C ARG E 267 -2.64 34.49 21.97
N MET E 268 -2.59 33.48 21.10
CA MET E 268 -1.59 32.43 21.25
C MET E 268 -0.18 32.97 21.04
N LEU E 269 -0.01 33.84 20.04
CA LEU E 269 1.28 34.47 19.80
C LEU E 269 1.64 35.45 20.91
N ASP E 270 0.64 36.05 21.55
CA ASP E 270 0.90 36.90 22.70
C ASP E 270 1.26 36.06 23.93
N ASN E 271 0.72 34.86 24.03
CA ASN E 271 1.12 33.94 25.09
C ASN E 271 2.50 33.37 24.83
N MET E 272 2.97 33.39 23.59
CA MET E 272 4.32 32.92 23.28
C MET E 272 5.37 34.01 23.38
N PHE E 273 5.25 35.07 22.58
CA PHE E 273 6.28 36.09 22.50
C PHE E 273 6.19 37.08 23.66
N ILE E 274 5.05 37.77 23.77
CA ILE E 274 4.79 38.62 24.93
C ILE E 274 4.69 37.78 26.19
N GLY E 275 4.12 36.59 26.06
CA GLY E 275 4.04 35.67 27.17
C GLY E 275 2.92 36.01 28.12
N ASP E 276 2.77 35.16 29.12
CA ASP E 276 1.89 35.45 30.23
C ASP E 276 2.51 36.59 31.05
N PRO E 277 1.70 37.33 31.80
CA PRO E 277 2.26 38.26 32.77
C PRO E 277 3.06 37.53 33.86
N PRO E 278 2.69 36.27 34.31
CA PRO E 278 3.70 35.49 35.03
C PRO E 278 4.87 35.03 34.16
N GLY E 279 4.58 34.28 33.09
CA GLY E 279 5.63 33.75 32.23
C GLY E 279 5.73 34.49 30.92
N ASN E 280 6.70 35.39 30.79
CA ASN E 280 6.71 36.33 29.69
C ASN E 280 7.40 35.77 28.45
N THR E 281 7.92 34.55 28.54
CA THR E 281 8.61 33.94 27.42
C THR E 281 8.13 32.51 27.29
N ASP E 282 7.93 32.06 26.04
CA ASP E 282 7.68 30.66 25.77
C ASP E 282 9.01 29.94 25.57
N ARG E 283 9.09 28.73 26.11
CA ARG E 283 10.35 28.03 26.20
C ARG E 283 10.85 27.55 24.84
N ILE E 284 9.96 27.39 23.87
CA ILE E 284 10.40 26.99 22.53
C ILE E 284 10.97 28.19 21.78
N LEU E 285 10.65 29.41 22.21
CA LEU E 285 11.18 30.59 21.55
C LEU E 285 12.62 30.89 21.98
N ASP E 286 13.10 30.23 23.03
CA ASP E 286 14.53 30.23 23.32
C ASP E 286 15.34 29.59 22.20
N PHE E 287 14.73 28.69 21.44
CA PHE E 287 15.42 28.00 20.37
C PHE E 287 14.90 28.38 19.00
N SER E 288 13.62 28.75 18.88
CA SER E 288 13.01 29.06 17.60
C SER E 288 12.93 30.56 17.42
N THR E 289 13.52 31.06 16.34
CA THR E 289 13.43 32.45 15.95
C THR E 289 12.62 32.54 14.66
N ALA E 290 11.54 33.31 14.70
CA ALA E 290 10.72 33.48 13.50
C ALA E 290 11.45 34.32 12.48
N ILE E 291 11.34 33.92 11.22
CA ILE E 291 11.98 34.62 10.10
C ILE E 291 10.96 35.41 9.30
N THR E 292 9.85 34.79 8.95
CA THR E 292 8.80 35.43 8.18
C THR E 292 7.53 35.51 9.03
N GLY E 293 6.49 36.10 8.46
CA GLY E 293 5.21 36.22 9.13
C GLY E 293 4.19 36.85 8.22
N GLY E 294 2.93 36.47 8.38
CA GLY E 294 1.88 37.03 7.55
C GLY E 294 0.52 36.59 8.02
N LEU E 295 -0.46 37.46 7.85
CA LEU E 295 -1.85 37.15 8.14
C LEU E 295 -2.62 37.18 6.83
N PHE E 296 -3.38 36.12 6.58
CA PHE E 296 -4.08 35.93 5.32
C PHE E 296 -5.53 35.54 5.61
N PHE E 297 -6.28 35.34 4.53
CA PHE E 297 -7.69 34.97 4.63
C PHE E 297 -7.98 33.88 3.60
N THR E 298 -8.51 32.76 4.06
CA THR E 298 -9.03 31.80 3.10
C THR E 298 -10.45 32.20 2.73
N PRO E 299 -10.76 32.33 1.46
CA PRO E 299 -12.16 32.45 1.07
C PRO E 299 -12.77 31.08 0.84
N THR E 300 -14.02 31.03 0.43
CA THR E 300 -14.58 29.77 -0.04
C THR E 300 -14.08 29.48 -1.46
N VAL E 301 -14.25 28.23 -1.89
CA VAL E 301 -13.95 27.93 -3.29
C VAL E 301 -15.03 28.52 -4.19
N ASP E 302 -16.23 28.73 -3.65
CA ASP E 302 -17.25 29.48 -4.38
C ASP E 302 -16.84 30.93 -4.56
N PHE E 303 -16.10 31.49 -3.58
CA PHE E 303 -15.61 32.85 -3.70
C PHE E 303 -14.56 32.98 -4.78
N LEU E 304 -13.75 31.95 -4.99
CA LEU E 304 -12.86 31.96 -6.14
C LEU E 304 -13.61 31.68 -7.43
N ASP E 305 -14.68 30.88 -7.34
CA ASP E 305 -15.51 30.63 -8.51
C ASP E 305 -16.29 31.88 -8.92
N ASP E 306 -16.81 32.60 -7.93
CA ASP E 306 -17.54 33.85 -8.15
C ASP E 306 -16.83 34.96 -7.38
N PRO E 307 -15.76 35.52 -7.94
CA PRO E 307 -15.11 36.65 -7.30
C PRO E 307 -15.95 37.89 -7.44
N PRO E 308 -15.89 38.81 -6.49
CA PRO E 308 -16.50 40.11 -6.67
C PRO E 308 -15.74 40.89 -7.74
N PRO E 309 -16.39 41.84 -8.40
CA PRO E 309 -15.76 42.52 -9.55
C PRO E 309 -14.56 43.35 -9.12
N LEU E 310 -13.60 43.45 -10.03
CA LEU E 310 -12.34 44.11 -9.75
C LEU E 310 -12.53 45.62 -9.62
N PRO E 311 -12.19 46.23 -8.49
CA PRO E 311 -12.34 47.68 -8.31
C PRO E 311 -11.39 48.49 -9.17
N ALA F 3 33.24 -11.90 -2.53
CA ALA F 3 33.66 -11.40 -1.22
C ALA F 3 33.78 -9.87 -1.09
N PRO F 4 34.23 -9.11 -2.11
CA PRO F 4 34.05 -7.65 -2.02
C PRO F 4 32.59 -7.27 -2.22
N GLN F 5 31.97 -6.76 -1.15
CA GLN F 5 30.59 -6.29 -1.23
C GLN F 5 30.59 -4.88 -1.78
N PRO F 6 29.94 -4.61 -2.90
CA PRO F 6 29.92 -3.25 -3.44
C PRO F 6 28.95 -2.37 -2.69
N GLN F 7 29.07 -1.07 -2.93
CA GLN F 7 28.12 -0.11 -2.40
C GLN F 7 26.78 -0.25 -3.12
N PRO F 8 25.66 0.08 -2.46
CA PRO F 8 24.35 -0.12 -3.10
C PRO F 8 24.07 0.85 -4.23
N VAL F 9 24.75 0.64 -5.36
CA VAL F 9 24.49 1.38 -6.57
C VAL F 9 23.45 0.65 -7.42
N LEU F 10 23.43 -0.68 -7.36
CA LEU F 10 22.45 -1.50 -8.07
C LEU F 10 21.13 -1.52 -7.32
N ALA F 11 20.49 -0.36 -7.22
CA ALA F 11 19.23 -0.19 -6.54
C ALA F 11 18.26 0.50 -7.47
N PRO F 12 16.95 0.23 -7.35
CA PRO F 12 15.98 0.92 -8.19
C PRO F 12 15.88 2.40 -7.83
N LEU F 13 15.30 3.16 -8.75
CA LEU F 13 15.12 4.59 -8.52
C LEU F 13 14.10 4.83 -7.43
N THR F 14 14.45 5.68 -6.50
CA THR F 14 13.63 5.93 -5.34
C THR F 14 12.88 7.26 -5.49
N PRO F 15 11.72 7.41 -4.86
CA PRO F 15 10.94 8.65 -5.03
C PRO F 15 11.58 9.89 -4.44
N ALA F 16 12.57 9.76 -3.58
CA ALA F 16 13.26 10.92 -3.03
C ALA F 16 14.75 10.63 -2.98
N ALA F 17 15.55 11.69 -3.13
CA ALA F 17 17.00 11.54 -3.13
C ALA F 17 17.64 12.83 -2.68
N VAL F 18 18.78 12.70 -2.02
CA VAL F 18 19.57 13.85 -1.55
C VAL F 18 20.99 13.66 -2.03
N PHE F 19 21.49 14.63 -2.79
CA PHE F 19 22.87 14.63 -3.26
C PHE F 19 23.65 15.69 -2.49
N LEU F 20 24.77 15.28 -1.90
CA LEU F 20 25.62 16.18 -1.14
C LEU F 20 27.01 16.16 -1.73
N VAL F 21 27.47 17.31 -2.21
CA VAL F 21 28.86 17.49 -2.63
C VAL F 21 29.51 18.38 -1.58
N ALA F 22 30.23 17.79 -0.66
CA ALA F 22 30.89 18.52 0.41
C ALA F 22 32.39 18.50 0.20
N THR F 23 33.02 19.66 0.27
CA THR F 23 34.46 19.78 0.17
C THR F 23 35.05 19.76 1.58
N ILE F 24 36.19 19.08 1.71
CA ILE F 24 36.84 18.89 2.99
C ILE F 24 37.75 20.08 3.26
N ASP F 25 37.67 20.63 4.47
CA ASP F 25 38.48 21.76 4.86
C ASP F 25 39.93 21.33 5.06
N GLU F 26 40.83 22.30 5.05
CA GLU F 26 42.26 22.02 5.14
C GLU F 26 42.63 21.55 6.54
N GLY F 27 43.36 20.45 6.61
CA GLY F 27 43.82 19.93 7.89
C GLY F 27 42.77 19.21 8.68
N GLN F 28 41.68 18.80 8.06
CA GLN F 28 40.60 18.08 8.72
C GLN F 28 40.49 16.66 8.19
N GLU F 29 41.65 16.03 7.95
CA GLU F 29 41.70 14.72 7.33
C GLU F 29 41.21 13.63 8.28
N ALA F 30 41.73 13.62 9.51
CA ALA F 30 41.40 12.55 10.46
C ALA F 30 39.95 12.65 10.94
N THR F 31 39.36 13.84 10.87
CA THR F 31 37.95 13.99 11.25
C THR F 31 37.04 13.27 10.25
N VAL F 32 37.33 13.36 8.96
CA VAL F 32 36.58 12.59 7.99
C VAL F 32 36.98 11.12 8.04
N TYR F 33 38.23 10.84 8.43
CA TYR F 33 38.66 9.46 8.59
C TYR F 33 37.97 8.77 9.75
N ASP F 34 37.51 9.51 10.74
CA ASP F 34 36.61 8.94 11.75
C ASP F 34 35.26 8.57 11.16
N ALA F 35 34.66 9.48 10.40
CA ALA F 35 33.27 9.29 10.01
C ALA F 35 33.12 8.31 8.86
N LEU F 36 34.17 8.08 8.07
CA LEU F 36 34.09 7.20 6.92
C LEU F 36 33.80 5.72 7.24
N PRO F 37 34.28 5.13 8.34
CA PRO F 37 33.73 3.80 8.70
C PRO F 37 32.36 3.87 9.35
N ASP F 38 31.93 5.04 9.80
CA ASP F 38 30.69 5.15 10.55
C ASP F 38 29.47 5.28 9.66
N ILE F 39 29.66 5.34 8.34
CA ILE F 39 28.58 5.69 7.43
C ILE F 39 27.60 4.53 7.27
N SER F 40 28.11 3.32 7.04
CA SER F 40 27.25 2.15 6.96
C SER F 40 26.56 1.85 8.28
N GLY F 41 27.24 2.14 9.40
CA GLY F 41 26.59 2.04 10.69
C GLY F 41 25.43 3.02 10.84
N LEU F 42 25.61 4.25 10.39
CA LEU F 42 24.52 5.22 10.42
C LEU F 42 23.39 4.85 9.47
N VAL F 43 23.71 4.23 8.33
CA VAL F 43 22.68 3.80 7.39
C VAL F 43 21.85 2.68 7.99
N ARG F 44 22.50 1.66 8.53
CA ARG F 44 21.79 0.57 9.20
C ARG F 44 21.08 1.05 10.45
N ALA F 45 21.55 2.13 11.08
CA ALA F 45 20.92 2.64 12.27
C ALA F 45 19.63 3.39 11.93
N ILE F 46 19.68 4.24 10.91
CA ILE F 46 18.53 5.09 10.63
C ILE F 46 17.52 4.35 9.76
N GLY F 47 17.97 3.74 8.67
CA GLY F 47 17.05 3.12 7.73
C GLY F 47 16.37 1.87 8.23
N PHE F 48 16.81 1.32 9.36
CA PHE F 48 16.09 0.19 9.93
C PHE F 48 14.76 0.61 10.54
N ARG F 49 14.66 1.87 10.98
CA ARG F 49 13.36 2.47 11.16
C ARG F 49 12.68 2.58 9.81
N ASP F 50 11.55 1.87 9.64
CA ASP F 50 10.94 1.57 8.35
C ASP F 50 11.94 0.96 7.38
N PRO F 51 12.26 -0.33 7.52
CA PRO F 51 13.15 -0.98 6.55
C PRO F 51 12.55 -1.12 5.17
N ALA F 52 11.24 -0.95 5.03
CA ALA F 52 10.61 -0.81 3.72
C ALA F 52 10.53 0.67 3.31
N LYS F 53 11.66 1.36 3.48
CA LYS F 53 11.95 2.60 2.79
C LYS F 53 13.23 2.55 2.00
N ARG F 54 14.10 1.59 2.30
CA ARG F 54 15.31 1.27 1.52
C ARG F 54 16.27 2.46 1.48
N LEU F 55 16.62 2.93 2.68
CA LEU F 55 17.62 3.98 2.79
C LEU F 55 18.99 3.42 2.44
N SER F 56 19.63 4.04 1.45
CA SER F 56 20.89 3.53 0.92
C SER F 56 21.78 4.70 0.57
N ALA F 57 22.91 4.81 1.25
CA ALA F 57 23.88 5.85 0.96
C ALA F 57 24.91 5.31 0.00
N ILE F 58 25.40 6.18 -0.87
CA ILE F 58 26.51 5.87 -1.77
C ILE F 58 27.60 6.89 -1.48
N THR F 59 28.60 6.48 -0.72
CA THR F 59 29.75 7.33 -0.44
C THR F 59 30.66 7.33 -1.65
N SER F 60 31.08 8.52 -2.06
CA SER F 60 31.99 8.67 -3.18
C SER F 60 33.10 9.64 -2.81
N ILE F 61 34.28 9.40 -3.35
CA ILE F 61 35.48 10.15 -2.99
C ILE F 61 36.16 10.61 -4.26
N GLY F 62 36.46 11.91 -4.34
CA GLY F 62 37.15 12.47 -5.48
C GLY F 62 38.65 12.22 -5.43
N SER F 63 39.37 12.93 -6.30
CA SER F 63 40.80 12.72 -6.43
C SER F 63 41.57 13.39 -5.29
N ASP F 64 41.24 14.65 -4.98
CA ASP F 64 41.90 15.37 -3.90
C ASP F 64 41.68 14.71 -2.55
N ALA F 65 40.46 14.27 -2.29
CA ALA F 65 40.20 13.55 -1.05
C ALA F 65 40.86 12.17 -1.04
N TRP F 66 41.17 11.61 -2.20
CA TRP F 66 41.91 10.35 -2.21
C TRP F 66 43.38 10.58 -1.87
N ASP F 67 43.99 11.60 -2.45
CA ASP F 67 45.39 11.88 -2.13
C ASP F 67 45.55 12.42 -0.71
N ARG F 68 44.51 13.04 -0.17
CA ARG F 68 44.61 13.49 1.22
C ARG F 68 44.31 12.35 2.18
N LEU F 69 43.17 11.67 2.01
CA LEU F 69 42.65 10.75 3.00
C LEU F 69 43.33 9.39 2.98
N PHE F 70 43.65 8.85 1.82
CA PHE F 70 44.06 7.45 1.71
C PHE F 70 45.50 7.33 1.25
N SER F 71 46.21 6.36 1.83
CA SER F 71 47.54 5.99 1.41
C SER F 71 47.47 4.72 0.57
N GLY F 72 48.62 4.17 0.23
CA GLY F 72 48.68 2.96 -0.54
C GLY F 72 48.40 3.20 -2.00
N PRO F 73 47.50 2.41 -2.58
CA PRO F 73 47.25 2.48 -4.02
C PRO F 73 46.34 3.66 -4.35
N ARG F 74 45.99 3.75 -5.64
CA ARG F 74 45.10 4.76 -6.17
C ARG F 74 44.28 4.10 -7.27
N PRO F 75 43.01 4.46 -7.42
CA PRO F 75 42.26 3.99 -8.58
C PRO F 75 42.86 4.50 -9.88
N ALA F 76 42.83 3.65 -10.90
CA ALA F 76 43.67 3.85 -12.08
C ALA F 76 43.24 5.06 -12.88
N GLU F 77 41.94 5.26 -13.04
CA GLU F 77 41.45 6.36 -13.85
C GLU F 77 40.86 7.48 -13.01
N LEU F 78 41.08 7.48 -11.70
CA LEU F 78 40.56 8.54 -10.86
C LEU F 78 41.36 9.81 -11.08
N HIS F 79 40.69 10.85 -11.56
CA HIS F 79 41.32 12.13 -11.84
C HIS F 79 40.27 13.22 -11.62
N PRO F 80 40.69 14.48 -11.50
CA PRO F 80 39.70 15.57 -11.46
C PRO F 80 38.89 15.62 -12.74
N PHE F 81 37.64 16.05 -12.60
CA PHE F 81 36.69 16.03 -13.71
C PHE F 81 37.12 17.02 -14.79
N ARG F 82 37.44 16.49 -15.96
CA ARG F 82 37.94 17.30 -17.07
C ARG F 82 36.84 18.24 -17.55
N GLU F 83 37.06 19.53 -17.36
CA GLU F 83 36.09 20.54 -17.78
C GLU F 83 36.03 20.59 -19.30
N ILE F 84 34.85 20.35 -19.84
CA ILE F 84 34.66 20.22 -21.28
C ILE F 84 34.21 21.56 -21.82
N ASP F 85 35.16 22.31 -22.39
CA ASP F 85 34.89 23.60 -23.01
C ASP F 85 34.65 23.36 -24.49
N GLY F 86 33.41 23.05 -24.84
CA GLY F 86 33.06 22.72 -26.21
C GLY F 86 32.96 23.94 -27.10
N GLY F 87 32.23 23.77 -28.20
CA GLY F 87 32.06 24.87 -29.13
C GLY F 87 31.14 25.95 -28.58
N ARG F 88 30.02 25.55 -28.01
CA ARG F 88 29.06 26.49 -27.44
C ARG F 88 28.74 26.21 -25.98
N HIS F 89 28.60 24.95 -25.60
CA HIS F 89 28.23 24.57 -24.25
C HIS F 89 29.47 24.14 -23.48
N HIS F 90 29.60 24.61 -22.25
CA HIS F 90 30.73 24.32 -21.40
C HIS F 90 30.26 23.49 -20.20
N ALA F 91 31.05 22.48 -19.85
CA ALA F 91 30.73 21.61 -18.73
C ALA F 91 31.71 21.90 -17.59
N PRO F 92 31.36 22.75 -16.64
CA PRO F 92 32.32 23.17 -15.62
C PRO F 92 32.55 22.08 -14.57
N ALA F 93 33.52 22.33 -13.70
CA ALA F 93 33.93 21.39 -12.66
C ALA F 93 34.23 22.18 -11.38
N THR F 94 33.24 22.28 -10.50
CA THR F 94 33.48 22.91 -9.21
C THR F 94 34.27 21.97 -8.31
N PRO F 95 35.08 22.50 -7.40
CA PRO F 95 35.76 21.63 -6.44
C PRO F 95 34.79 20.98 -5.48
N GLY F 96 34.87 19.65 -5.42
CA GLY F 96 34.12 18.88 -4.45
C GLY F 96 34.89 17.63 -4.08
N ASP F 97 35.15 17.44 -2.79
CA ASP F 97 36.01 16.34 -2.38
C ASP F 97 35.25 15.02 -2.35
N LEU F 98 34.16 14.96 -1.60
CA LEU F 98 33.39 13.75 -1.45
C LEU F 98 31.94 13.98 -1.86
N LEU F 99 31.31 12.91 -2.34
CA LEU F 99 29.91 12.94 -2.72
C LEU F 99 29.13 11.98 -1.85
N PHE F 100 28.07 12.48 -1.23
CA PHE F 100 27.12 11.67 -0.49
C PHE F 100 25.86 11.54 -1.35
N HIS F 101 25.60 10.34 -1.86
CA HIS F 101 24.40 10.07 -2.64
C HIS F 101 23.45 9.27 -1.76
N LEU F 102 22.33 9.86 -1.40
CA LEU F 102 21.35 9.25 -0.52
C LEU F 102 20.05 9.02 -1.29
N ARG F 103 19.41 7.89 -1.02
CA ARG F 103 18.20 7.52 -1.75
C ARG F 103 17.33 6.67 -0.85
N ALA F 104 16.04 7.02 -0.79
CA ALA F 104 15.06 6.20 -0.09
C ALA F 104 13.66 6.56 -0.57
N GLU F 105 12.67 5.85 -0.02
CA GLU F 105 11.28 5.99 -0.42
C GLU F 105 10.66 7.32 -0.02
N SER F 106 11.24 8.03 0.94
CA SER F 106 10.70 9.29 1.40
C SER F 106 11.83 10.28 1.65
N MET F 107 11.47 11.54 1.79
CA MET F 107 12.45 12.61 1.93
C MET F 107 13.07 12.66 3.33
N ASP F 108 12.30 12.27 4.35
CA ASP F 108 12.69 12.54 5.74
C ASP F 108 13.87 11.69 6.18
N VAL F 109 13.90 10.43 5.78
CA VAL F 109 14.98 9.56 6.23
C VAL F 109 16.28 9.89 5.50
N CYS F 110 16.20 10.36 4.26
CA CYS F 110 17.38 10.90 3.59
C CYS F 110 17.86 12.17 4.26
N PHE F 111 16.93 13.03 4.67
CA PHE F 111 17.26 14.27 5.37
C PHE F 111 17.92 13.97 6.71
N GLU F 112 17.44 12.96 7.43
CA GLU F 112 18.00 12.64 8.73
C GLU F 112 19.36 11.96 8.61
N LEU F 113 19.54 11.10 7.59
CA LEU F 113 20.86 10.55 7.34
C LEU F 113 21.85 11.63 6.96
N ALA F 114 21.43 12.62 6.16
CA ALA F 114 22.33 13.72 5.85
C ALA F 114 22.57 14.62 7.04
N THR F 115 21.60 14.75 7.93
CA THR F 115 21.77 15.52 9.15
C THR F 115 22.82 14.87 10.06
N LYS F 116 22.75 13.56 10.19
CA LYS F 116 23.75 12.83 10.96
C LYS F 116 25.07 12.68 10.23
N LEU F 117 25.12 12.92 8.92
CA LEU F 117 26.37 12.71 8.19
C LEU F 117 27.35 13.86 8.39
N VAL F 118 26.89 15.10 8.28
CA VAL F 118 27.82 16.22 8.41
C VAL F 118 28.14 16.49 9.87
N GLU F 119 27.27 16.07 10.78
CA GLU F 119 27.51 16.30 12.20
C GLU F 119 28.14 15.09 12.87
N ALA F 120 28.54 14.10 12.09
CA ALA F 120 29.54 13.13 12.51
C ALA F 120 30.95 13.61 12.20
N MET F 121 31.08 14.62 11.35
CA MET F 121 32.35 15.24 10.99
C MET F 121 32.22 16.75 11.05
N SER F 122 31.65 17.24 12.16
CA SER F 122 31.26 18.64 12.32
C SER F 122 32.46 19.59 12.30
N GLY F 123 32.43 20.55 11.39
CA GLY F 123 33.50 21.50 11.23
C GLY F 123 34.56 21.08 10.24
N ALA F 124 34.55 19.81 9.82
CA ALA F 124 35.54 19.32 8.89
C ALA F 124 35.19 19.61 7.44
N ILE F 125 33.92 19.84 7.12
CA ILE F 125 33.48 19.99 5.74
C ILE F 125 32.59 21.23 5.61
N THR F 126 32.57 21.77 4.39
CA THR F 126 31.55 22.71 3.96
C THR F 126 30.79 22.08 2.81
N ILE F 127 29.47 22.08 2.89
CA ILE F 127 28.62 21.48 1.88
C ILE F 127 28.52 22.45 0.71
N VAL F 128 29.13 22.10 -0.40
CA VAL F 128 29.14 23.00 -1.54
C VAL F 128 27.81 22.94 -2.29
N ASP F 129 27.27 21.73 -2.46
CA ASP F 129 26.09 21.59 -3.30
C ASP F 129 25.04 20.81 -2.50
N GLU F 130 23.83 21.37 -2.44
CA GLU F 130 22.72 20.88 -1.63
C GLU F 130 21.49 20.83 -2.52
N THR F 131 21.14 19.64 -2.98
CA THR F 131 19.93 19.43 -3.77
C THR F 131 19.09 18.35 -3.12
N HIS F 132 17.78 18.56 -3.12
CA HIS F 132 16.82 17.57 -2.64
C HIS F 132 16.06 17.06 -3.87
N GLY F 133 16.59 16.01 -4.47
CA GLY F 133 15.99 15.47 -5.67
C GLY F 133 14.74 14.67 -5.39
N PHE F 134 13.60 15.17 -5.84
CA PHE F 134 12.35 14.45 -5.81
C PHE F 134 12.15 13.74 -7.14
N ARG F 135 10.99 13.12 -7.33
CA ARG F 135 10.76 12.26 -8.46
C ARG F 135 9.36 12.51 -9.02
N PHE F 136 9.26 12.62 -10.35
CA PHE F 136 8.01 12.99 -11.02
C PHE F 136 7.06 11.80 -11.10
N PHE F 137 6.02 11.92 -11.92
CA PHE F 137 4.89 11.00 -11.89
C PHE F 137 5.27 9.56 -12.23
N ASP F 138 5.54 9.28 -13.50
CA ASP F 138 6.10 7.99 -13.88
C ASP F 138 7.57 8.11 -14.24
N ASN F 139 8.37 8.42 -13.21
CA ASN F 139 9.83 8.56 -13.29
C ASN F 139 10.26 9.63 -14.29
N ARG F 140 9.42 10.64 -14.52
CA ARG F 140 9.78 11.64 -15.49
C ARG F 140 10.78 12.63 -14.91
N ASP F 141 11.25 13.50 -15.77
CA ASP F 141 12.04 14.65 -15.36
C ASP F 141 11.24 15.91 -15.66
N LEU F 142 11.87 17.07 -15.50
CA LEU F 142 11.16 18.32 -15.75
C LEU F 142 10.97 18.58 -17.23
N MET F 143 11.74 17.93 -18.10
CA MET F 143 11.50 18.05 -19.53
C MET F 143 10.18 17.40 -19.94
N GLY F 144 9.70 16.45 -19.14
CA GLY F 144 8.46 15.75 -19.42
C GLY F 144 8.66 14.35 -19.93
N PHE F 145 9.89 13.96 -20.23
CA PHE F 145 10.16 12.64 -20.75
C PHE F 145 10.49 11.71 -19.59
N VAL F 146 10.18 10.44 -19.77
CA VAL F 146 10.49 9.45 -18.75
C VAL F 146 11.99 9.24 -18.72
N ASP F 147 12.59 9.33 -17.53
CA ASP F 147 14.03 9.46 -17.38
C ASP F 147 14.65 8.18 -16.82
N GLY F 148 15.63 7.66 -17.54
CA GLY F 148 16.41 6.54 -17.03
C GLY F 148 15.84 5.18 -17.34
N THR F 149 15.16 5.02 -18.46
CA THR F 149 14.51 3.76 -18.77
C THR F 149 15.44 2.76 -19.44
N GLU F 150 16.69 3.12 -19.70
CA GLU F 150 17.61 2.22 -20.37
C GLU F 150 18.77 1.80 -19.48
N ASN F 151 18.57 1.84 -18.16
CA ASN F 151 19.54 1.27 -17.26
C ASN F 151 19.48 -0.25 -17.37
N PRO F 152 20.63 -0.92 -17.44
CA PRO F 152 20.63 -2.39 -17.53
C PRO F 152 20.34 -3.04 -16.18
N ASP F 153 20.19 -4.36 -16.23
CA ASP F 153 19.89 -5.15 -15.03
C ASP F 153 20.66 -6.46 -15.06
N GLY F 154 21.03 -6.93 -13.88
CA GLY F 154 21.66 -8.23 -13.79
C GLY F 154 23.11 -8.17 -14.23
N ASN F 155 23.48 -9.12 -15.10
CA ASN F 155 24.86 -9.29 -15.53
C ASN F 155 25.34 -8.09 -16.35
N LEU F 156 24.50 -7.61 -17.26
CA LEU F 156 24.79 -6.42 -18.07
C LEU F 156 24.83 -5.14 -17.26
N ALA F 157 24.47 -5.18 -15.98
CA ALA F 157 24.63 -4.05 -15.08
C ALA F 157 25.83 -4.19 -14.17
N VAL F 158 26.11 -5.40 -13.65
CA VAL F 158 27.23 -5.55 -12.74
C VAL F 158 28.55 -5.46 -13.49
N VAL F 159 28.61 -5.97 -14.73
CA VAL F 159 29.80 -5.71 -15.53
C VAL F 159 29.80 -4.32 -16.13
N ALA F 160 28.67 -3.61 -16.10
CA ALA F 160 28.68 -2.21 -16.51
C ALA F 160 29.19 -1.29 -15.43
N THR F 161 29.02 -1.64 -14.16
CA THR F 161 29.39 -0.76 -13.06
C THR F 161 30.55 -1.27 -12.23
N GLN F 162 30.51 -2.53 -11.79
CA GLN F 162 31.47 -3.02 -10.82
C GLN F 162 32.78 -3.39 -11.49
N ILE F 163 33.88 -2.93 -10.90
CA ILE F 163 35.21 -3.23 -11.40
C ILE F 163 35.58 -4.65 -11.01
N GLY F 164 36.01 -5.45 -11.99
CA GLY F 164 36.52 -6.78 -11.72
C GLY F 164 37.96 -6.75 -11.26
N ASP F 165 38.80 -7.61 -11.80
CA ASP F 165 40.22 -7.59 -11.47
C ASP F 165 41.07 -6.97 -12.57
N GLU F 166 40.48 -6.10 -13.38
CA GLU F 166 41.29 -5.19 -14.20
C GLU F 166 41.96 -4.13 -13.34
N ASP F 167 41.39 -3.84 -12.18
CA ASP F 167 42.10 -3.18 -11.08
C ASP F 167 41.80 -3.97 -9.83
N PRO F 168 42.65 -4.95 -9.49
CA PRO F 168 42.30 -5.89 -8.41
C PRO F 168 42.38 -5.30 -7.02
N ASP F 169 43.02 -4.14 -6.84
CA ASP F 169 43.04 -3.52 -5.53
C ASP F 169 41.73 -2.82 -5.22
N PHE F 170 40.89 -2.60 -6.24
CA PHE F 170 39.59 -2.00 -6.04
C PHE F 170 38.53 -2.81 -6.78
N ALA F 171 38.55 -4.13 -6.58
CA ALA F 171 37.53 -5.00 -7.16
C ALA F 171 36.17 -4.68 -6.55
N GLY F 172 35.25 -4.25 -7.40
CA GLY F 172 33.99 -3.70 -6.91
C GLY F 172 34.16 -2.21 -6.66
N GLY F 173 33.29 -1.40 -7.24
CA GLY F 173 33.45 0.03 -7.15
C GLY F 173 33.28 0.71 -8.49
N CYS F 174 32.80 1.94 -8.49
CA CYS F 174 32.38 2.61 -9.70
C CYS F 174 33.07 3.96 -9.81
N TYR F 175 32.70 4.70 -10.84
CA TYR F 175 33.10 6.09 -10.97
C TYR F 175 31.86 6.93 -11.27
N VAL F 176 31.81 8.10 -10.67
CA VAL F 176 30.60 8.91 -10.62
C VAL F 176 30.86 10.20 -11.37
N HIS F 177 29.89 10.61 -12.19
CA HIS F 177 29.92 11.91 -12.84
C HIS F 177 28.64 12.63 -12.47
N VAL F 178 28.73 13.55 -11.51
CA VAL F 178 27.59 14.41 -11.20
C VAL F 178 27.63 15.62 -12.11
N GLN F 179 26.45 16.08 -12.52
CA GLN F 179 26.31 17.27 -13.35
C GLN F 179 24.95 17.88 -13.04
N LYS F 180 24.95 18.95 -12.25
CA LYS F 180 23.72 19.62 -11.86
C LYS F 180 23.29 20.54 -12.99
N TYR F 181 22.27 20.15 -13.74
CA TYR F 181 21.79 21.00 -14.82
C TYR F 181 20.72 21.94 -14.30
N LEU F 182 20.51 23.03 -15.03
CA LEU F 182 19.53 24.04 -14.67
C LEU F 182 18.76 24.51 -15.90
N HIS F 183 18.22 23.56 -16.65
CA HIS F 183 17.62 23.86 -17.95
C HIS F 183 16.39 24.75 -17.83
N ASP F 184 16.29 25.70 -18.75
CA ASP F 184 15.16 26.62 -18.75
C ASP F 184 13.91 25.94 -19.29
N MET F 185 12.76 26.37 -18.80
CA MET F 185 11.49 25.86 -19.27
C MET F 185 10.75 26.83 -20.17
N ALA F 186 11.23 28.06 -20.30
CA ALA F 186 10.51 29.05 -21.11
C ALA F 186 10.60 28.71 -22.59
N SER F 187 11.79 28.32 -23.06
CA SER F 187 11.95 27.90 -24.44
C SER F 187 11.50 26.47 -24.66
N TRP F 188 11.64 25.61 -23.65
CA TRP F 188 11.25 24.22 -23.80
C TRP F 188 9.74 24.05 -23.86
N ASN F 189 9.00 24.83 -23.08
CA ASN F 189 7.54 24.71 -23.10
C ASN F 189 6.93 25.28 -24.37
N SER F 190 7.51 26.35 -24.92
CA SER F 190 7.03 26.91 -26.18
C SER F 190 7.40 26.04 -27.36
N LEU F 191 8.39 25.16 -27.16
CA LEU F 191 8.79 24.22 -28.18
C LEU F 191 7.68 23.18 -28.28
N SER F 192 7.43 22.70 -29.49
CA SER F 192 6.38 21.72 -29.72
C SER F 192 6.89 20.32 -29.40
N VAL F 193 5.95 19.41 -29.21
CA VAL F 193 6.27 18.04 -28.81
C VAL F 193 7.18 17.26 -29.75
N GLU F 194 6.83 17.28 -31.04
CA GLU F 194 7.59 16.54 -32.03
C GLU F 194 9.04 17.02 -32.09
N GLU F 195 9.22 18.32 -31.88
CA GLU F 195 10.53 18.94 -31.91
C GLU F 195 11.30 18.38 -30.71
N GLN F 196 10.60 18.23 -29.58
CA GLN F 196 11.21 17.69 -28.37
C GLN F 196 11.53 16.20 -28.53
N GLU F 197 10.79 15.50 -29.39
CA GLU F 197 11.13 14.11 -29.65
C GLU F 197 12.30 14.01 -30.61
N ARG F 198 12.58 15.12 -31.29
CA ARG F 198 13.74 15.22 -32.15
C ARG F 198 14.92 15.43 -31.19
N VAL F 199 14.67 16.18 -30.12
CA VAL F 199 15.69 16.44 -29.10
C VAL F 199 16.07 15.15 -28.38
N ILE F 200 15.07 14.45 -27.84
CA ILE F 200 15.36 13.30 -26.99
C ILE F 200 15.77 12.10 -27.83
N GLY F 201 14.94 11.74 -28.80
CA GLY F 201 15.13 10.54 -29.58
C GLY F 201 14.11 9.46 -29.28
N ARG F 202 13.30 9.63 -28.24
CA ARG F 202 12.21 8.74 -27.91
C ARG F 202 10.93 9.57 -27.82
N THR F 203 9.79 8.91 -27.68
CA THR F 203 8.55 9.64 -27.57
C THR F 203 8.40 10.22 -26.16
N LYS F 204 7.36 11.03 -25.97
CA LYS F 204 7.19 11.71 -24.70
C LYS F 204 6.19 11.04 -23.79
N LEU F 205 5.03 10.66 -24.31
CA LEU F 205 3.98 10.11 -23.46
C LEU F 205 4.27 8.66 -23.09
N ASP F 206 4.58 7.83 -24.08
CA ASP F 206 4.76 6.40 -23.86
C ASP F 206 6.21 5.94 -23.89
N ASP F 207 7.15 6.83 -24.26
CA ASP F 207 8.60 6.60 -24.23
C ASP F 207 9.01 5.43 -25.12
N ILE F 208 8.33 5.27 -26.25
CA ILE F 208 8.80 4.35 -27.27
C ILE F 208 10.01 4.98 -27.93
N GLU F 209 11.06 4.20 -28.13
CA GLU F 209 12.19 4.68 -28.90
C GLU F 209 11.79 4.85 -30.36
N LEU F 210 12.29 5.92 -30.98
CA LEU F 210 11.92 6.21 -32.35
C LEU F 210 12.60 5.25 -33.32
N ASP F 211 12.15 5.29 -34.57
CA ASP F 211 12.76 4.48 -35.60
C ASP F 211 14.18 4.97 -35.88
N ASP F 212 15.04 4.04 -36.29
CA ASP F 212 16.46 4.36 -36.48
C ASP F 212 16.69 5.36 -37.62
N ASP F 213 15.85 5.32 -38.65
CA ASP F 213 15.98 6.33 -39.68
C ASP F 213 15.26 7.62 -39.28
N VAL F 214 14.19 7.54 -38.50
CA VAL F 214 13.44 8.72 -38.09
C VAL F 214 14.22 9.51 -37.02
N LYS F 215 14.96 8.82 -36.17
CA LYS F 215 15.72 9.45 -35.09
C LYS F 215 16.89 10.25 -35.66
N PRO F 216 16.99 11.55 -35.38
CA PRO F 216 18.10 12.34 -35.92
C PRO F 216 19.42 11.99 -35.26
N ALA F 217 20.51 12.41 -35.89
CA ALA F 217 21.83 12.04 -35.44
C ALA F 217 22.26 12.82 -34.21
N ASN F 218 21.70 14.01 -34.00
CA ASN F 218 22.09 14.85 -32.88
C ASN F 218 21.13 14.70 -31.70
N SER F 219 20.31 13.66 -31.69
CA SER F 219 19.43 13.40 -30.56
C SER F 219 20.23 12.87 -29.38
N HIS F 220 19.60 12.95 -28.20
CA HIS F 220 20.25 12.53 -26.98
C HIS F 220 20.47 11.02 -26.94
N VAL F 221 19.40 10.26 -27.21
CA VAL F 221 19.50 8.81 -27.27
C VAL F 221 20.32 8.34 -28.47
N ALA F 222 20.50 9.20 -29.49
CA ALA F 222 21.35 8.86 -30.61
C ALA F 222 22.83 9.05 -30.28
N LEU F 223 23.16 10.09 -29.52
CA LEU F 223 24.55 10.39 -29.24
C LEU F 223 25.08 9.63 -28.03
N ASN F 224 24.22 9.27 -27.09
CA ASN F 224 24.71 8.70 -25.85
C ASN F 224 24.95 7.20 -25.90
N VAL F 225 24.35 6.47 -26.85
CA VAL F 225 24.68 5.07 -27.00
C VAL F 225 26.05 4.95 -27.64
N ILE F 226 26.92 4.13 -27.05
CA ILE F 226 28.30 4.01 -27.47
C ILE F 226 28.54 2.60 -27.96
N GLU F 227 28.97 2.47 -29.21
CA GLU F 227 29.37 1.19 -29.75
C GLU F 227 30.88 1.02 -29.62
N ASP F 228 31.31 -0.19 -29.30
CA ASP F 228 32.73 -0.51 -29.31
C ASP F 228 33.11 -1.08 -30.67
N GLU F 229 34.38 -1.47 -30.81
CA GLU F 229 34.82 -2.02 -32.08
C GLU F 229 34.55 -3.52 -32.17
N ASP F 230 34.45 -4.21 -31.03
CA ASP F 230 34.01 -5.61 -31.06
C ASP F 230 32.53 -5.77 -31.33
N GLY F 231 31.73 -4.74 -31.11
CA GLY F 231 30.31 -4.81 -31.34
C GLY F 231 29.45 -4.69 -30.10
N ASN F 232 30.03 -4.89 -28.92
CA ASN F 232 29.26 -4.70 -27.71
C ASN F 232 29.08 -3.21 -27.44
N GLU F 233 28.02 -2.88 -26.71
CA GLU F 233 27.76 -1.51 -26.33
C GLU F 233 28.06 -1.34 -24.85
N LEU F 234 28.62 -0.20 -24.49
CA LEU F 234 28.96 0.10 -23.11
C LEU F 234 27.85 0.95 -22.51
N LYS F 235 27.27 0.47 -21.41
CA LYS F 235 26.18 1.15 -20.75
C LYS F 235 26.62 1.60 -19.36
N ILE F 236 26.01 2.69 -18.90
CA ILE F 236 26.20 3.17 -17.55
C ILE F 236 24.85 3.13 -16.85
N ILE F 237 24.87 3.25 -15.53
CA ILE F 237 23.66 3.35 -14.73
C ILE F 237 23.59 4.74 -14.14
N ARG F 238 22.49 5.45 -14.40
CA ARG F 238 22.31 6.81 -13.96
C ARG F 238 21.04 6.93 -13.12
N HIS F 239 21.17 7.51 -11.94
CA HIS F 239 20.01 7.82 -11.10
C HIS F 239 19.66 9.31 -11.18
N ASN F 240 19.27 9.76 -12.37
CA ASN F 240 18.97 11.18 -12.56
C ASN F 240 17.67 11.55 -11.88
N MET F 241 17.75 12.44 -10.89
CA MET F 241 16.60 12.87 -10.13
C MET F 241 16.38 14.35 -10.37
N PRO F 242 15.17 14.77 -10.72
CA PRO F 242 14.90 16.20 -10.86
C PRO F 242 14.83 16.90 -9.51
N PHE F 243 15.26 18.16 -9.51
CA PHE F 243 15.17 19.05 -8.37
C PHE F 243 14.61 20.37 -8.87
N GLY F 244 14.51 21.35 -8.00
CA GLY F 244 14.18 22.67 -8.49
C GLY F 244 13.64 23.56 -7.42
N GLU F 245 13.75 24.86 -7.67
CA GLU F 245 13.22 25.89 -6.79
C GLU F 245 12.48 26.90 -7.63
N ILE F 246 11.16 27.00 -7.42
CA ILE F 246 10.34 27.91 -8.22
C ILE F 246 10.53 29.35 -7.76
N GLY F 247 10.99 29.54 -6.52
CA GLY F 247 11.27 30.89 -6.03
C GLY F 247 12.39 31.58 -6.77
N LYS F 248 13.32 30.80 -7.31
CA LYS F 248 14.28 31.31 -8.27
C LYS F 248 13.91 30.95 -9.70
N GLY F 249 12.82 30.22 -9.90
CA GLY F 249 12.47 29.74 -11.23
C GLY F 249 13.37 28.64 -11.74
N GLU F 250 14.03 27.91 -10.86
CA GLU F 250 14.96 26.85 -11.25
C GLU F 250 14.21 25.56 -11.49
N PHE F 251 14.54 24.90 -12.60
CA PHE F 251 13.98 23.59 -12.93
C PHE F 251 15.12 22.76 -13.49
N GLY F 252 15.75 21.94 -12.65
CA GLY F 252 16.94 21.23 -13.05
C GLY F 252 16.83 19.74 -12.79
N THR F 253 17.66 18.98 -13.51
CA THR F 253 17.74 17.54 -13.36
C THR F 253 19.15 17.19 -12.94
N TYR F 254 19.30 16.70 -11.72
CA TYR F 254 20.61 16.37 -11.19
C TYR F 254 21.08 15.07 -11.82
N TYR F 255 21.88 15.18 -12.88
CA TYR F 255 22.44 14.00 -13.52
C TYR F 255 23.52 13.41 -12.65
N ILE F 256 23.52 12.09 -12.48
CA ILE F 256 24.57 11.40 -11.78
C ILE F 256 24.76 10.01 -12.39
N GLY F 257 25.96 9.77 -12.94
CA GLY F 257 26.17 8.55 -13.68
C GLY F 257 27.25 7.65 -13.12
N TYR F 258 26.90 6.40 -12.84
CA TYR F 258 27.83 5.42 -12.29
C TYR F 258 28.33 4.54 -13.42
N SER F 259 29.63 4.28 -13.43
CA SER F 259 30.23 3.53 -14.52
C SER F 259 31.46 2.79 -14.03
N ARG F 260 31.83 1.76 -14.79
CA ARG F 260 33.01 0.96 -14.46
C ARG F 260 34.29 1.75 -14.67
N THR F 261 34.31 2.59 -15.71
CA THR F 261 35.46 3.43 -16.02
C THR F 261 34.97 4.78 -16.51
N PRO F 262 35.64 5.87 -16.10
CA PRO F 262 35.21 7.21 -16.52
C PRO F 262 35.47 7.52 -17.98
N SER F 263 36.18 6.66 -18.71
CA SER F 263 36.34 6.83 -20.15
C SER F 263 35.01 6.70 -20.87
N VAL F 264 34.11 5.85 -20.38
CA VAL F 264 32.82 5.65 -21.02
C VAL F 264 31.94 6.88 -20.83
N THR F 265 31.82 7.34 -19.58
CA THR F 265 31.06 8.55 -19.28
C THR F 265 31.66 9.77 -19.94
N GLU F 266 32.98 9.84 -20.02
CA GLU F 266 33.62 10.98 -20.66
C GLU F 266 33.45 10.93 -22.17
N ARG F 267 33.37 9.75 -22.76
CA ARG F 267 33.06 9.68 -24.18
C ARG F 267 31.62 10.02 -24.45
N MET F 268 30.71 9.72 -23.51
CA MET F 268 29.33 10.19 -23.63
C MET F 268 29.26 11.71 -23.53
N LEU F 269 30.02 12.29 -22.61
CA LEU F 269 30.06 13.74 -22.50
C LEU F 269 30.75 14.39 -23.69
N ASP F 270 31.68 13.67 -24.33
CA ASP F 270 32.28 14.16 -25.56
C ASP F 270 31.32 14.05 -26.73
N ASN F 271 30.45 13.05 -26.72
CA ASN F 271 29.39 12.95 -27.71
C ASN F 271 28.30 13.99 -27.49
N MET F 272 28.19 14.53 -26.27
CA MET F 272 27.22 15.57 -26.00
C MET F 272 27.77 16.98 -26.24
N PHE F 273 28.81 17.36 -25.52
CA PHE F 273 29.32 18.74 -25.58
C PHE F 273 30.19 18.96 -26.80
N ILE F 274 31.29 18.21 -26.90
CA ILE F 274 32.12 18.24 -28.11
C ILE F 274 31.33 17.69 -29.28
N GLY F 275 30.49 16.70 -29.04
CA GLY F 275 29.64 16.16 -30.06
C GLY F 275 30.38 15.20 -30.98
N ASP F 276 29.60 14.63 -31.90
CA ASP F 276 30.20 13.88 -32.99
C ASP F 276 30.93 14.83 -33.93
N PRO F 277 31.90 14.33 -34.69
CA PRO F 277 32.46 15.16 -35.76
C PRO F 277 31.43 15.50 -36.83
N PRO F 278 30.42 14.60 -37.15
CA PRO F 278 29.25 15.15 -37.86
C PRO F 278 28.38 16.08 -37.01
N GLY F 279 27.87 15.59 -35.88
CA GLY F 279 27.00 16.39 -35.05
C GLY F 279 27.68 16.90 -33.80
N ASN F 280 28.10 18.16 -33.80
CA ASN F 280 29.00 18.65 -32.76
C ASN F 280 28.27 19.13 -31.53
N THR F 281 26.95 19.10 -31.55
CA THR F 281 26.15 19.57 -30.43
C THR F 281 25.06 18.54 -30.15
N ASP F 282 24.80 18.28 -28.88
CA ASP F 282 23.64 17.48 -28.49
C ASP F 282 22.44 18.40 -28.29
N ARG F 283 21.28 17.94 -28.75
CA ARG F 283 20.12 18.80 -28.85
C ARG F 283 19.54 19.16 -27.48
N ILE F 284 19.81 18.35 -26.46
CA ILE F 284 19.34 18.70 -25.12
C ILE F 284 20.22 19.77 -24.49
N LEU F 285 21.44 19.96 -24.99
CA LEU F 285 22.32 20.98 -24.46
C LEU F 285 21.98 22.37 -24.98
N ASP F 286 21.12 22.45 -26.01
CA ASP F 286 20.51 23.72 -26.38
C ASP F 286 19.64 24.28 -25.26
N PHE F 287 19.11 23.42 -24.39
CA PHE F 287 18.26 23.84 -23.31
C PHE F 287 18.88 23.63 -21.94
N SER F 288 19.75 22.65 -21.79
CA SER F 288 20.36 22.32 -20.50
C SER F 288 21.77 22.88 -20.44
N THR F 289 22.01 23.70 -19.43
CA THR F 289 23.33 24.23 -19.14
C THR F 289 23.81 23.63 -17.84
N ALA F 290 24.96 22.98 -17.86
CA ALA F 290 25.51 22.40 -16.64
C ALA F 290 26.03 23.49 -15.72
N ILE F 291 25.77 23.32 -14.43
CA ILE F 291 26.19 24.28 -13.42
C ILE F 291 27.38 23.76 -12.62
N THR F 292 27.30 22.52 -12.16
CA THR F 292 28.36 21.89 -11.40
C THR F 292 28.90 20.71 -12.18
N GLY F 293 29.90 20.05 -11.60
CA GLY F 293 30.51 18.89 -12.21
C GLY F 293 31.56 18.29 -11.30
N GLY F 294 31.74 16.98 -11.37
CA GLY F 294 32.73 16.33 -10.53
C GLY F 294 32.87 14.88 -10.89
N LEU F 295 34.08 14.36 -10.75
CA LEU F 295 34.36 12.95 -10.92
C LEU F 295 34.77 12.37 -9.58
N PHE F 296 34.14 11.25 -9.21
CA PHE F 296 34.33 10.64 -7.91
C PHE F 296 34.56 9.15 -8.09
N PHE F 297 34.74 8.46 -6.96
CA PHE F 297 34.99 7.04 -6.96
C PHE F 297 34.18 6.40 -5.83
N THR F 298 33.36 5.43 -6.17
CA THR F 298 32.75 4.63 -5.12
C THR F 298 33.73 3.53 -4.70
N PRO F 299 34.03 3.40 -3.44
CA PRO F 299 34.75 2.22 -2.98
C PRO F 299 33.78 1.12 -2.62
N THR F 300 34.27 -0.01 -2.13
CA THR F 300 33.39 -0.99 -1.55
C THR F 300 32.98 -0.55 -0.14
N VAL F 301 31.94 -1.19 0.39
CA VAL F 301 31.61 -0.93 1.80
C VAL F 301 32.63 -1.58 2.70
N ASP F 302 33.30 -2.64 2.21
CA ASP F 302 34.44 -3.19 2.94
C ASP F 302 35.59 -2.20 2.98
N PHE F 303 35.74 -1.38 1.94
CA PHE F 303 36.78 -0.36 1.91
C PHE F 303 36.52 0.74 2.93
N LEU F 304 35.25 1.06 3.17
CA LEU F 304 34.95 1.96 4.27
C LEU F 304 35.07 1.27 5.61
N ASP F 305 34.78 -0.04 5.65
CA ASP F 305 34.96 -0.81 6.88
C ASP F 305 36.43 -0.97 7.22
N ASP F 306 37.26 -1.22 6.21
CA ASP F 306 38.71 -1.34 6.38
C ASP F 306 39.38 -0.31 5.48
N PRO F 307 39.47 0.94 5.95
CA PRO F 307 40.19 1.94 5.19
C PRO F 307 41.68 1.71 5.28
N PRO F 308 42.44 2.07 4.24
CA PRO F 308 43.89 2.08 4.36
C PRO F 308 44.32 3.16 5.31
N PRO F 309 45.49 3.02 5.96
CA PRO F 309 45.89 3.97 7.00
C PRO F 309 46.13 5.37 6.46
N LEU F 310 45.86 6.35 7.30
CA LEU F 310 45.92 7.75 6.90
C LEU F 310 47.36 8.19 6.68
N PRO F 311 47.73 8.66 5.48
CA PRO F 311 49.10 9.10 5.18
C PRO F 311 49.46 10.37 5.93
#